data_8VZH
#
_entry.id   8VZH
#
_cell.length_a   120.591
_cell.length_b   134.013
_cell.length_c   173.399
_cell.angle_alpha   90.000
_cell.angle_beta   90.000
_cell.angle_gamma   90.000
#
_symmetry.space_group_name_H-M   'P 21 21 21'
#
loop_
_entity.id
_entity.type
_entity.pdbx_description
1 polymer 'Oxalyl-CoA decarboxylase'
2 non-polymer "ADENOSINE-5'-DIPHOSPHATE"
3 non-polymer 'THIAMINE DIPHOSPHATE'
4 non-polymer 1,2-ETHANEDIOL
5 non-polymer GLYCEROL
6 non-polymer 'PHOSPHATE ION'
7 non-polymer 'MAGNESIUM ION'
8 non-polymer 'CHLORIDE ION'
9 water water
#
_entity_poly.entity_id   1
_entity_poly.type   'polypeptide(L)'
_entity_poly.pdbx_seq_one_letter_code
;MATITGAQIVARALKQQGVEHMFGIVGIPVIPIAAAAQREGIKFYGFHNEQSASYAAGAVGYLTGRPGVCLAVSGPGMIH
GIAGLANAWSNNWPMILIGGANDSYQNGQGAFQEAPQIESARPYVKYAARPDSIARLPFYVEQAVRTTIYGRPGAAYLDL
PGDIISGSVEEAEVTYPGRCPEPPRTLAPEENIKAALAALKTAERPLVIVGKGAAYSRAEDEVRKFVETTGLPYLASPMG
KGVIPDDHPQSIAAARSFALQNTDLVVLMGARMNWMMHFGQPPRWNEKVRVIQMDISAEEIGTNVPTEVALVGDAKAITA
QLNAELEKNPWSYPSETTWWTGLQSKIAANAATVEPMFNDDSVPMGYYRVLRDIRDLIPKDAIISNEGASTMDIGRTVLP
NFFARTRLDAATFGTMGVGAGQAIAAASVHPDRKIICVQGDSAFGFGGMEVETAARYGLNITFVIINNNGIGGGPDELDP
AHIPPGAYTPQAHYEKMADVYGGKGYFVTTPDQLKPVLEEAMAQPKPAIVNIMISNKSGRKPQEFGWLTR
;
_entity_poly.pdbx_strand_id   A,B,C,D
#
# COMPACT_ATOMS: atom_id res chain seq x y z
N MET A 1 14.57 40.33 11.12
CA MET A 1 15.60 39.38 11.51
C MET A 1 15.87 38.35 10.42
N ALA A 2 16.92 37.57 10.61
CA ALA A 2 17.40 36.67 9.56
C ALA A 2 16.44 35.52 9.34
N THR A 3 16.20 35.20 8.06
CA THR A 3 15.32 34.10 7.68
C THR A 3 16.12 33.08 6.88
N ILE A 4 15.46 31.94 6.62
CA ILE A 4 16.11 30.81 5.98
C ILE A 4 15.04 29.99 5.28
N THR A 5 15.38 29.42 4.13
CA THR A 5 14.43 28.63 3.35
C THR A 5 14.45 27.16 3.79
N GLY A 6 13.37 26.47 3.44
CA GLY A 6 13.35 25.03 3.67
C GLY A 6 14.53 24.32 3.03
N ALA A 7 14.86 24.68 1.79
CA ALA A 7 16.00 24.06 1.11
C ALA A 7 17.28 24.24 1.91
N GLN A 8 17.49 25.43 2.47
CA GLN A 8 18.71 25.69 3.23
C GLN A 8 18.68 24.95 4.56
N ILE A 9 17.51 24.86 5.19
CA ILE A 9 17.40 24.09 6.43
C ILE A 9 17.74 22.63 6.17
N VAL A 10 17.24 22.07 5.07
CA VAL A 10 17.48 20.66 4.77
C VAL A 10 18.95 20.41 4.49
N ALA A 11 19.60 21.30 3.74
CA ALA A 11 21.02 21.12 3.46
C ALA A 11 21.85 21.20 4.73
N ARG A 12 21.54 22.15 5.60
CA ARG A 12 22.31 22.30 6.85
C ARG A 12 22.10 21.10 7.77
N ALA A 13 20.87 20.61 7.87
CA ALA A 13 20.59 19.47 8.74
C ALA A 13 21.25 18.21 8.20
N LEU A 14 21.21 18.02 6.88
CA LEU A 14 21.87 16.86 6.28
C LEU A 14 23.36 16.88 6.57
N LYS A 15 24.00 18.04 6.41
CA LYS A 15 25.43 18.15 6.69
C LYS A 15 25.73 17.86 8.17
N GLN A 16 24.91 18.42 9.07
CA GLN A 16 25.07 18.13 10.49
C GLN A 16 24.95 16.65 10.79
N GLN A 17 24.05 15.95 10.09
CA GLN A 17 23.86 14.54 10.36
C GLN A 17 24.92 13.65 9.72
N GLY A 18 25.94 14.23 9.08
CA GLY A 18 27.02 13.45 8.52
C GLY A 18 26.84 13.04 7.08
N VAL A 19 25.84 13.58 6.37
CA VAL A 19 25.70 13.29 4.95
C VAL A 19 26.77 14.05 4.19
N GLU A 20 27.46 13.35 3.28
CA GLU A 20 28.55 13.96 2.54
C GLU A 20 28.41 13.84 1.04
N HIS A 21 27.51 13.00 0.55
CA HIS A 21 27.43 12.67 -0.86
C HIS A 21 25.96 12.69 -1.28
N MET A 22 25.66 13.48 -2.31
CA MET A 22 24.32 13.59 -2.86
C MET A 22 24.39 13.41 -4.37
N PHE A 23 23.53 12.54 -4.90
CA PHE A 23 23.49 12.22 -6.31
C PHE A 23 22.06 12.40 -6.81
N GLY A 24 21.90 13.02 -7.97
CA GLY A 24 20.56 13.18 -8.49
C GLY A 24 20.55 14.07 -9.72
N ILE A 25 19.35 14.56 -10.04
CA ILE A 25 19.14 15.40 -11.21
C ILE A 25 18.24 16.55 -10.80
N VAL A 26 18.65 17.77 -11.09
CA VAL A 26 17.91 18.93 -10.58
C VAL A 26 16.72 19.23 -11.48
N GLY A 27 15.90 20.14 -11.01
CA GLY A 27 14.61 20.43 -11.62
C GLY A 27 13.63 20.81 -10.54
N ILE A 28 12.50 21.37 -10.97
CA ILE A 28 11.46 21.77 -10.02
C ILE A 28 11.01 20.55 -9.23
N PRO A 29 10.90 20.64 -7.89
CA PRO A 29 11.19 21.81 -7.06
C PRO A 29 12.50 21.73 -6.28
N VAL A 30 13.43 20.85 -6.64
CA VAL A 30 14.59 20.57 -5.80
C VAL A 30 15.83 21.37 -6.23
N ILE A 31 15.69 22.27 -7.20
CA ILE A 31 16.84 23.08 -7.63
C ILE A 31 17.53 23.77 -6.46
N PRO A 32 16.82 24.44 -5.55
CA PRO A 32 17.52 25.10 -4.43
C PRO A 32 18.14 24.15 -3.41
N ILE A 33 17.71 22.89 -3.36
CA ILE A 33 18.31 21.94 -2.43
C ILE A 33 19.72 21.58 -2.87
N ALA A 34 19.92 21.31 -4.17
CA ALA A 34 21.26 21.04 -4.67
C ALA A 34 22.15 22.26 -4.50
N ALA A 35 21.61 23.45 -4.75
CA ALA A 35 22.40 24.67 -4.58
C ALA A 35 22.86 24.83 -3.14
N ALA A 36 21.94 24.63 -2.18
CA ALA A 36 22.30 24.77 -0.78
C ALA A 36 23.20 23.63 -0.30
N ALA A 37 23.02 22.42 -0.84
CA ALA A 37 23.91 21.32 -0.48
C ALA A 37 25.36 21.62 -0.85
N GLN A 38 25.58 22.22 -2.02
CA GLN A 38 26.94 22.58 -2.40
C GLN A 38 27.50 23.66 -1.48
N ARG A 39 26.67 24.63 -1.08
CA ARG A 39 27.17 25.66 -0.18
C ARG A 39 27.47 25.14 1.22
N GLU A 40 26.88 24.02 1.61
CA GLU A 40 27.19 23.39 2.89
C GLU A 40 28.39 22.45 2.83
N GLY A 41 28.94 22.21 1.65
CA GLY A 41 30.05 21.28 1.53
C GLY A 41 29.65 19.86 1.23
N ILE A 42 28.39 19.61 0.90
CA ILE A 42 27.99 18.30 0.42
C ILE A 42 28.40 18.18 -1.04
N LYS A 43 29.03 17.06 -1.40
CA LYS A 43 29.39 16.82 -2.78
C LYS A 43 28.14 16.43 -3.56
N PHE A 44 27.74 17.29 -4.52
CA PHE A 44 26.58 16.98 -5.37
C PHE A 44 27.04 16.54 -6.76
N TYR A 45 26.49 15.43 -7.21
CA TYR A 45 26.81 14.90 -8.54
C TYR A 45 25.52 14.87 -9.36
N GLY A 46 25.50 15.63 -10.46
CA GLY A 46 24.40 15.59 -11.40
C GLY A 46 24.52 14.42 -12.37
N PHE A 47 23.58 13.50 -12.30
CA PHE A 47 23.61 12.28 -13.09
C PHE A 47 22.82 12.46 -14.38
N HIS A 48 22.84 11.43 -15.22
CA HIS A 48 22.03 11.41 -16.41
C HIS A 48 20.70 10.70 -16.23
N ASN A 49 20.53 9.93 -15.17
CA ASN A 49 19.29 9.25 -14.86
C ASN A 49 19.24 9.04 -13.36
N GLU A 50 18.08 9.31 -12.75
CA GLU A 50 17.95 9.12 -11.29
C GLU A 50 18.08 7.67 -10.88
N GLN A 51 17.82 6.74 -11.80
CA GLN A 51 18.00 5.32 -11.51
C GLN A 51 19.43 5.04 -11.07
N SER A 52 20.41 5.48 -11.87
CA SER A 52 21.80 5.27 -11.52
C SER A 52 22.19 6.05 -10.28
N ALA A 53 21.68 7.28 -10.15
CA ALA A 53 22.02 8.11 -8.98
C ALA A 53 21.51 7.47 -7.69
N SER A 54 20.33 6.87 -7.73
CA SER A 54 19.80 6.25 -6.52
C SER A 54 20.60 5.00 -6.15
N TYR A 55 21.22 4.34 -7.13
CA TYR A 55 22.09 3.22 -6.82
C TYR A 55 23.38 3.69 -6.19
N ALA A 56 23.89 4.84 -6.63
CA ALA A 56 25.08 5.42 -6.02
C ALA A 56 24.84 5.74 -4.55
N ALA A 57 23.64 6.23 -4.21
CA ALA A 57 23.36 6.61 -2.84
C ALA A 57 23.44 5.41 -1.90
N GLY A 58 22.93 4.25 -2.32
CA GLY A 58 22.99 3.09 -1.47
C GLY A 58 24.41 2.57 -1.29
N ALA A 59 25.21 2.62 -2.37
CA ALA A 59 26.60 2.18 -2.28
C ALA A 59 27.38 3.05 -1.30
N VAL A 60 27.07 4.35 -1.24
CA VAL A 60 27.72 5.23 -0.26
C VAL A 60 27.39 4.77 1.15
N GLY A 61 26.13 4.40 1.39
CA GLY A 61 25.76 3.90 2.70
C GLY A 61 26.58 2.68 3.10
N TYR A 62 26.70 1.72 2.19
CA TYR A 62 27.51 0.54 2.47
C TYR A 62 28.96 0.91 2.75
N LEU A 63 29.53 1.81 1.95
CA LEU A 63 30.95 2.13 2.06
C LEU A 63 31.26 2.95 3.32
N THR A 64 30.30 3.72 3.84
CA THR A 64 30.61 4.70 4.87
C THR A 64 29.84 4.53 6.17
N GLY A 65 28.75 3.77 6.19
CA GLY A 65 27.94 3.69 7.39
C GLY A 65 27.06 4.89 7.65
N ARG A 66 26.98 5.82 6.71
CA ARG A 66 26.06 6.94 6.73
C ARG A 66 25.32 6.95 5.39
N PRO A 67 24.04 7.27 5.38
CA PRO A 67 23.27 7.18 4.12
C PRO A 67 23.81 8.13 3.07
N GLY A 68 23.96 7.62 1.85
CA GLY A 68 24.01 8.49 0.70
C GLY A 68 22.63 9.04 0.40
N VAL A 69 22.58 10.21 -0.24
CA VAL A 69 21.31 10.85 -0.56
C VAL A 69 21.13 10.88 -2.06
N CYS A 70 19.94 10.49 -2.51
CA CYS A 70 19.51 10.67 -3.89
C CYS A 70 18.48 11.79 -3.90
N LEU A 71 18.70 12.79 -4.76
CA LEU A 71 17.81 13.94 -4.87
C LEU A 71 17.06 13.82 -6.19
N ALA A 72 15.73 13.76 -6.12
CA ALA A 72 14.92 13.60 -7.31
C ALA A 72 13.77 14.60 -7.31
N VAL A 73 13.35 14.98 -8.52
CA VAL A 73 12.22 15.88 -8.71
C VAL A 73 10.93 15.13 -8.40
N SER A 74 9.82 15.84 -8.39
CA SER A 74 8.51 15.22 -8.18
C SER A 74 8.19 14.21 -9.28
N GLY A 75 7.21 13.36 -9.00
CA GLY A 75 6.67 12.46 -9.99
C GLY A 75 7.68 11.46 -10.52
N PRO A 76 7.93 11.49 -11.83
CA PRO A 76 8.80 10.47 -12.43
C PRO A 76 10.21 10.50 -11.92
N GLY A 77 10.70 11.66 -11.45
CA GLY A 77 12.02 11.71 -10.85
C GLY A 77 12.11 10.78 -9.65
N MET A 78 11.19 10.93 -8.71
CA MET A 78 11.18 10.11 -7.52
C MET A 78 10.93 8.65 -7.87
N ILE A 79 10.05 8.40 -8.82
CA ILE A 79 9.74 7.03 -9.19
C ILE A 79 10.96 6.33 -9.80
N HIS A 80 11.73 7.05 -10.62
CA HIS A 80 13.01 6.50 -11.09
C HIS A 80 13.90 6.11 -9.93
N GLY A 81 13.92 6.91 -8.86
CA GLY A 81 14.77 6.63 -7.72
C GLY A 81 14.30 5.47 -6.86
N ILE A 82 13.13 4.91 -7.15
CA ILE A 82 12.65 3.78 -6.38
C ILE A 82 13.56 2.58 -6.59
N ALA A 83 14.21 2.51 -7.75
CA ALA A 83 15.19 1.46 -7.99
C ALA A 83 16.24 1.41 -6.88
N GLY A 84 16.73 2.57 -6.46
CA GLY A 84 17.74 2.60 -5.41
C GLY A 84 17.19 2.24 -4.04
N LEU A 85 15.97 2.68 -3.74
CA LEU A 85 15.33 2.26 -2.49
C LEU A 85 15.25 0.74 -2.39
N ALA A 86 14.81 0.10 -3.47
CA ALA A 86 14.62 -1.35 -3.42
C ALA A 86 15.95 -2.07 -3.33
N ASN A 87 16.98 -1.56 -3.99
CA ASN A 87 18.31 -2.17 -3.88
C ASN A 87 18.84 -2.02 -2.45
N ALA A 88 18.67 -0.83 -1.86
CA ALA A 88 19.08 -0.63 -0.47
C ALA A 88 18.27 -1.52 0.47
N TRP A 89 16.96 -1.65 0.21
CA TRP A 89 16.13 -2.56 1.00
C TRP A 89 16.63 -3.98 0.89
N SER A 90 17.02 -4.40 -0.31
CA SER A 90 17.44 -5.78 -0.53
C SER A 90 18.75 -6.08 0.19
N ASN A 91 19.67 -5.11 0.23
CA ASN A 91 20.98 -5.32 0.82
C ASN A 91 21.09 -4.79 2.24
N ASN A 92 20.01 -4.24 2.80
CA ASN A 92 20.04 -3.58 4.10
C ASN A 92 21.14 -2.52 4.16
N TRP A 93 21.08 -1.57 3.21
CA TRP A 93 22.06 -0.49 3.14
C TRP A 93 21.41 0.85 3.51
N PRO A 94 22.11 1.71 4.26
CA PRO A 94 21.53 3.01 4.62
C PRO A 94 21.49 3.95 3.42
N MET A 95 20.32 4.54 3.19
CA MET A 95 20.13 5.35 1.98
C MET A 95 18.89 6.22 2.15
N ILE A 96 18.97 7.46 1.68
CA ILE A 96 17.83 8.37 1.71
C ILE A 96 17.52 8.87 0.31
N LEU A 97 16.29 8.69 -0.12
CA LEU A 97 15.78 9.34 -1.31
C LEU A 97 15.00 10.57 -0.89
N ILE A 98 15.42 11.74 -1.36
CA ILE A 98 14.70 12.98 -1.15
C ILE A 98 13.98 13.31 -2.44
N GLY A 99 12.65 13.27 -2.41
CA GLY A 99 11.83 13.54 -3.57
C GLY A 99 11.03 14.82 -3.41
N GLY A 100 11.16 15.70 -4.38
CA GLY A 100 10.26 16.84 -4.46
C GLY A 100 8.82 16.39 -4.68
N ALA A 101 7.89 17.26 -4.31
CA ALA A 101 6.49 17.04 -4.62
C ALA A 101 5.88 18.37 -5.03
N ASN A 102 4.69 18.30 -5.63
CA ASN A 102 4.00 19.52 -6.02
C ASN A 102 3.65 20.33 -4.78
N ASP A 103 3.45 21.63 -4.98
CA ASP A 103 3.00 22.52 -3.91
C ASP A 103 1.76 21.94 -3.24
N SER A 104 1.75 21.96 -1.90
CA SER A 104 0.68 21.30 -1.16
C SER A 104 -0.68 21.94 -1.42
N TYR A 105 -0.72 23.26 -1.65
CA TYR A 105 -1.99 23.93 -1.89
C TYR A 105 -2.54 23.67 -3.28
N GLN A 106 -1.88 22.83 -4.09
CA GLN A 106 -2.39 22.36 -5.36
C GLN A 106 -2.80 20.89 -5.33
N ASN A 107 -2.73 20.23 -4.17
CA ASN A 107 -3.13 18.83 -4.09
C ASN A 107 -4.57 18.65 -4.55
N GLY A 108 -4.81 17.59 -5.33
CA GLY A 108 -6.12 17.30 -5.86
C GLY A 108 -6.48 18.03 -7.12
N GLN A 109 -5.64 18.95 -7.59
CA GLN A 109 -5.96 19.74 -8.77
C GLN A 109 -5.39 19.17 -10.05
N GLY A 110 -4.65 18.07 -9.98
CA GLY A 110 -3.89 17.62 -11.12
C GLY A 110 -2.66 18.48 -11.30
N ALA A 111 -1.95 18.70 -10.19
CA ALA A 111 -0.78 19.56 -10.19
C ALA A 111 0.36 18.90 -10.97
N PHE A 112 1.35 19.72 -11.33
CA PHE A 112 2.50 19.22 -12.08
C PHE A 112 3.22 18.13 -11.29
N GLN A 113 3.28 16.92 -11.87
CA GLN A 113 3.95 15.75 -11.29
C GLN A 113 3.38 15.37 -9.92
N GLU A 114 2.08 15.55 -9.74
CA GLU A 114 1.40 15.05 -8.56
C GLU A 114 1.35 13.53 -8.62
N ALA A 115 1.74 12.87 -7.52
CA ALA A 115 1.82 11.41 -7.51
C ALA A 115 1.78 10.91 -6.08
N PRO A 116 1.32 9.68 -5.83
CA PRO A 116 1.36 9.09 -4.48
C PRO A 116 2.74 8.54 -4.14
N GLN A 117 3.68 9.46 -3.86
CA GLN A 117 5.10 9.12 -3.76
C GLN A 117 5.42 8.37 -2.47
N ILE A 118 4.79 8.73 -1.35
CA ILE A 118 5.03 7.99 -0.12
C ILE A 118 4.58 6.54 -0.26
N GLU A 119 3.38 6.34 -0.79
CA GLU A 119 2.88 4.98 -1.03
C GLU A 119 3.72 4.22 -2.04
N SER A 120 4.43 4.91 -2.93
CA SER A 120 5.32 4.23 -3.87
C SER A 120 6.60 3.77 -3.20
N ALA A 121 7.09 4.54 -2.23
CA ALA A 121 8.32 4.17 -1.52
C ALA A 121 8.06 3.17 -0.41
N ARG A 122 6.82 3.09 0.07
CA ARG A 122 6.51 2.35 1.30
C ARG A 122 7.02 0.92 1.33
N PRO A 123 6.84 0.10 0.28
CA PRO A 123 7.29 -1.31 0.39
C PRO A 123 8.77 -1.47 0.67
N TYR A 124 9.59 -0.45 0.41
CA TYR A 124 11.03 -0.61 0.45
C TYR A 124 11.74 0.25 1.50
N VAL A 125 11.02 0.98 2.34
CA VAL A 125 11.68 1.89 3.26
C VAL A 125 11.38 1.50 4.69
N LYS A 126 12.34 1.79 5.57
CA LYS A 126 12.10 1.75 7.00
C LYS A 126 11.38 2.98 7.50
N TYR A 127 11.27 4.02 6.68
CA TYR A 127 10.78 5.30 7.13
C TYR A 127 10.39 6.12 5.91
N ALA A 128 9.21 6.73 5.96
CA ALA A 128 8.75 7.61 4.89
C ALA A 128 7.97 8.74 5.54
N ALA A 129 8.37 9.97 5.28
CA ALA A 129 7.72 11.11 5.92
C ALA A 129 7.57 12.27 4.96
N ARG A 130 6.45 12.98 5.07
CA ARG A 130 6.30 14.29 4.47
C ARG A 130 6.35 15.32 5.59
N PRO A 131 7.44 16.08 5.74
CA PRO A 131 7.53 17.05 6.84
C PRO A 131 6.32 17.97 6.86
N ASP A 132 5.74 18.17 8.04
CA ASP A 132 4.51 18.93 8.17
C ASP A 132 4.73 20.42 8.00
N SER A 133 5.94 20.90 8.30
CA SER A 133 6.19 22.34 8.29
C SER A 133 7.68 22.57 8.13
N ILE A 134 8.02 23.80 7.74
CA ILE A 134 9.41 24.15 7.47
C ILE A 134 10.24 24.08 8.74
N ALA A 135 9.70 24.59 9.87
CA ALA A 135 10.49 24.65 11.08
C ALA A 135 10.88 23.27 11.60
N ARG A 136 10.09 22.24 11.30
CA ARG A 136 10.38 20.91 11.84
C ARG A 136 11.24 20.07 10.91
N LEU A 137 11.68 20.61 9.77
CA LEU A 137 12.53 19.86 8.87
C LEU A 137 13.73 19.19 9.55
N PRO A 138 14.48 19.83 10.45
CA PRO A 138 15.60 19.11 11.09
C PRO A 138 15.15 17.92 11.91
N PHE A 139 13.95 17.98 12.49
CA PHE A 139 13.41 16.81 13.19
C PHE A 139 13.33 15.62 12.24
N TYR A 140 12.78 15.84 11.04
CA TYR A 140 12.58 14.73 10.10
C TYR A 140 13.91 14.25 9.52
N VAL A 141 14.84 15.16 9.29
CA VAL A 141 16.12 14.76 8.70
C VAL A 141 16.88 13.85 9.66
N GLU A 142 16.92 14.23 10.94
CA GLU A 142 17.62 13.42 11.92
C GLU A 142 16.92 12.07 12.11
N GLN A 143 15.59 12.07 12.16
CA GLN A 143 14.87 10.81 12.34
C GLN A 143 15.08 9.89 11.14
N ALA A 144 15.08 10.46 9.94
CA ALA A 144 15.34 9.67 8.74
C ALA A 144 16.74 9.08 8.77
N VAL A 145 17.75 9.92 9.07
CA VAL A 145 19.13 9.45 9.09
C VAL A 145 19.30 8.36 10.15
N ARG A 146 18.89 8.65 11.39
CA ARG A 146 19.01 7.68 12.47
C ARG A 146 18.31 6.36 12.11
N THR A 147 17.14 6.43 11.49
CA THR A 147 16.42 5.21 11.16
C THR A 147 17.16 4.39 10.09
N THR A 148 17.89 5.04 9.18
CA THR A 148 18.60 4.24 8.18
C THR A 148 19.77 3.48 8.78
N ILE A 149 20.42 3.99 9.81
CA ILE A 149 21.66 3.38 10.30
C ILE A 149 21.50 2.65 11.62
N TYR A 150 20.42 2.87 12.36
CA TYR A 150 20.18 2.12 13.58
C TYR A 150 19.45 0.81 13.25
N GLY A 151 19.66 -0.20 14.10
CA GLY A 151 19.04 -1.49 13.84
C GLY A 151 19.57 -2.08 12.55
N ARG A 152 18.73 -2.86 11.89
CA ARG A 152 19.09 -3.37 10.57
C ARG A 152 19.06 -2.21 9.59
N PRO A 153 20.18 -1.85 8.96
CA PRO A 153 20.20 -0.63 8.15
C PRO A 153 19.25 -0.76 6.96
N GLY A 154 18.71 0.36 6.52
CA GLY A 154 17.73 0.33 5.46
C GLY A 154 17.49 1.70 4.88
N ALA A 155 16.48 1.79 4.01
CA ALA A 155 16.23 3.00 3.25
C ALA A 155 15.17 3.88 3.92
N ALA A 156 15.27 5.18 3.66
CA ALA A 156 14.29 6.16 4.09
C ALA A 156 13.89 7.02 2.89
N TYR A 157 12.68 7.57 2.94
CA TYR A 157 12.18 8.46 1.89
C TYR A 157 11.61 9.71 2.54
N LEU A 158 11.98 10.87 2.00
CA LEU A 158 11.50 12.16 2.49
C LEU A 158 10.77 12.88 1.36
N ASP A 159 9.52 13.23 1.59
CA ASP A 159 8.64 13.81 0.59
C ASP A 159 8.56 15.31 0.85
N LEU A 160 9.11 16.12 -0.05
CA LEU A 160 9.20 17.56 0.20
C LEU A 160 8.34 18.36 -0.77
N PRO A 161 7.16 18.82 -0.37
CA PRO A 161 6.36 19.70 -1.25
C PRO A 161 7.14 20.95 -1.60
N GLY A 162 6.92 21.46 -2.82
CA GLY A 162 7.67 22.61 -3.29
C GLY A 162 7.59 23.80 -2.36
N ASP A 163 6.42 24.03 -1.75
CA ASP A 163 6.27 25.18 -0.85
C ASP A 163 6.98 24.97 0.49
N ILE A 164 7.27 23.72 0.85
CA ILE A 164 8.14 23.48 2.00
C ILE A 164 9.58 23.79 1.63
N ILE A 165 9.96 23.56 0.38
CA ILE A 165 11.34 23.80 -0.06
C ILE A 165 11.59 25.29 -0.24
N SER A 166 10.65 25.99 -0.88
CA SER A 166 10.85 27.38 -1.24
C SER A 166 10.40 28.37 -0.16
N GLY A 167 9.57 27.95 0.79
CA GLY A 167 9.13 28.85 1.83
C GLY A 167 10.24 29.16 2.82
N SER A 168 10.03 30.21 3.61
CA SER A 168 11.03 30.71 4.55
C SER A 168 10.45 30.82 5.96
N VAL A 169 11.33 30.68 6.96
CA VAL A 169 11.01 30.97 8.34
C VAL A 169 12.16 31.76 8.94
N GLU A 170 11.92 32.36 10.10
CA GLU A 170 12.99 33.03 10.82
C GLU A 170 13.94 31.99 11.39
N GLU A 171 15.24 32.31 11.36
CA GLU A 171 16.24 31.36 11.82
C GLU A 171 16.04 30.95 13.27
N ALA A 172 15.57 31.87 14.11
CA ALA A 172 15.35 31.56 15.53
C ALA A 172 14.20 30.60 15.76
N GLU A 173 13.41 30.27 14.73
CA GLU A 173 12.32 29.31 14.87
C GLU A 173 12.76 27.87 14.72
N VAL A 174 14.00 27.62 14.30
CA VAL A 174 14.45 26.29 13.88
C VAL A 174 15.41 25.74 14.91
N THR A 175 15.12 24.54 15.41
CA THR A 175 16.01 23.81 16.31
C THR A 175 16.66 22.67 15.54
N TYR A 176 17.98 22.54 15.66
CA TYR A 176 18.74 21.50 14.97
C TYR A 176 19.18 20.44 15.97
N PRO A 177 18.76 19.19 15.81
CA PRO A 177 19.29 18.13 16.68
C PRO A 177 20.79 17.98 16.49
N GLY A 178 21.46 17.49 17.53
CA GLY A 178 22.86 17.13 17.38
C GLY A 178 23.05 16.01 16.37
N ARG A 179 24.30 15.83 15.95
CA ARG A 179 24.65 14.77 15.03
C ARG A 179 24.27 13.40 15.61
N CYS A 180 23.50 12.64 14.85
CA CYS A 180 23.09 11.32 15.28
C CYS A 180 24.31 10.46 15.60
N PRO A 181 24.43 9.92 16.81
CA PRO A 181 25.64 9.17 17.17
C PRO A 181 25.72 7.85 16.42
N GLU A 182 26.92 7.28 16.43
CA GLU A 182 27.12 5.93 15.94
C GLU A 182 26.14 4.99 16.62
N PRO A 183 25.59 4.00 15.92
CA PRO A 183 24.64 3.10 16.56
C PRO A 183 25.33 2.29 17.64
N PRO A 184 24.62 1.95 18.72
CA PRO A 184 25.24 1.10 19.74
C PRO A 184 25.45 -0.31 19.21
N ARG A 185 26.62 -0.87 19.53
CA ARG A 185 27.02 -2.19 19.07
C ARG A 185 26.62 -3.23 20.11
N THR A 186 25.53 -3.95 19.85
CA THR A 186 24.97 -4.87 20.83
C THR A 186 25.70 -6.21 20.86
N LEU A 187 25.69 -6.85 22.03
CA LEU A 187 26.41 -8.10 22.29
C LEU A 187 25.44 -9.27 22.45
N ALA A 188 25.96 -10.45 22.20
CA ALA A 188 25.23 -11.69 22.43
C ALA A 188 25.37 -12.12 23.90
N PRO A 189 24.39 -12.87 24.43
CA PRO A 189 24.53 -13.38 25.80
C PRO A 189 25.77 -14.25 25.93
N GLU A 190 26.39 -14.18 27.12
CA GLU A 190 27.66 -14.88 27.33
C GLU A 190 27.50 -16.38 27.19
N GLU A 191 26.33 -16.92 27.54
CA GLU A 191 26.10 -18.35 27.33
C GLU A 191 26.07 -18.70 25.86
N ASN A 192 25.57 -17.80 25.01
CA ASN A 192 25.56 -18.07 23.58
C ASN A 192 26.98 -18.07 23.02
N ILE A 193 27.82 -17.16 23.51
CA ILE A 193 29.23 -17.15 23.12
C ILE A 193 29.89 -18.48 23.45
N LYS A 194 29.68 -18.98 24.68
CA LYS A 194 30.28 -20.24 25.08
C LYS A 194 29.71 -21.41 24.31
N ALA A 195 28.38 -21.43 24.11
CA ALA A 195 27.76 -22.51 23.35
C ALA A 195 28.30 -22.56 21.93
N ALA A 196 28.59 -21.40 21.34
CA ALA A 196 29.10 -21.37 19.97
C ALA A 196 30.49 -22.01 19.91
N LEU A 197 31.39 -21.58 20.78
CA LEU A 197 32.72 -22.18 20.82
C LEU A 197 32.64 -23.66 21.18
N ALA A 198 31.75 -24.03 22.12
CA ALA A 198 31.59 -25.44 22.45
C ALA A 198 31.12 -26.24 21.24
N ALA A 199 30.15 -25.70 20.50
CA ALA A 199 29.67 -26.38 19.31
C ALA A 199 30.77 -26.56 18.28
N LEU A 200 31.61 -25.53 18.10
CA LEU A 200 32.71 -25.63 17.15
C LEU A 200 33.65 -26.79 17.48
N LYS A 201 33.90 -27.06 18.76
CA LYS A 201 34.83 -28.11 19.14
C LYS A 201 34.31 -29.52 18.84
N THR A 202 33.02 -29.67 18.56
CA THR A 202 32.44 -30.97 18.22
C THR A 202 32.32 -31.20 16.72
N ALA A 203 32.62 -30.19 15.91
CA ALA A 203 32.43 -30.29 14.47
C ALA A 203 33.61 -31.01 13.81
N GLU A 204 33.29 -31.92 12.90
CA GLU A 204 34.34 -32.59 12.13
C GLU A 204 34.69 -31.84 10.85
N ARG A 205 33.75 -31.09 10.28
CA ARG A 205 33.97 -30.36 9.02
C ARG A 205 33.43 -28.95 9.15
N PRO A 206 34.02 -28.13 10.03
CA PRO A 206 33.49 -26.78 10.25
C PRO A 206 33.90 -25.81 9.15
N LEU A 207 33.07 -24.78 8.96
CA LEU A 207 33.30 -23.77 7.94
C LEU A 207 32.81 -22.42 8.45
N VAL A 208 33.60 -21.38 8.20
CA VAL A 208 33.20 -20.01 8.47
C VAL A 208 32.80 -19.37 7.14
N ILE A 209 31.70 -18.62 7.15
CA ILE A 209 31.26 -17.84 6.00
C ILE A 209 31.28 -16.37 6.40
N VAL A 210 32.07 -15.57 5.68
CA VAL A 210 32.23 -14.15 5.96
C VAL A 210 31.41 -13.39 4.93
N GLY A 211 30.34 -12.73 5.38
CA GLY A 211 29.45 -12.01 4.50
C GLY A 211 29.64 -10.49 4.58
N LYS A 212 28.87 -9.79 3.74
CA LYS A 212 29.05 -8.34 3.69
C LYS A 212 28.48 -7.63 4.92
N GLY A 213 27.75 -8.33 5.77
CA GLY A 213 27.38 -7.75 7.06
C GLY A 213 28.59 -7.56 7.95
N ALA A 214 29.53 -8.52 7.92
CA ALA A 214 30.78 -8.32 8.65
C ALA A 214 31.58 -7.18 8.05
N ALA A 215 31.56 -7.04 6.71
CA ALA A 215 32.23 -5.92 6.07
C ALA A 215 31.58 -4.60 6.48
N TYR A 216 30.25 -4.55 6.43
CA TYR A 216 29.54 -3.32 6.77
C TYR A 216 29.79 -2.93 8.23
N SER A 217 29.83 -3.91 9.13
CA SER A 217 30.11 -3.68 10.54
C SER A 217 31.52 -3.16 10.79
N ARG A 218 32.40 -3.15 9.78
CA ARG A 218 33.81 -2.81 9.93
C ARG A 218 34.50 -3.77 10.88
N ALA A 219 34.20 -5.07 10.75
CA ALA A 219 34.67 -6.09 11.66
C ALA A 219 35.94 -6.78 11.18
N GLU A 220 36.63 -6.23 10.17
CA GLU A 220 37.72 -6.96 9.53
C GLU A 220 38.79 -7.40 10.53
N ASP A 221 39.13 -6.55 11.49
CA ASP A 221 40.19 -6.90 12.44
C ASP A 221 39.79 -8.06 13.34
N GLU A 222 38.56 -8.01 13.87
N GLU A 222 38.57 -8.02 13.87
CA GLU A 222 38.09 -9.06 14.76
CA GLU A 222 38.14 -9.09 14.77
C GLU A 222 37.88 -10.36 14.00
C GLU A 222 37.89 -10.38 14.01
N VAL A 223 37.34 -10.29 12.79
CA VAL A 223 37.04 -11.50 12.02
C VAL A 223 38.32 -12.20 11.60
N ARG A 224 39.33 -11.43 11.14
CA ARG A 224 40.60 -12.05 10.78
C ARG A 224 41.26 -12.69 11.99
N LYS A 225 41.18 -12.03 13.15
CA LYS A 225 41.77 -12.61 14.35
C LYS A 225 41.04 -13.88 14.76
N PHE A 226 39.71 -13.90 14.62
CA PHE A 226 38.95 -15.09 14.99
C PHE A 226 39.27 -16.26 14.07
N VAL A 227 39.33 -16.02 12.76
CA VAL A 227 39.63 -17.09 11.81
C VAL A 227 41.05 -17.60 12.00
N GLU A 228 42.00 -16.68 12.25
CA GLU A 228 43.39 -17.10 12.42
C GLU A 228 43.59 -17.84 13.74
N THR A 229 42.96 -17.39 14.81
CA THR A 229 43.09 -18.07 16.10
C THR A 229 42.50 -19.47 16.02
N THR A 230 41.32 -19.62 15.41
CA THR A 230 40.70 -20.94 15.34
C THR A 230 41.25 -21.83 14.24
N GLY A 231 42.02 -21.29 13.30
CA GLY A 231 42.48 -22.10 12.18
C GLY A 231 41.37 -22.69 11.34
N LEU A 232 40.19 -22.08 11.33
CA LEU A 232 39.07 -22.65 10.61
C LEU A 232 39.13 -22.33 9.11
N PRO A 233 38.66 -23.23 8.26
CA PRO A 233 38.43 -22.88 6.85
C PRO A 233 37.34 -21.84 6.75
N TYR A 234 37.46 -20.93 5.79
CA TYR A 234 36.46 -19.89 5.64
C TYR A 234 36.15 -19.66 4.18
N LEU A 235 34.92 -19.23 3.91
CA LEU A 235 34.47 -18.86 2.59
C LEU A 235 33.96 -17.42 2.65
N ALA A 236 34.52 -16.56 1.80
CA ALA A 236 34.03 -15.19 1.67
C ALA A 236 32.88 -15.15 0.66
N SER A 237 31.79 -14.49 1.03
CA SER A 237 30.74 -14.18 0.07
C SER A 237 31.26 -13.15 -0.93
N PRO A 238 30.57 -12.97 -2.08
CA PRO A 238 31.08 -12.03 -3.10
C PRO A 238 31.52 -10.68 -2.55
N MET A 239 30.67 -9.97 -1.81
CA MET A 239 31.12 -8.71 -1.26
C MET A 239 31.73 -8.84 0.13
N GLY A 240 31.73 -10.06 0.69
CA GLY A 240 32.56 -10.34 1.84
C GLY A 240 34.03 -10.51 1.54
N LYS A 241 34.38 -10.63 0.26
CA LYS A 241 35.77 -10.73 -0.14
C LYS A 241 36.55 -9.54 0.39
N GLY A 242 37.77 -9.79 0.87
CA GLY A 242 38.62 -8.74 1.35
C GLY A 242 38.52 -8.45 2.83
N VAL A 243 37.39 -8.80 3.48
CA VAL A 243 37.33 -8.73 4.95
C VAL A 243 38.53 -9.46 5.53
N ILE A 244 38.78 -10.68 5.05
CA ILE A 244 40.09 -11.30 5.14
C ILE A 244 40.69 -11.19 3.74
N PRO A 245 41.98 -10.86 3.59
CA PRO A 245 42.58 -10.83 2.24
C PRO A 245 42.34 -12.14 1.51
N ASP A 246 42.06 -12.05 0.20
CA ASP A 246 41.67 -13.23 -0.56
C ASP A 246 42.81 -14.21 -0.80
N ASP A 247 44.07 -13.81 -0.58
CA ASP A 247 45.19 -14.74 -0.66
C ASP A 247 45.48 -15.43 0.67
N HIS A 248 44.59 -15.33 1.65
CA HIS A 248 44.82 -15.94 2.94
C HIS A 248 44.82 -17.47 2.83
N PRO A 249 45.75 -18.15 3.52
CA PRO A 249 45.87 -19.61 3.33
C PRO A 249 44.66 -20.41 3.78
N GLN A 250 43.78 -19.85 4.60
CA GLN A 250 42.64 -20.60 5.08
C GLN A 250 41.39 -20.41 4.22
N SER A 251 41.49 -19.63 3.14
CA SER A 251 40.36 -19.48 2.24
C SER A 251 40.17 -20.75 1.41
N ILE A 252 38.92 -21.22 1.32
CA ILE A 252 38.65 -22.39 0.51
C ILE A 252 37.72 -22.03 -0.65
N ALA A 253 37.81 -20.78 -1.10
CA ALA A 253 36.94 -20.27 -2.16
C ALA A 253 36.92 -21.16 -3.39
N ALA A 254 38.08 -21.67 -3.81
CA ALA A 254 38.13 -22.52 -5.00
C ALA A 254 37.53 -23.90 -4.78
N ALA A 255 37.07 -24.22 -3.57
CA ALA A 255 36.39 -25.49 -3.30
C ALA A 255 35.01 -25.23 -2.71
N ARG A 256 34.38 -24.12 -3.11
CA ARG A 256 33.17 -23.65 -2.45
C ARG A 256 32.08 -24.71 -2.44
N SER A 257 31.77 -25.29 -3.62
CA SER A 257 30.70 -26.29 -3.70
C SER A 257 30.99 -27.47 -2.80
N PHE A 258 32.23 -27.96 -2.80
CA PHE A 258 32.60 -29.06 -1.93
C PHE A 258 32.42 -28.70 -0.46
N ALA A 259 32.86 -27.50 -0.08
CA ALA A 259 32.79 -27.10 1.32
C ALA A 259 31.35 -27.02 1.81
N LEU A 260 30.47 -26.37 1.04
CA LEU A 260 29.08 -26.20 1.46
C LEU A 260 28.35 -27.53 1.52
N GLN A 261 28.66 -28.43 0.61
CA GLN A 261 27.92 -29.69 0.55
C GLN A 261 28.26 -30.61 1.70
N ASN A 262 29.45 -30.47 2.28
CA ASN A 262 29.95 -31.44 3.24
C ASN A 262 30.14 -30.89 4.64
N THR A 263 30.04 -29.59 4.84
CA THR A 263 30.25 -29.04 6.17
C THR A 263 29.16 -29.54 7.10
N ASP A 264 29.55 -29.87 8.34
CA ASP A 264 28.58 -30.29 9.33
C ASP A 264 28.21 -29.16 10.30
N LEU A 265 28.95 -28.06 10.29
CA LEU A 265 28.65 -26.90 11.12
C LEU A 265 29.23 -25.67 10.45
N VAL A 266 28.40 -24.66 10.20
CA VAL A 266 28.81 -23.44 9.56
C VAL A 266 28.64 -22.30 10.55
N VAL A 267 29.56 -21.33 10.49
CA VAL A 267 29.44 -20.07 11.23
C VAL A 267 29.16 -18.99 10.20
N LEU A 268 27.93 -18.46 10.20
CA LEU A 268 27.54 -17.36 9.32
C LEU A 268 27.85 -16.04 10.02
N MET A 269 28.84 -15.32 9.51
CA MET A 269 29.25 -14.02 10.08
C MET A 269 28.73 -12.93 9.14
N GLY A 270 27.54 -12.42 9.44
CA GLY A 270 26.95 -11.40 8.59
C GLY A 270 26.63 -11.90 7.20
N ALA A 271 26.08 -13.11 7.09
CA ALA A 271 25.68 -13.67 5.81
C ALA A 271 24.34 -14.36 5.97
N ARG A 272 23.51 -14.29 4.94
CA ARG A 272 22.17 -14.84 5.01
C ARG A 272 22.10 -16.20 4.32
N MET A 273 21.23 -17.06 4.84
CA MET A 273 20.92 -18.30 4.16
C MET A 273 19.86 -18.07 3.09
N ASN A 274 20.11 -17.15 2.16
CA ASN A 274 19.14 -16.85 1.12
C ASN A 274 19.50 -17.57 -0.17
N TRP A 275 19.08 -17.01 -1.30
CA TRP A 275 19.33 -17.66 -2.59
C TRP A 275 20.81 -17.82 -2.89
N MET A 276 21.64 -16.88 -2.44
CA MET A 276 23.07 -16.97 -2.71
C MET A 276 23.66 -18.23 -2.08
N MET A 277 23.20 -18.59 -0.89
CA MET A 277 23.67 -19.78 -0.21
C MET A 277 22.78 -20.99 -0.47
N HIS A 278 21.91 -20.90 -1.48
CA HIS A 278 20.99 -21.97 -1.83
C HIS A 278 20.11 -22.37 -0.66
N PHE A 279 19.77 -21.39 0.18
CA PHE A 279 18.84 -21.53 1.30
C PHE A 279 19.35 -22.46 2.38
N GLY A 280 20.63 -22.82 2.34
CA GLY A 280 21.18 -23.76 3.30
C GLY A 280 20.56 -25.13 3.28
N GLN A 281 19.95 -25.53 2.17
N GLN A 281 19.95 -25.53 2.17
CA GLN A 281 19.17 -26.75 2.08
CA GLN A 281 19.17 -26.75 2.08
C GLN A 281 19.80 -27.72 1.07
C GLN A 281 19.81 -27.73 1.08
N PRO A 282 19.44 -29.00 1.15
CA PRO A 282 19.91 -29.94 0.12
C PRO A 282 19.37 -29.55 -1.24
N PRO A 283 20.06 -29.94 -2.32
CA PRO A 283 21.25 -30.80 -2.39
C PRO A 283 22.59 -30.08 -2.23
N ARG A 284 22.62 -28.76 -2.18
CA ARG A 284 23.90 -28.05 -2.09
C ARG A 284 24.47 -28.02 -0.67
N TRP A 285 23.64 -28.30 0.34
CA TRP A 285 24.05 -28.42 1.73
C TRP A 285 23.65 -29.79 2.25
N ASN A 286 24.30 -30.21 3.33
CA ASN A 286 23.90 -31.44 3.99
C ASN A 286 22.62 -31.25 4.78
N GLU A 287 21.77 -32.28 4.75
CA GLU A 287 20.45 -32.22 5.37
C GLU A 287 20.51 -31.89 6.85
N LYS A 288 21.62 -32.22 7.53
CA LYS A 288 21.73 -32.08 8.98
C LYS A 288 22.73 -31.00 9.39
N VAL A 289 23.01 -30.04 8.50
CA VAL A 289 24.04 -29.05 8.83
C VAL A 289 23.60 -28.23 10.03
N ARG A 290 24.55 -27.98 10.94
CA ARG A 290 24.34 -27.16 12.12
C ARG A 290 24.82 -25.74 11.85
N VAL A 291 24.11 -24.75 12.39
CA VAL A 291 24.33 -23.35 12.03
C VAL A 291 24.56 -22.52 13.28
N ILE A 292 25.69 -21.81 13.32
CA ILE A 292 25.91 -20.68 14.23
C ILE A 292 25.72 -19.42 13.41
N GLN A 293 24.78 -18.57 13.80
CA GLN A 293 24.38 -17.46 12.96
C GLN A 293 24.57 -16.15 13.71
N MET A 294 25.34 -15.26 13.13
CA MET A 294 25.65 -13.96 13.71
C MET A 294 25.04 -12.88 12.80
N ASP A 295 24.02 -12.20 13.31
CA ASP A 295 23.31 -11.20 12.53
C ASP A 295 22.77 -10.15 13.48
N ILE A 296 22.76 -8.89 13.02
CA ILE A 296 22.16 -7.83 13.84
C ILE A 296 20.65 -7.96 13.87
N SER A 297 20.06 -8.65 12.89
CA SER A 297 18.61 -8.79 12.78
C SER A 297 18.18 -10.08 13.45
N ALA A 298 17.46 -9.96 14.57
CA ALA A 298 16.95 -11.15 15.24
C ALA A 298 15.95 -11.90 14.37
N GLU A 299 15.17 -11.19 13.54
CA GLU A 299 14.16 -11.84 12.70
C GLU A 299 14.80 -12.76 11.67
N GLU A 300 16.01 -12.44 11.21
CA GLU A 300 16.69 -13.27 10.22
C GLU A 300 17.12 -14.62 10.79
N ILE A 301 17.23 -14.75 12.11
CA ILE A 301 17.77 -15.97 12.72
C ILE A 301 16.83 -17.15 12.49
N GLY A 302 17.36 -18.23 11.92
CA GLY A 302 16.56 -19.41 11.70
C GLY A 302 15.74 -19.42 10.42
N THR A 303 16.05 -18.56 9.45
CA THR A 303 15.34 -18.59 8.17
C THR A 303 15.80 -19.80 7.36
N ASN A 304 14.82 -20.56 6.84
CA ASN A 304 15.03 -21.72 5.99
C ASN A 304 15.59 -22.93 6.75
N VAL A 305 16.61 -22.68 7.56
CA VAL A 305 17.33 -23.76 8.26
C VAL A 305 17.39 -23.38 9.73
N PRO A 306 17.18 -24.32 10.65
CA PRO A 306 17.23 -23.99 12.07
C PRO A 306 18.62 -23.54 12.49
N THR A 307 18.68 -22.60 13.42
CA THR A 307 19.94 -22.10 13.94
C THR A 307 20.19 -22.71 15.32
N GLU A 308 21.34 -23.35 15.49
CA GLU A 308 21.68 -24.00 16.76
C GLU A 308 22.11 -22.98 17.80
N VAL A 309 22.94 -22.01 17.43
CA VAL A 309 23.36 -20.95 18.34
C VAL A 309 23.10 -19.62 17.66
N ALA A 310 22.22 -18.82 18.24
CA ALA A 310 21.89 -17.50 17.72
C ALA A 310 22.77 -16.46 18.40
N LEU A 311 23.57 -15.75 17.61
CA LEU A 311 24.41 -14.66 18.07
C LEU A 311 23.85 -13.37 17.48
N VAL A 312 22.88 -12.77 18.16
CA VAL A 312 22.22 -11.57 17.67
C VAL A 312 22.96 -10.36 18.22
N GLY A 313 23.38 -9.49 17.31
CA GLY A 313 24.05 -8.26 17.69
C GLY A 313 24.99 -7.83 16.58
N ASP A 314 25.87 -6.89 16.94
CA ASP A 314 26.81 -6.35 15.98
C ASP A 314 27.96 -7.32 15.75
N ALA A 315 28.34 -7.49 14.48
CA ALA A 315 29.34 -8.49 14.13
C ALA A 315 30.69 -8.15 14.75
N LYS A 316 31.08 -6.89 14.73
CA LYS A 316 32.36 -6.52 15.33
C LYS A 316 32.37 -6.84 16.82
N ALA A 317 31.30 -6.45 17.52
CA ALA A 317 31.25 -6.64 18.96
C ALA A 317 31.13 -8.12 19.33
N ILE A 318 30.29 -8.87 18.62
CA ILE A 318 30.12 -10.28 18.94
C ILE A 318 31.40 -11.05 18.64
N THR A 319 32.07 -10.73 17.53
CA THR A 319 33.31 -11.42 17.21
C THR A 319 34.38 -11.10 18.26
N ALA A 320 34.39 -9.86 18.75
CA ALA A 320 35.29 -9.52 19.85
C ALA A 320 34.99 -10.33 21.10
N GLN A 321 33.70 -10.62 21.35
CA GLN A 321 33.35 -11.50 22.46
C GLN A 321 33.94 -12.89 22.25
N LEU A 322 33.82 -13.42 21.03
CA LEU A 322 34.36 -14.75 20.73
C LEU A 322 35.88 -14.76 20.90
N ASN A 323 36.55 -13.70 20.47
CA ASN A 323 38.01 -13.64 20.62
C ASN A 323 38.41 -13.57 22.10
N ALA A 324 37.66 -12.81 22.91
CA ALA A 324 37.98 -12.70 24.32
C ALA A 324 37.74 -14.02 25.05
N GLU A 325 36.72 -14.76 24.65
CA GLU A 325 36.50 -16.06 25.27
C GLU A 325 37.54 -17.08 24.81
N LEU A 326 37.96 -16.99 23.54
CA LEU A 326 39.06 -17.85 23.09
C LEU A 326 40.36 -17.54 23.84
N GLU A 327 40.54 -16.27 24.25
CA GLU A 327 41.71 -15.90 25.01
C GLU A 327 41.70 -16.50 26.42
N LYS A 328 40.51 -16.61 27.02
CA LYS A 328 40.41 -17.27 28.33
C LYS A 328 40.52 -18.79 28.21
N ASN A 329 39.99 -19.37 27.13
CA ASN A 329 40.01 -20.82 26.94
C ASN A 329 40.40 -21.13 25.49
N PRO A 330 41.71 -21.25 25.23
CA PRO A 330 42.17 -21.40 23.84
C PRO A 330 41.64 -22.67 23.19
N TRP A 331 41.48 -22.59 21.87
CA TRP A 331 41.10 -23.73 21.06
C TRP A 331 41.41 -23.39 19.61
N SER A 332 41.80 -24.41 18.84
CA SER A 332 41.94 -24.24 17.41
C SER A 332 41.68 -25.55 16.71
N TYR A 333 41.12 -25.45 15.51
CA TYR A 333 40.90 -26.61 14.66
C TYR A 333 42.24 -27.16 14.17
N PRO A 334 42.43 -28.48 14.20
CA PRO A 334 43.75 -29.04 13.83
C PRO A 334 44.09 -28.72 12.38
N SER A 335 45.38 -28.50 12.13
CA SER A 335 45.78 -28.12 10.79
C SER A 335 45.87 -29.30 9.82
N GLU A 336 45.92 -30.53 10.33
CA GLU A 336 45.87 -31.72 9.49
C GLU A 336 44.64 -32.54 9.85
N THR A 337 43.64 -32.54 8.97
CA THR A 337 42.46 -33.39 9.10
C THR A 337 42.07 -33.86 7.71
N THR A 338 41.23 -34.89 7.64
CA THR A 338 40.71 -35.32 6.35
C THR A 338 39.86 -34.22 5.71
N TRP A 339 39.21 -33.39 6.52
CA TRP A 339 38.50 -32.22 6.01
C TRP A 339 39.45 -31.28 5.28
N TRP A 340 40.57 -30.91 5.92
CA TRP A 340 41.55 -30.05 5.27
C TRP A 340 42.10 -30.72 4.01
N THR A 341 42.38 -32.02 4.06
CA THR A 341 42.95 -32.70 2.90
C THR A 341 42.00 -32.68 1.72
N GLY A 342 40.71 -32.91 1.96
CA GLY A 342 39.74 -32.86 0.88
C GLY A 342 39.61 -31.46 0.30
N LEU A 343 39.54 -30.45 1.16
CA LEU A 343 39.47 -29.07 0.70
C LEU A 343 40.70 -28.72 -0.14
N GLN A 344 41.89 -29.06 0.36
N GLN A 344 41.90 -29.05 0.35
CA GLN A 344 43.14 -28.77 -0.35
CA GLN A 344 43.11 -28.72 -0.39
C GLN A 344 43.19 -29.48 -1.68
C GLN A 344 43.21 -29.49 -1.70
N SER A 345 42.73 -30.74 -1.73
CA SER A 345 42.69 -31.48 -2.98
C SER A 345 41.74 -30.83 -3.98
N LYS A 346 40.58 -30.38 -3.52
CA LYS A 346 39.64 -29.73 -4.42
C LYS A 346 40.19 -28.40 -4.94
N ILE A 347 40.89 -27.65 -4.08
CA ILE A 347 41.52 -26.41 -4.51
C ILE A 347 42.58 -26.68 -5.57
N ALA A 348 43.40 -27.73 -5.38
CA ALA A 348 44.43 -28.05 -6.36
C ALA A 348 43.81 -28.51 -7.69
N ALA A 349 42.75 -29.30 -7.62
CA ALA A 349 42.08 -29.72 -8.87
C ALA A 349 41.50 -28.52 -9.60
N ASN A 350 41.00 -27.52 -8.86
CA ASN A 350 40.47 -26.33 -9.49
C ASN A 350 41.57 -25.53 -10.18
N ALA A 351 42.75 -25.43 -9.54
CA ALA A 351 43.86 -24.76 -10.17
C ALA A 351 44.25 -25.45 -11.48
N ALA A 352 44.19 -26.78 -11.52
CA ALA A 352 44.51 -27.49 -12.74
C ALA A 352 43.47 -27.23 -13.83
N THR A 353 42.22 -26.99 -13.43
CA THR A 353 41.18 -26.74 -14.42
C THR A 353 41.32 -25.37 -15.06
N VAL A 354 41.59 -24.34 -14.25
CA VAL A 354 41.59 -22.97 -14.77
C VAL A 354 42.91 -22.54 -15.39
N GLU A 355 44.02 -23.23 -15.09
CA GLU A 355 45.29 -22.84 -15.69
C GLU A 355 45.25 -22.83 -17.22
N PRO A 356 44.72 -23.85 -17.90
CA PRO A 356 44.64 -23.76 -19.37
C PRO A 356 43.80 -22.59 -19.84
N MET A 357 42.72 -22.26 -19.13
CA MET A 357 41.89 -21.14 -19.53
C MET A 357 42.60 -19.81 -19.30
N PHE A 358 43.33 -19.69 -18.19
CA PHE A 358 44.12 -18.47 -17.94
C PHE A 358 45.14 -18.23 -19.04
N ASN A 359 45.68 -19.28 -19.64
CA ASN A 359 46.74 -19.15 -20.62
C ASN A 359 46.28 -19.49 -22.04
N ASP A 360 44.98 -19.44 -22.29
CA ASP A 360 44.42 -19.72 -23.61
C ASP A 360 44.49 -18.44 -24.44
N ASP A 361 45.36 -18.43 -25.44
CA ASP A 361 45.57 -17.27 -26.29
C ASP A 361 44.70 -17.28 -27.55
N SER A 362 43.71 -18.15 -27.62
CA SER A 362 42.90 -18.25 -28.84
C SER A 362 41.95 -17.06 -28.95
N VAL A 363 41.72 -16.63 -30.19
CA VAL A 363 40.88 -15.49 -30.52
C VAL A 363 39.65 -16.00 -31.25
N PRO A 364 38.42 -15.59 -30.86
CA PRO A 364 38.08 -14.65 -29.77
C PRO A 364 38.40 -15.21 -28.39
N MET A 365 38.73 -14.34 -27.45
CA MET A 365 39.29 -14.73 -26.17
C MET A 365 38.20 -15.17 -25.19
N GLY A 366 38.63 -15.86 -24.14
CA GLY A 366 37.74 -16.26 -23.06
C GLY A 366 37.82 -15.31 -21.87
N TYR A 367 36.89 -15.53 -20.93
CA TYR A 367 36.85 -14.71 -19.71
C TYR A 367 38.16 -14.81 -18.94
N TYR A 368 38.66 -16.03 -18.72
CA TYR A 368 39.82 -16.20 -17.85
C TYR A 368 41.06 -15.52 -18.43
N ARG A 369 41.29 -15.65 -19.74
CA ARG A 369 42.43 -14.98 -20.36
C ARG A 369 42.37 -13.47 -20.17
N VAL A 370 41.18 -12.90 -20.29
CA VAL A 370 41.04 -11.45 -20.20
C VAL A 370 41.17 -11.00 -18.75
N LEU A 371 40.41 -11.62 -17.85
CA LEU A 371 40.45 -11.21 -16.46
C LEU A 371 41.83 -11.42 -15.84
N ARG A 372 42.62 -12.34 -16.40
CA ARG A 372 43.98 -12.54 -15.91
C ARG A 372 44.80 -11.26 -16.01
N ASP A 373 44.71 -10.58 -17.16
CA ASP A 373 45.49 -9.35 -17.35
C ASP A 373 44.88 -8.16 -16.62
N ILE A 374 43.55 -8.09 -16.51
CA ILE A 374 42.94 -7.08 -15.65
C ILE A 374 43.43 -7.23 -14.22
N ARG A 375 43.42 -8.47 -13.72
CA ARG A 375 43.82 -8.73 -12.33
C ARG A 375 45.23 -8.25 -12.04
N ASP A 376 46.16 -8.54 -12.95
CA ASP A 376 47.58 -8.27 -12.72
C ASP A 376 47.94 -6.78 -12.83
N LEU A 377 47.04 -5.92 -13.31
CA LEU A 377 47.31 -4.50 -13.39
C LEU A 377 46.50 -3.64 -12.43
N ILE A 378 45.56 -4.24 -11.71
CA ILE A 378 44.74 -3.51 -10.73
C ILE A 378 45.58 -3.21 -9.49
N PRO A 379 45.64 -1.96 -9.02
CA PRO A 379 46.34 -1.68 -7.76
C PRO A 379 45.72 -2.44 -6.61
N LYS A 380 46.54 -2.71 -5.58
CA LYS A 380 46.10 -3.60 -4.52
C LYS A 380 45.03 -2.97 -3.64
N ASP A 381 44.99 -1.64 -3.55
CA ASP A 381 43.96 -0.96 -2.80
C ASP A 381 42.90 -0.33 -3.71
N ALA A 382 42.84 -0.77 -4.97
CA ALA A 382 41.80 -0.30 -5.85
C ALA A 382 40.44 -0.80 -5.37
N ILE A 383 39.40 -0.10 -5.78
CA ILE A 383 38.03 -0.52 -5.56
C ILE A 383 37.48 -1.03 -6.89
N ILE A 384 36.84 -2.20 -6.84
CA ILE A 384 36.37 -2.89 -8.04
C ILE A 384 34.85 -2.83 -8.06
N SER A 385 34.31 -2.29 -9.14
CA SER A 385 32.89 -2.40 -9.45
C SER A 385 32.75 -3.43 -10.56
N ASN A 386 32.01 -4.51 -10.29
CA ASN A 386 31.99 -5.68 -11.15
C ASN A 386 30.53 -6.09 -11.35
N GLU A 387 30.07 -6.14 -12.59
CA GLU A 387 28.64 -6.22 -12.85
C GLU A 387 28.36 -6.98 -14.13
N GLY A 388 27.33 -7.81 -14.11
CA GLY A 388 27.00 -8.60 -15.27
C GLY A 388 26.57 -10.00 -14.85
N ALA A 389 26.71 -10.97 -15.74
CA ALA A 389 26.37 -12.34 -15.38
C ALA A 389 27.68 -13.10 -15.28
N SER A 390 28.17 -13.71 -16.37
CA SER A 390 29.47 -14.39 -16.30
C SER A 390 30.59 -13.41 -16.02
N THR A 391 30.53 -12.21 -16.59
CA THR A 391 31.54 -11.19 -16.30
C THR A 391 31.68 -10.97 -14.79
N MET A 392 30.56 -10.97 -14.07
CA MET A 392 30.60 -10.72 -12.63
C MET A 392 30.91 -11.98 -11.84
N ASP A 393 30.32 -13.11 -12.25
CA ASP A 393 30.52 -14.35 -11.50
C ASP A 393 31.94 -14.87 -11.65
N ILE A 394 32.50 -14.82 -12.86
CA ILE A 394 33.91 -15.17 -13.01
C ILE A 394 34.78 -14.08 -12.41
N GLY A 395 34.38 -12.81 -12.57
CA GLY A 395 35.12 -11.72 -11.93
C GLY A 395 35.27 -11.90 -10.43
N ARG A 396 34.24 -12.44 -9.78
CA ARG A 396 34.31 -12.71 -8.34
C ARG A 396 35.41 -13.73 -8.03
N THR A 397 35.61 -14.69 -8.93
CA THR A 397 36.59 -15.76 -8.71
C THR A 397 38.02 -15.29 -9.00
N VAL A 398 38.19 -14.49 -10.04
CA VAL A 398 39.54 -14.19 -10.52
C VAL A 398 40.09 -12.91 -9.90
N LEU A 399 39.25 -11.89 -9.71
CA LEU A 399 39.72 -10.61 -9.19
C LEU A 399 39.73 -10.65 -7.67
N PRO A 400 40.89 -10.62 -7.03
CA PRO A 400 40.93 -10.70 -5.57
C PRO A 400 40.81 -9.32 -4.91
N ASN A 401 40.32 -9.35 -3.67
CA ASN A 401 40.30 -8.18 -2.81
C ASN A 401 41.16 -8.42 -1.59
N PHE A 402 41.90 -7.40 -1.18
CA PHE A 402 42.81 -7.49 -0.06
C PHE A 402 42.40 -6.63 1.12
N PHE A 403 41.38 -5.79 0.96
CA PHE A 403 40.84 -4.98 2.03
C PHE A 403 39.32 -5.07 1.99
N ALA A 404 38.71 -4.79 3.13
CA ALA A 404 37.26 -4.87 3.23
C ALA A 404 36.60 -3.77 2.42
N ARG A 405 35.38 -4.04 1.95
CA ARG A 405 34.55 -3.03 1.27
C ARG A 405 35.22 -2.51 0.00
N THR A 406 36.01 -3.32 -0.68
CA THR A 406 36.62 -2.91 -1.94
C THR A 406 36.05 -3.66 -3.14
N ARG A 407 34.94 -4.37 -2.98
CA ARG A 407 34.21 -4.92 -4.11
C ARG A 407 32.75 -4.48 -4.04
N LEU A 408 32.25 -3.92 -5.14
CA LEU A 408 30.84 -3.58 -5.31
C LEU A 408 30.32 -4.33 -6.53
N ASP A 409 29.27 -5.14 -6.34
CA ASP A 409 28.70 -5.89 -7.45
C ASP A 409 27.18 -5.80 -7.37
N ALA A 410 26.49 -6.69 -8.12
CA ALA A 410 25.04 -6.63 -8.20
C ALA A 410 24.36 -7.00 -6.89
N ALA A 411 25.08 -7.63 -5.97
CA ALA A 411 24.66 -7.82 -4.58
C ALA A 411 23.38 -8.66 -4.53
N THR A 412 22.58 -8.51 -3.46
CA THR A 412 21.51 -9.45 -3.16
C THR A 412 20.38 -9.41 -4.19
N PHE A 413 20.05 -8.22 -4.69
CA PHE A 413 18.97 -8.06 -5.65
C PHE A 413 19.37 -8.46 -7.07
N GLY A 414 20.63 -8.81 -7.31
CA GLY A 414 21.05 -9.15 -8.66
C GLY A 414 20.77 -8.07 -9.68
N THR A 415 20.97 -6.81 -9.30
CA THR A 415 20.53 -5.68 -10.10
C THR A 415 21.55 -5.38 -11.21
N MET A 416 21.07 -5.34 -12.46
CA MET A 416 21.80 -4.69 -13.53
C MET A 416 21.45 -3.20 -13.53
N GLY A 417 22.46 -2.36 -13.73
CA GLY A 417 22.26 -0.91 -13.68
C GLY A 417 23.03 -0.21 -12.58
N VAL A 418 23.71 -0.95 -11.69
CA VAL A 418 24.40 -0.33 -10.56
C VAL A 418 25.85 0.00 -10.87
N GLY A 419 26.42 -0.54 -11.95
CA GLY A 419 27.86 -0.52 -12.17
C GLY A 419 28.51 0.84 -12.11
N ALA A 420 28.09 1.75 -12.98
CA ALA A 420 28.70 3.08 -13.00
C ALA A 420 28.33 3.87 -11.76
N GLY A 421 27.06 3.81 -11.34
CA GLY A 421 26.66 4.50 -10.13
C GLY A 421 27.48 4.09 -8.92
N GLN A 422 27.68 2.79 -8.74
CA GLN A 422 28.48 2.35 -7.61
C GLN A 422 29.94 2.69 -7.79
N ALA A 423 30.42 2.75 -9.04
CA ALA A 423 31.79 3.18 -9.25
C ALA A 423 31.95 4.66 -8.90
N ILE A 424 30.98 5.48 -9.28
CA ILE A 424 31.02 6.91 -8.95
C ILE A 424 30.93 7.12 -7.44
N ALA A 425 30.06 6.35 -6.78
CA ALA A 425 29.99 6.44 -5.32
C ALA A 425 31.34 6.10 -4.70
N ALA A 426 32.00 5.05 -5.19
CA ALA A 426 33.30 4.66 -4.65
C ALA A 426 34.33 5.76 -4.85
N ALA A 427 34.33 6.40 -6.02
CA ALA A 427 35.28 7.48 -6.28
C ALA A 427 35.00 8.68 -5.39
N SER A 428 33.73 8.94 -5.10
CA SER A 428 33.39 10.04 -4.22
C SER A 428 33.85 9.79 -2.80
N VAL A 429 33.72 8.54 -2.34
CA VAL A 429 34.09 8.19 -0.98
C VAL A 429 35.61 8.09 -0.83
N HIS A 430 36.30 7.56 -1.85
CA HIS A 430 37.74 7.37 -1.83
C HIS A 430 38.39 8.09 -3.01
N PRO A 431 38.52 9.41 -2.95
CA PRO A 431 39.10 10.14 -4.09
C PRO A 431 40.57 9.86 -4.31
N ASP A 432 41.26 9.28 -3.34
CA ASP A 432 42.67 8.97 -3.44
C ASP A 432 42.94 7.60 -4.07
N ARG A 433 41.92 6.88 -4.49
CA ARG A 433 42.10 5.51 -4.95
C ARG A 433 41.67 5.35 -6.40
N LYS A 434 42.17 4.28 -7.01
CA LYS A 434 41.78 3.90 -8.36
C LYS A 434 40.51 3.07 -8.30
N ILE A 435 39.54 3.41 -9.14
CA ILE A 435 38.30 2.65 -9.25
C ILE A 435 38.31 1.94 -10.60
N ILE A 436 38.12 0.62 -10.57
CA ILE A 436 38.03 -0.19 -11.79
C ILE A 436 36.60 -0.68 -11.94
N CYS A 437 35.98 -0.34 -13.07
CA CYS A 437 34.64 -0.79 -13.41
C CYS A 437 34.76 -1.88 -14.47
N VAL A 438 34.35 -3.10 -14.14
CA VAL A 438 34.39 -4.23 -15.06
C VAL A 438 32.97 -4.73 -15.27
N GLN A 439 32.42 -4.51 -16.46
CA GLN A 439 31.04 -4.87 -16.76
C GLN A 439 30.97 -5.72 -18.01
N GLY A 440 29.95 -6.57 -18.06
CA GLY A 440 29.55 -7.16 -19.33
C GLY A 440 28.90 -6.13 -20.23
N ASP A 441 28.85 -6.43 -21.53
CA ASP A 441 28.35 -5.43 -22.47
C ASP A 441 26.91 -5.03 -22.15
N SER A 442 26.07 -6.01 -21.80
CA SER A 442 24.69 -5.68 -21.43
C SER A 442 24.64 -4.79 -20.20
N ALA A 443 25.40 -5.17 -19.16
CA ALA A 443 25.44 -4.36 -17.94
C ALA A 443 25.84 -2.93 -18.26
N PHE A 444 26.83 -2.75 -19.13
CA PHE A 444 27.29 -1.41 -19.43
C PHE A 444 26.18 -0.54 -20.01
N GLY A 445 25.26 -1.15 -20.77
CA GLY A 445 24.23 -0.37 -21.45
C GLY A 445 23.13 0.13 -20.54
N PHE A 446 23.04 -0.39 -19.31
CA PHE A 446 21.99 0.06 -18.39
C PHE A 446 22.23 1.48 -17.92
N GLY A 447 23.48 1.91 -17.82
CA GLY A 447 23.74 3.31 -17.52
C GLY A 447 25.02 3.81 -18.14
N GLY A 448 25.22 3.54 -19.43
CA GLY A 448 26.48 3.90 -20.07
C GLY A 448 26.70 5.39 -20.15
N MET A 449 25.62 6.17 -20.13
CA MET A 449 25.77 7.62 -20.19
C MET A 449 26.54 8.14 -19.01
N GLU A 450 26.53 7.42 -17.89
CA GLU A 450 27.19 7.93 -16.69
C GLU A 450 28.70 7.95 -16.80
N VAL A 451 29.29 7.43 -17.89
CA VAL A 451 30.74 7.61 -18.06
C VAL A 451 31.06 9.09 -18.22
N GLU A 452 30.14 9.87 -18.79
CA GLU A 452 30.35 11.31 -18.90
C GLU A 452 30.26 11.98 -17.52
N THR A 453 29.39 11.47 -16.65
CA THR A 453 29.36 11.97 -15.27
C THR A 453 30.70 11.74 -14.59
N ALA A 454 31.30 10.56 -14.79
CA ALA A 454 32.61 10.28 -14.22
C ALA A 454 33.65 11.26 -14.75
N ALA A 455 33.61 11.54 -16.05
CA ALA A 455 34.57 12.48 -16.63
C ALA A 455 34.33 13.90 -16.15
N ARG A 456 33.07 14.30 -16.07
CA ARG A 456 32.75 15.69 -15.72
C ARG A 456 33.26 16.04 -14.34
N TYR A 457 33.20 15.10 -13.40
CA TYR A 457 33.68 15.34 -12.05
C TYR A 457 35.14 14.90 -11.85
N GLY A 458 35.83 14.53 -12.92
CA GLY A 458 37.23 14.19 -12.83
C GLY A 458 37.51 12.97 -11.98
N LEU A 459 36.60 12.01 -11.95
CA LEU A 459 36.77 10.83 -11.10
C LEU A 459 37.77 9.85 -11.71
N ASN A 460 38.54 9.20 -10.83
CA ASN A 460 39.60 8.28 -11.26
C ASN A 460 39.04 6.88 -11.47
N ILE A 461 38.21 6.75 -12.51
CA ILE A 461 37.54 5.50 -12.85
C ILE A 461 38.00 5.03 -14.23
N THR A 462 38.26 3.73 -14.34
CA THR A 462 38.51 3.11 -15.63
C THR A 462 37.41 2.10 -15.90
N PHE A 463 36.73 2.24 -17.03
CA PHE A 463 35.62 1.38 -17.43
C PHE A 463 36.14 0.29 -18.36
N VAL A 464 35.95 -0.96 -17.98
CA VAL A 464 36.30 -2.11 -18.81
C VAL A 464 35.00 -2.83 -19.16
N ILE A 465 34.77 -3.04 -20.45
CA ILE A 465 33.61 -3.76 -20.94
C ILE A 465 34.07 -5.09 -21.50
N ILE A 466 33.45 -6.16 -21.06
CA ILE A 466 33.74 -7.50 -21.55
C ILE A 466 32.57 -7.90 -22.43
N ASN A 467 32.79 -7.98 -23.74
CA ASN A 467 31.74 -7.85 -24.73
C ASN A 467 31.64 -9.13 -25.55
N ASN A 468 30.58 -9.92 -25.30
CA ASN A 468 30.27 -11.10 -26.09
C ASN A 468 29.05 -10.90 -26.98
N ASN A 469 28.66 -9.64 -27.22
CA ASN A 469 27.58 -9.25 -28.12
C ASN A 469 26.18 -9.50 -27.56
N GLY A 470 26.02 -9.59 -26.24
CA GLY A 470 24.68 -9.66 -25.71
C GLY A 470 24.63 -10.18 -24.28
N ILE A 471 23.42 -10.56 -23.88
CA ILE A 471 23.12 -11.08 -22.55
C ILE A 471 23.50 -12.57 -22.56
N GLY A 472 24.65 -12.89 -21.98
CA GLY A 472 25.16 -14.24 -22.13
C GLY A 472 25.67 -14.55 -23.52
N GLY A 473 25.80 -13.55 -24.36
CA GLY A 473 26.37 -13.75 -25.67
C GLY A 473 25.39 -13.49 -26.79
N GLY A 474 25.91 -12.99 -27.91
CA GLY A 474 25.12 -12.78 -29.10
C GLY A 474 25.89 -13.20 -30.34
N PRO A 475 25.17 -13.52 -31.42
CA PRO A 475 25.84 -13.99 -32.64
C PRO A 475 26.71 -12.91 -33.26
N ASP A 476 27.60 -13.36 -34.16
CA ASP A 476 28.51 -12.46 -34.85
C ASP A 476 27.85 -11.71 -36.00
N GLU A 477 26.69 -12.16 -36.45
CA GLU A 477 25.92 -11.50 -37.49
C GLU A 477 24.45 -11.66 -37.15
N LEU A 478 23.71 -10.55 -37.15
CA LEU A 478 22.30 -10.59 -36.81
C LEU A 478 21.46 -10.84 -38.05
N ASP A 479 20.49 -11.75 -37.93
CA ASP A 479 19.48 -11.99 -38.94
C ASP A 479 18.36 -10.96 -38.75
N PRO A 480 18.17 -10.03 -39.68
CA PRO A 480 17.15 -8.99 -39.48
C PRO A 480 15.76 -9.54 -39.21
N ALA A 481 15.44 -10.73 -39.73
CA ALA A 481 14.15 -11.34 -39.49
C ALA A 481 14.06 -12.02 -38.12
N HIS A 482 15.19 -12.51 -37.60
CA HIS A 482 15.23 -13.28 -36.34
C HIS A 482 16.30 -12.68 -35.44
N ILE A 483 15.98 -11.58 -34.76
CA ILE A 483 16.91 -10.93 -33.86
C ILE A 483 16.73 -11.54 -32.47
N PRO A 484 17.73 -12.21 -31.91
CA PRO A 484 17.59 -12.83 -30.59
C PRO A 484 17.27 -11.78 -29.54
N PRO A 485 16.35 -12.08 -28.62
CA PRO A 485 15.93 -11.08 -27.63
C PRO A 485 17.07 -10.52 -26.78
N GLY A 486 18.17 -11.26 -26.62
CA GLY A 486 19.27 -10.81 -25.80
C GLY A 486 20.52 -10.38 -26.54
N ALA A 487 20.47 -10.24 -27.86
CA ALA A 487 21.62 -9.85 -28.65
C ALA A 487 21.70 -8.33 -28.80
N TYR A 488 22.92 -7.82 -28.98
CA TYR A 488 23.12 -6.44 -29.37
C TYR A 488 23.88 -6.42 -30.69
N THR A 489 24.03 -5.21 -31.25
CA THR A 489 24.84 -5.00 -32.44
C THR A 489 26.18 -5.71 -32.27
N PRO A 490 26.55 -6.61 -33.19
CA PRO A 490 27.83 -7.32 -33.04
C PRO A 490 28.99 -6.35 -33.12
N GLN A 491 29.96 -6.55 -32.21
CA GLN A 491 31.14 -5.69 -32.12
C GLN A 491 30.75 -4.23 -32.01
N ALA A 492 29.76 -3.95 -31.17
CA ALA A 492 29.38 -2.57 -30.88
C ALA A 492 30.54 -1.85 -30.23
N HIS A 493 30.89 -0.68 -30.78
CA HIS A 493 32.08 0.05 -30.35
C HIS A 493 31.74 1.01 -29.21
N TYR A 494 31.44 0.42 -28.05
CA TYR A 494 31.10 1.23 -26.89
C TYR A 494 32.24 2.17 -26.50
N GLU A 495 33.48 1.83 -26.84
CA GLU A 495 34.60 2.70 -26.49
C GLU A 495 34.52 4.04 -27.19
N LYS A 496 33.74 4.15 -28.27
CA LYS A 496 33.53 5.45 -28.91
C LYS A 496 32.82 6.44 -28.00
N MET A 497 32.11 5.96 -26.98
CA MET A 497 31.50 6.88 -26.02
C MET A 497 32.54 7.67 -25.23
N ALA A 498 33.80 7.22 -25.23
CA ALA A 498 34.83 8.04 -24.59
C ALA A 498 35.03 9.35 -25.33
N ASP A 499 34.77 9.36 -26.63
CA ASP A 499 34.88 10.59 -27.41
C ASP A 499 33.83 11.62 -27.05
N VAL A 500 32.75 11.21 -26.38
CA VAL A 500 31.72 12.17 -25.99
C VAL A 500 32.31 13.26 -25.11
N TYR A 501 33.24 12.89 -24.21
CA TYR A 501 33.83 13.83 -23.28
C TYR A 501 35.32 14.07 -23.52
N GLY A 502 35.86 13.57 -24.63
CA GLY A 502 37.25 13.76 -24.95
C GLY A 502 38.21 12.78 -24.32
N GLY A 503 37.73 11.62 -23.86
CA GLY A 503 38.59 10.59 -23.31
C GLY A 503 39.15 9.67 -24.39
N LYS A 504 39.77 8.59 -23.93
CA LYS A 504 40.38 7.60 -24.82
C LYS A 504 39.59 6.30 -24.77
N GLY A 505 39.23 5.79 -25.94
CA GLY A 505 38.49 4.54 -26.06
C GLY A 505 39.36 3.52 -26.77
N TYR A 506 39.31 2.28 -26.29
CA TYR A 506 40.15 1.20 -26.81
C TYR A 506 39.27 0.01 -27.16
N PHE A 507 39.57 -0.59 -28.32
CA PHE A 507 38.89 -1.76 -28.82
C PHE A 507 39.90 -2.90 -28.87
N VAL A 508 39.67 -3.94 -28.07
CA VAL A 508 40.64 -5.03 -27.90
C VAL A 508 40.03 -6.33 -28.41
N THR A 509 40.75 -7.02 -29.31
CA THR A 509 40.35 -8.34 -29.78
C THR A 509 41.37 -9.45 -29.56
N THR A 510 42.65 -9.13 -29.35
CA THR A 510 43.67 -10.17 -29.27
C THR A 510 44.48 -10.06 -27.98
N PRO A 511 45.06 -11.17 -27.52
CA PRO A 511 45.76 -11.14 -26.22
C PRO A 511 46.96 -10.21 -26.17
N ASP A 512 47.64 -9.97 -27.29
CA ASP A 512 48.83 -9.11 -27.27
C ASP A 512 48.48 -7.65 -26.99
N GLN A 513 47.24 -7.25 -27.22
CA GLN A 513 46.83 -5.87 -26.94
C GLN A 513 46.49 -5.65 -25.47
N LEU A 514 46.13 -6.72 -24.73
CA LEU A 514 45.53 -6.58 -23.41
C LEU A 514 46.41 -5.75 -22.48
N LYS A 515 47.67 -6.16 -22.31
CA LYS A 515 48.51 -5.53 -21.31
C LYS A 515 48.84 -4.08 -21.65
N PRO A 516 49.37 -3.73 -22.83
CA PRO A 516 49.66 -2.32 -23.10
C PRO A 516 48.43 -1.44 -23.09
N VAL A 517 47.29 -1.94 -23.57
CA VAL A 517 46.08 -1.12 -23.63
C VAL A 517 45.54 -0.84 -22.22
N LEU A 518 45.45 -1.89 -21.39
CA LEU A 518 44.97 -1.70 -20.02
C LEU A 518 45.90 -0.77 -19.23
N GLU A 519 47.22 -0.88 -19.47
CA GLU A 519 48.16 -0.04 -18.77
C GLU A 519 48.01 1.42 -19.16
N GLU A 520 47.94 1.70 -20.46
CA GLU A 520 47.75 3.06 -20.93
C GLU A 520 46.39 3.63 -20.51
N ALA A 521 45.36 2.78 -20.53
CA ALA A 521 44.02 3.25 -20.16
C ALA A 521 43.96 3.69 -18.70
N MET A 522 44.57 2.91 -17.80
CA MET A 522 44.51 3.23 -16.38
C MET A 522 45.25 4.52 -16.05
N ALA A 523 46.26 4.88 -16.83
CA ALA A 523 47.02 6.09 -16.58
C ALA A 523 46.40 7.35 -17.20
N GLN A 524 45.23 7.25 -17.83
CA GLN A 524 44.65 8.41 -18.48
C GLN A 524 44.10 9.40 -17.46
N PRO A 525 44.25 10.70 -17.70
CA PRO A 525 43.66 11.70 -16.79
C PRO A 525 42.15 11.80 -16.89
N LYS A 526 41.55 11.37 -18.00
CA LYS A 526 40.11 11.23 -18.12
C LYS A 526 39.72 9.76 -18.08
N PRO A 527 38.47 9.43 -17.72
CA PRO A 527 38.07 8.02 -17.68
C PRO A 527 38.16 7.37 -19.06
N ALA A 528 38.97 6.34 -19.14
CA ALA A 528 39.09 5.57 -20.37
C ALA A 528 38.04 4.47 -20.39
N ILE A 529 37.69 4.03 -21.59
CA ILE A 529 36.79 2.91 -21.80
C ILE A 529 37.53 1.88 -22.63
N VAL A 530 37.63 0.66 -22.11
CA VAL A 530 38.30 -0.43 -22.78
C VAL A 530 37.25 -1.47 -23.15
N ASN A 531 36.99 -1.61 -24.45
CA ASN A 531 35.99 -2.52 -24.99
C ASN A 531 36.70 -3.78 -25.49
N ILE A 532 36.47 -4.90 -24.81
CA ILE A 532 37.23 -6.14 -25.02
C ILE A 532 36.29 -7.22 -25.54
N MET A 533 36.52 -7.65 -26.77
CA MET A 533 35.69 -8.69 -27.37
C MET A 533 36.09 -10.07 -26.87
N ILE A 534 35.10 -10.86 -26.48
CA ILE A 534 35.33 -12.24 -26.07
C ILE A 534 34.38 -13.14 -26.85
N SER A 535 34.65 -14.44 -26.80
CA SER A 535 33.81 -15.41 -27.49
C SER A 535 32.44 -15.52 -26.82
N ASN A 536 31.43 -15.81 -27.64
CA ASN A 536 30.08 -16.01 -27.12
C ASN A 536 29.85 -17.43 -26.64
N LYS A 537 30.83 -18.33 -26.81
CA LYS A 537 30.77 -19.64 -26.19
C LYS A 537 31.27 -19.64 -24.75
N SER A 538 32.11 -18.67 -24.40
CA SER A 538 32.81 -18.68 -23.12
C SER A 538 31.84 -18.50 -21.95
N GLY A 539 32.12 -19.19 -20.84
CA GLY A 539 31.28 -19.13 -19.66
C GLY A 539 30.82 -20.49 -19.18
N MET B 1 -0.64 -36.97 -24.82
CA MET B 1 -1.35 -35.74 -25.19
C MET B 1 -0.44 -34.52 -25.16
N ALA B 2 -0.71 -33.57 -26.04
CA ALA B 2 0.16 -32.40 -26.19
C ALA B 2 0.07 -31.49 -24.98
N THR B 3 1.21 -30.89 -24.62
CA THR B 3 1.30 -29.98 -23.50
C THR B 3 1.81 -28.62 -23.97
N ILE B 4 1.73 -27.64 -23.07
CA ILE B 4 2.10 -26.27 -23.39
C ILE B 4 2.55 -25.57 -22.10
N THR B 5 3.57 -24.72 -22.20
CA THR B 5 4.09 -24.03 -21.03
C THR B 5 3.32 -22.74 -20.75
N GLY B 6 3.46 -22.24 -19.52
CA GLY B 6 2.83 -20.98 -19.17
C GLY B 6 3.28 -19.84 -20.07
N ALA B 7 4.58 -19.80 -20.39
CA ALA B 7 5.10 -18.80 -21.31
C ALA B 7 4.37 -18.84 -22.64
N GLN B 8 4.20 -20.02 -23.20
CA GLN B 8 3.53 -20.14 -24.49
C GLN B 8 2.07 -19.76 -24.40
N ILE B 9 1.40 -20.12 -23.30
CA ILE B 9 0.01 -19.72 -23.11
C ILE B 9 -0.11 -18.20 -23.08
N VAL B 10 0.76 -17.54 -22.31
CA VAL B 10 0.73 -16.08 -22.19
C VAL B 10 0.93 -15.43 -23.56
N ALA B 11 1.91 -15.92 -24.32
CA ALA B 11 2.19 -15.36 -25.64
C ALA B 11 1.00 -15.55 -26.58
N ARG B 12 0.43 -16.75 -26.60
CA ARG B 12 -0.74 -17.00 -27.43
C ARG B 12 -1.92 -16.13 -27.01
N ALA B 13 -2.14 -15.99 -25.71
CA ALA B 13 -3.26 -15.18 -25.24
C ALA B 13 -3.06 -13.70 -25.56
N LEU B 14 -1.85 -13.18 -25.32
CA LEU B 14 -1.58 -11.78 -25.64
C LEU B 14 -1.82 -11.50 -27.12
N LYS B 15 -1.32 -12.38 -27.98
CA LYS B 15 -1.53 -12.21 -29.42
C LYS B 15 -3.01 -12.20 -29.76
N GLN B 16 -3.79 -13.09 -29.12
CA GLN B 16 -5.23 -13.14 -29.39
C GLN B 16 -5.94 -11.88 -28.95
N GLN B 17 -5.48 -11.25 -27.87
CA GLN B 17 -6.12 -10.05 -27.36
C GLN B 17 -5.70 -8.78 -28.09
N GLY B 18 -4.93 -8.90 -29.17
CA GLY B 18 -4.56 -7.74 -29.96
C GLY B 18 -3.24 -7.09 -29.59
N VAL B 19 -2.45 -7.71 -28.70
CA VAL B 19 -1.13 -7.19 -28.38
C VAL B 19 -0.18 -7.48 -29.54
N GLU B 20 0.51 -6.44 -30.01
CA GLU B 20 1.41 -6.61 -31.14
C GLU B 20 2.84 -6.16 -30.86
N HIS B 21 3.09 -5.42 -29.78
CA HIS B 21 4.41 -4.86 -29.51
C HIS B 21 4.78 -5.14 -28.06
N MET B 22 5.99 -5.66 -27.87
CA MET B 22 6.51 -5.99 -26.56
C MET B 22 7.94 -5.46 -26.45
N PHE B 23 8.23 -4.75 -25.36
CA PHE B 23 9.53 -4.15 -25.12
C PHE B 23 10.03 -4.58 -23.75
N GLY B 24 11.29 -4.95 -23.65
CA GLY B 24 11.83 -5.30 -22.35
C GLY B 24 13.27 -5.78 -22.43
N ILE B 25 13.68 -6.48 -21.38
CA ILE B 25 15.00 -7.06 -21.29
C ILE B 25 14.86 -8.46 -20.70
N VAL B 26 15.42 -9.45 -21.39
CA VAL B 26 15.20 -10.83 -20.99
C VAL B 26 16.12 -11.21 -19.83
N GLY B 27 15.78 -12.30 -19.19
CA GLY B 27 16.44 -12.78 -18.00
C GLY B 27 15.49 -13.66 -17.22
N ILE B 28 16.06 -14.39 -16.27
CA ILE B 28 15.25 -15.24 -15.40
C ILE B 28 14.15 -14.39 -14.77
N PRO B 29 12.87 -14.81 -14.86
CA PRO B 29 12.36 -16.04 -15.47
C PRO B 29 11.55 -15.79 -16.74
N VAL B 30 11.76 -14.66 -17.44
CA VAL B 30 10.90 -14.28 -18.56
C VAL B 30 11.57 -14.56 -19.90
N ILE B 31 12.72 -15.22 -19.92
CA ILE B 31 13.35 -15.60 -21.18
C ILE B 31 12.38 -16.35 -22.10
N PRO B 32 11.69 -17.41 -21.65
CA PRO B 32 10.77 -18.11 -22.57
C PRO B 32 9.60 -17.27 -23.07
N ILE B 33 9.19 -16.24 -22.31
CA ILE B 33 8.07 -15.41 -22.76
C ILE B 33 8.44 -14.63 -24.01
N ALA B 34 9.61 -13.99 -24.01
CA ALA B 34 10.03 -13.25 -25.19
C ALA B 34 10.20 -14.18 -26.39
N ALA B 35 10.70 -15.39 -26.15
CA ALA B 35 10.85 -16.35 -27.24
C ALA B 35 9.50 -16.79 -27.78
N ALA B 36 8.55 -17.09 -26.89
CA ALA B 36 7.22 -17.50 -27.34
C ALA B 36 6.48 -16.33 -27.98
N ALA B 37 6.75 -15.10 -27.55
CA ALA B 37 6.14 -13.93 -28.18
C ALA B 37 6.63 -13.77 -29.61
N GLN B 38 7.92 -14.01 -29.85
CA GLN B 38 8.44 -13.90 -31.21
C GLN B 38 7.83 -14.96 -32.12
N ARG B 39 7.66 -16.19 -31.62
CA ARG B 39 7.07 -17.24 -32.43
C ARG B 39 5.58 -17.02 -32.68
N GLU B 40 4.92 -16.20 -31.87
CA GLU B 40 3.51 -15.88 -32.08
C GLU B 40 3.30 -14.68 -32.98
N GLY B 41 4.35 -14.01 -33.41
CA GLY B 41 4.23 -12.84 -34.25
C GLY B 41 4.25 -11.52 -33.52
N ILE B 42 4.31 -11.51 -32.19
CA ILE B 42 4.49 -10.27 -31.46
C ILE B 42 5.89 -9.73 -31.73
N LYS B 43 5.98 -8.44 -32.01
CA LYS B 43 7.28 -7.81 -32.23
C LYS B 43 7.94 -7.56 -30.88
N PHE B 44 9.10 -8.19 -30.65
CA PHE B 44 9.83 -8.00 -29.40
C PHE B 44 11.06 -7.16 -29.63
N TYR B 45 11.28 -6.19 -28.75
CA TYR B 45 12.43 -5.31 -28.81
C TYR B 45 13.19 -5.43 -27.50
N GLY B 46 14.46 -5.83 -27.58
CA GLY B 46 15.34 -5.85 -26.43
C GLY B 46 16.01 -4.51 -26.18
N PHE B 47 15.64 -3.86 -25.08
CA PHE B 47 16.12 -2.53 -24.75
C PHE B 47 17.39 -2.61 -23.91
N HIS B 48 17.98 -1.44 -23.62
CA HIS B 48 19.12 -1.36 -22.74
C HIS B 48 18.75 -1.08 -21.29
N ASN B 49 17.52 -0.64 -21.03
CA ASN B 49 17.04 -0.40 -19.68
C ASN B 49 15.52 -0.52 -19.70
N GLU B 50 14.96 -1.22 -18.71
CA GLU B 50 13.51 -1.41 -18.68
C GLU B 50 12.76 -0.10 -18.52
N GLN B 51 13.40 0.93 -17.96
CA GLN B 51 12.78 2.23 -17.81
C GLN B 51 12.31 2.74 -19.16
N SER B 52 13.24 2.86 -20.12
CA SER B 52 12.88 3.27 -21.46
C SER B 52 11.88 2.32 -22.09
N ALA B 53 12.05 1.01 -21.88
CA ALA B 53 11.12 0.05 -22.48
C ALA B 53 9.71 0.23 -21.95
N SER B 54 9.56 0.55 -20.66
CA SER B 54 8.24 0.70 -20.10
C SER B 54 7.55 1.95 -20.63
N TYR B 55 8.31 3.00 -20.95
CA TYR B 55 7.73 4.17 -21.60
C TYR B 55 7.27 3.85 -23.01
N ALA B 56 8.01 3.01 -23.73
CA ALA B 56 7.60 2.61 -25.08
C ALA B 56 6.27 1.88 -25.05
N ALA B 57 6.04 1.06 -24.03
CA ALA B 57 4.81 0.27 -23.97
C ALA B 57 3.57 1.15 -23.83
N GLY B 58 3.67 2.21 -23.04
CA GLY B 58 2.54 3.13 -22.90
C GLY B 58 2.27 3.92 -24.17
N ALA B 59 3.33 4.29 -24.89
CA ALA B 59 3.14 5.05 -26.11
C ALA B 59 2.44 4.20 -27.18
N VAL B 60 2.74 2.90 -27.21
CA VAL B 60 2.02 2.01 -28.12
C VAL B 60 0.54 2.02 -27.79
N GLY B 61 0.20 2.02 -26.50
CA GLY B 61 -1.20 2.10 -26.11
C GLY B 61 -1.87 3.36 -26.61
N TYR B 62 -1.17 4.49 -26.53
CA TYR B 62 -1.75 5.73 -27.02
C TYR B 62 -1.94 5.69 -28.54
N LEU B 63 -0.94 5.18 -29.25
CA LEU B 63 -0.95 5.21 -30.71
C LEU B 63 -1.93 4.21 -31.32
N THR B 64 -2.20 3.07 -30.66
CA THR B 64 -2.97 2.00 -31.30
C THR B 64 -4.30 1.71 -30.64
N GLY B 65 -4.52 2.15 -29.41
CA GLY B 65 -5.72 1.77 -28.70
C GLY B 65 -5.69 0.39 -28.09
N ARG B 66 -4.57 -0.33 -28.17
CA ARG B 66 -4.34 -1.56 -27.46
C ARG B 66 -3.06 -1.44 -26.64
N PRO B 67 -3.00 -2.06 -25.46
CA PRO B 67 -1.82 -1.87 -24.60
C PRO B 67 -0.56 -2.39 -25.24
N GLY B 68 0.51 -1.61 -25.15
CA GLY B 68 1.83 -2.16 -25.32
C GLY B 68 2.22 -2.96 -24.09
N VAL B 69 3.14 -3.90 -24.27
CA VAL B 69 3.57 -4.75 -23.16
C VAL B 69 5.03 -4.44 -22.86
N CYS B 70 5.33 -4.22 -21.58
CA CYS B 70 6.70 -4.20 -21.12
C CYS B 70 7.00 -5.50 -20.38
N LEU B 71 8.05 -6.20 -20.81
CA LEU B 71 8.45 -7.47 -20.21
C LEU B 71 9.68 -7.25 -19.35
N ALA B 72 9.58 -7.58 -18.07
CA ALA B 72 10.65 -7.30 -17.11
C ALA B 72 10.91 -8.50 -16.24
N VAL B 73 12.17 -8.68 -15.84
CA VAL B 73 12.54 -9.75 -14.92
C VAL B 73 12.03 -9.43 -13.53
N SER B 74 12.18 -10.39 -12.62
CA SER B 74 11.75 -10.21 -11.25
C SER B 74 12.54 -9.11 -10.56
N GLY B 75 11.98 -8.58 -9.48
CA GLY B 75 12.68 -7.66 -8.63
C GLY B 75 13.03 -6.34 -9.29
N PRO B 76 14.33 -6.06 -9.43
CA PRO B 76 14.73 -4.76 -9.97
C PRO B 76 14.27 -4.51 -11.40
N GLY B 77 14.05 -5.57 -12.19
CA GLY B 77 13.57 -5.37 -13.55
C GLY B 77 12.16 -4.81 -13.56
N MET B 78 11.28 -5.41 -12.77
CA MET B 78 9.92 -4.89 -12.63
C MET B 78 9.92 -3.49 -12.03
N ILE B 79 10.84 -3.21 -11.09
CA ILE B 79 10.84 -1.91 -10.42
C ILE B 79 11.24 -0.80 -11.39
N HIS B 80 12.25 -1.05 -12.23
CA HIS B 80 12.54 -0.13 -13.33
C HIS B 80 11.30 0.12 -14.20
N GLY B 81 10.46 -0.89 -14.38
CA GLY B 81 9.28 -0.73 -15.20
C GLY B 81 8.17 0.07 -14.56
N ILE B 82 8.26 0.34 -13.25
CA ILE B 82 7.22 1.13 -12.60
C ILE B 82 7.17 2.53 -13.20
N ALA B 83 8.27 3.02 -13.74
CA ALA B 83 8.28 4.33 -14.39
C ALA B 83 7.23 4.40 -15.49
N GLY B 84 7.12 3.35 -16.30
CA GLY B 84 6.15 3.35 -17.38
C GLY B 84 4.72 3.17 -16.91
N LEU B 85 4.52 2.40 -15.84
CA LEU B 85 3.21 2.32 -15.23
C LEU B 85 2.74 3.70 -14.81
N ALA B 86 3.60 4.44 -14.10
CA ALA B 86 3.21 5.75 -13.58
C ALA B 86 2.94 6.72 -14.71
N ASN B 87 3.74 6.66 -15.78
CA ASN B 87 3.50 7.52 -16.92
C ASN B 87 2.17 7.19 -17.59
N ALA B 88 1.86 5.90 -17.74
CA ALA B 88 0.58 5.52 -18.33
C ALA B 88 -0.57 5.91 -17.40
N TRP B 89 -0.38 5.74 -16.09
CA TRP B 89 -1.36 6.22 -15.12
C TRP B 89 -1.62 7.71 -15.30
N SER B 90 -0.55 8.49 -15.45
CA SER B 90 -0.69 9.95 -15.53
C SER B 90 -1.41 10.39 -16.80
N ASN B 91 -1.21 9.68 -17.91
CA ASN B 91 -1.79 10.06 -19.20
C ASN B 91 -3.02 9.24 -19.55
N ASN B 92 -3.39 8.28 -18.71
CA ASN B 92 -4.52 7.39 -18.96
C ASN B 92 -4.35 6.66 -20.30
N TRP B 93 -3.16 6.00 -20.45
CA TRP B 93 -2.76 5.23 -21.60
C TRP B 93 -2.79 3.73 -21.30
N PRO B 94 -3.32 2.92 -22.21
CA PRO B 94 -3.33 1.47 -21.96
C PRO B 94 -1.93 0.90 -22.03
N MET B 95 -1.57 0.13 -21.01
CA MET B 95 -0.21 -0.38 -20.90
C MET B 95 -0.20 -1.55 -19.93
N ILE B 96 0.57 -2.59 -20.26
CA ILE B 96 0.70 -3.76 -19.39
C ILE B 96 2.17 -3.95 -19.08
N LEU B 97 2.48 -4.04 -17.80
CA LEU B 97 3.79 -4.48 -17.34
C LEU B 97 3.67 -5.95 -16.93
N ILE B 98 4.49 -6.79 -17.56
CA ILE B 98 4.60 -8.21 -17.21
C ILE B 98 5.94 -8.39 -16.50
N GLY B 99 5.89 -8.71 -15.22
CA GLY B 99 7.06 -8.88 -14.40
C GLY B 99 7.19 -10.31 -13.93
N GLY B 100 8.34 -10.90 -14.18
CA GLY B 100 8.67 -12.15 -13.55
C GLY B 100 8.69 -12.03 -12.04
N ALA B 101 8.51 -13.16 -11.36
CA ALA B 101 8.66 -13.24 -9.93
C ALA B 101 9.38 -14.55 -9.62
N ASN B 102 9.98 -14.62 -8.44
CA ASN B 102 10.63 -15.84 -8.03
C ASN B 102 9.61 -16.97 -7.96
N ASP B 103 10.10 -18.20 -8.05
CA ASP B 103 9.22 -19.36 -8.00
C ASP B 103 8.43 -19.35 -6.69
N SER B 104 7.16 -19.72 -6.78
CA SER B 104 6.25 -19.52 -5.66
C SER B 104 6.63 -20.39 -4.47
N TYR B 105 7.20 -21.57 -4.71
CA TYR B 105 7.57 -22.43 -3.59
C TYR B 105 8.84 -21.95 -2.85
N GLN B 106 9.38 -20.80 -3.24
CA GLN B 106 10.49 -20.17 -2.54
C GLN B 106 10.10 -18.88 -1.83
N ASN B 107 8.83 -18.49 -1.86
CA ASN B 107 8.38 -17.34 -1.10
C ASN B 107 8.80 -17.48 0.37
N GLY B 108 9.29 -16.37 0.93
CA GLY B 108 9.71 -16.35 2.31
C GLY B 108 11.11 -16.85 2.57
N GLN B 109 11.81 -17.34 1.55
CA GLN B 109 13.15 -17.88 1.75
C GLN B 109 14.25 -16.87 1.45
N GLY B 110 13.91 -15.67 0.99
CA GLY B 110 14.92 -14.78 0.46
C GLY B 110 15.31 -15.25 -0.93
N ALA B 111 14.31 -15.54 -1.77
CA ALA B 111 14.58 -16.06 -3.09
C ALA B 111 15.21 -14.99 -3.97
N PHE B 112 15.81 -15.43 -5.06
CA PHE B 112 16.45 -14.51 -5.98
C PHE B 112 15.44 -13.49 -6.49
N GLN B 113 15.71 -12.22 -6.19
CA GLN B 113 14.87 -11.10 -6.64
C GLN B 113 13.44 -11.19 -6.11
N GLU B 114 13.28 -11.78 -4.93
CA GLU B 114 12.00 -11.73 -4.23
C GLU B 114 11.68 -10.29 -3.83
N ALA B 115 10.49 -9.82 -4.19
CA ALA B 115 10.12 -8.43 -3.94
C ALA B 115 8.60 -8.30 -3.92
N PRO B 116 8.05 -7.31 -3.21
CA PRO B 116 6.60 -7.07 -3.20
C PRO B 116 6.12 -6.29 -4.43
N GLN B 117 6.07 -6.99 -5.56
CA GLN B 117 5.89 -6.33 -6.84
C GLN B 117 4.45 -5.88 -7.05
N ILE B 118 3.47 -6.70 -6.63
CA ILE B 118 2.07 -6.28 -6.70
C ILE B 118 1.89 -4.96 -5.96
N GLU B 119 2.41 -4.88 -4.72
CA GLU B 119 2.21 -3.69 -3.93
C GLU B 119 3.00 -2.51 -4.47
N SER B 120 4.08 -2.78 -5.20
CA SER B 120 4.85 -1.70 -5.84
C SER B 120 4.12 -1.14 -7.06
N ALA B 121 3.35 -1.97 -7.76
CA ALA B 121 2.58 -1.48 -8.91
C ALA B 121 1.27 -0.81 -8.51
N ARG B 122 0.71 -1.19 -7.37
CA ARG B 122 -0.67 -0.83 -7.03
C ARG B 122 -1.03 0.65 -7.19
N PRO B 123 -0.21 1.62 -6.78
CA PRO B 123 -0.65 3.02 -6.88
C PRO B 123 -0.94 3.46 -8.31
N TYR B 124 -0.40 2.78 -9.32
CA TYR B 124 -0.42 3.30 -10.68
C TYR B 124 -1.22 2.46 -11.66
N VAL B 125 -1.81 1.35 -11.23
CA VAL B 125 -2.47 0.45 -12.17
C VAL B 125 -3.97 0.41 -11.89
N LYS B 126 -4.75 0.17 -12.93
CA LYS B 126 -6.15 -0.19 -12.73
C LYS B 126 -6.31 -1.64 -12.32
N TYR B 127 -5.29 -2.46 -12.53
CA TYR B 127 -5.43 -3.90 -12.39
C TYR B 127 -4.07 -4.49 -12.06
N ALA B 128 -4.00 -5.30 -11.00
CA ALA B 128 -2.79 -6.01 -10.64
C ALA B 128 -3.19 -7.42 -10.21
N ALA B 129 -2.55 -8.42 -10.80
CA ALA B 129 -2.93 -9.79 -10.53
C ALA B 129 -1.72 -10.72 -10.62
N ARG B 130 -1.69 -11.71 -9.73
CA ARG B 130 -0.81 -12.85 -9.88
C ARG B 130 -1.66 -14.04 -10.25
N PRO B 131 -1.54 -14.59 -11.47
CA PRO B 131 -2.36 -15.76 -11.84
C PRO B 131 -2.18 -16.90 -10.86
N ASP B 132 -3.30 -17.49 -10.44
CA ASP B 132 -3.26 -18.56 -9.45
C ASP B 132 -2.70 -19.85 -10.03
N SER B 133 -2.81 -20.05 -11.34
CA SER B 133 -2.47 -21.34 -11.92
C SER B 133 -2.23 -21.18 -13.42
N ILE B 134 -1.53 -22.15 -13.99
CA ILE B 134 -1.13 -22.07 -15.39
C ILE B 134 -2.34 -22.10 -16.30
N ALA B 135 -3.33 -22.95 -15.98
CA ALA B 135 -4.47 -23.15 -16.87
C ALA B 135 -5.35 -21.91 -16.97
N ARG B 136 -5.35 -21.05 -15.95
CA ARG B 136 -6.18 -19.85 -15.97
C ARG B 136 -5.46 -18.64 -16.53
N LEU B 137 -4.24 -18.77 -17.00
CA LEU B 137 -3.51 -17.62 -17.54
C LEU B 137 -4.28 -16.83 -18.60
N PRO B 138 -4.99 -17.46 -19.56
CA PRO B 138 -5.72 -16.65 -20.54
C PRO B 138 -6.83 -15.83 -19.92
N PHE B 139 -7.38 -16.29 -18.79
CA PHE B 139 -8.38 -15.49 -18.07
C PHE B 139 -7.78 -14.15 -17.65
N TYR B 140 -6.59 -14.19 -17.05
CA TYR B 140 -5.98 -12.97 -16.53
C TYR B 140 -5.49 -12.07 -17.65
N VAL B 141 -4.95 -12.66 -18.72
CA VAL B 141 -4.52 -11.86 -19.86
C VAL B 141 -5.69 -11.10 -20.45
N GLU B 142 -6.80 -11.77 -20.70
CA GLU B 142 -7.95 -11.09 -21.27
C GLU B 142 -8.50 -10.04 -20.31
N GLN B 143 -8.58 -10.37 -19.01
CA GLN B 143 -9.11 -9.41 -18.05
C GLN B 143 -8.18 -8.22 -17.91
N ALA B 144 -6.87 -8.42 -18.05
CA ALA B 144 -5.93 -7.30 -17.95
C ALA B 144 -6.03 -6.39 -19.18
N VAL B 145 -6.04 -6.99 -20.37
CA VAL B 145 -6.17 -6.19 -21.59
C VAL B 145 -7.45 -5.39 -21.57
N ARG B 146 -8.58 -6.06 -21.31
CA ARG B 146 -9.87 -5.38 -21.28
C ARG B 146 -9.88 -4.25 -20.25
N THR B 147 -9.26 -4.47 -19.09
CA THR B 147 -9.26 -3.43 -18.06
C THR B 147 -8.46 -2.21 -18.51
N THR B 148 -7.44 -2.41 -19.35
CA THR B 148 -6.61 -1.26 -19.73
C THR B 148 -7.33 -0.36 -20.72
N ILE B 149 -8.25 -0.90 -21.51
CA ILE B 149 -8.83 -0.14 -22.61
C ILE B 149 -10.31 0.19 -22.41
N TYR B 150 -11.00 -0.46 -21.48
CA TYR B 150 -12.38 -0.12 -21.18
C TYR B 150 -12.43 0.95 -20.10
N GLY B 151 -13.46 1.79 -20.16
CA GLY B 151 -13.53 2.90 -19.24
C GLY B 151 -12.42 3.90 -19.54
N ARG B 152 -11.96 4.57 -18.49
CA ARG B 152 -10.81 5.44 -18.61
C ARG B 152 -9.54 4.60 -18.75
N PRO B 153 -8.84 4.66 -19.88
CA PRO B 153 -7.71 3.74 -20.10
C PRO B 153 -6.62 3.93 -19.06
N GLY B 154 -5.87 2.85 -18.83
CA GLY B 154 -4.81 2.91 -17.85
C GLY B 154 -3.96 1.65 -17.87
N ALA B 155 -3.15 1.49 -16.83
CA ALA B 155 -2.11 0.48 -16.77
C ALA B 155 -2.57 -0.76 -16.00
N ALA B 156 -1.97 -1.90 -16.34
CA ALA B 156 -2.19 -3.14 -15.64
C ALA B 156 -0.84 -3.80 -15.35
N TYR B 157 -0.78 -4.60 -14.29
CA TYR B 157 0.43 -5.33 -13.93
C TYR B 157 0.10 -6.81 -13.77
N LEU B 158 0.85 -7.66 -14.46
CA LEU B 158 0.74 -9.11 -14.31
C LEU B 158 2.01 -9.65 -13.64
N ASP B 159 1.83 -10.37 -12.54
CA ASP B 159 2.91 -10.89 -11.72
C ASP B 159 3.00 -12.40 -11.96
N LEU B 160 4.04 -12.84 -12.67
CA LEU B 160 4.12 -14.24 -13.08
C LEU B 160 5.26 -14.95 -12.37
N PRO B 161 4.98 -15.77 -11.35
CA PRO B 161 6.04 -16.56 -10.73
C PRO B 161 6.72 -17.47 -11.73
N GLY B 162 8.03 -17.67 -11.54
CA GLY B 162 8.81 -18.45 -12.49
C GLY B 162 8.23 -19.81 -12.80
N ASP B 163 7.60 -20.47 -11.81
CA ASP B 163 7.05 -21.81 -12.03
C ASP B 163 5.71 -21.77 -12.77
N ILE B 164 5.04 -20.62 -12.81
CA ILE B 164 3.90 -20.46 -13.71
C ILE B 164 4.40 -20.35 -15.15
N ILE B 165 5.54 -19.69 -15.35
CA ILE B 165 6.07 -19.48 -16.70
C ILE B 165 6.60 -20.80 -17.26
N SER B 166 7.40 -21.52 -16.48
CA SER B 166 8.12 -22.68 -16.97
C SER B 166 7.36 -23.99 -16.81
N GLY B 167 6.32 -24.03 -15.98
CA GLY B 167 5.51 -25.22 -15.87
C GLY B 167 4.67 -25.45 -17.11
N SER B 168 4.16 -26.67 -17.23
CA SER B 168 3.37 -27.07 -18.38
C SER B 168 2.05 -27.68 -17.94
N VAL B 169 1.02 -27.49 -18.76
CA VAL B 169 -0.25 -28.18 -18.60
C VAL B 169 -0.61 -28.82 -19.93
N GLU B 170 -1.58 -29.72 -19.88
CA GLU B 170 -2.14 -30.27 -21.10
C GLU B 170 -2.91 -29.20 -21.85
N GLU B 171 -2.69 -29.12 -23.17
CA GLU B 171 -3.33 -28.10 -23.98
C GLU B 171 -4.85 -28.16 -23.87
N ALA B 172 -5.41 -29.36 -23.72
CA ALA B 172 -6.85 -29.52 -23.58
C ALA B 172 -7.39 -28.91 -22.30
N GLU B 173 -6.53 -28.56 -21.33
CA GLU B 173 -6.96 -27.99 -20.07
C GLU B 173 -7.06 -26.48 -20.11
N VAL B 174 -6.79 -25.84 -21.25
CA VAL B 174 -6.66 -24.39 -21.35
C VAL B 174 -7.80 -23.86 -22.20
N THR B 175 -8.60 -22.98 -21.61
CA THR B 175 -9.66 -22.26 -22.31
C THR B 175 -9.17 -20.86 -22.66
N TYR B 176 -9.37 -20.44 -23.90
CA TYR B 176 -8.94 -19.13 -24.36
C TYR B 176 -10.16 -18.24 -24.61
N PRO B 177 -10.27 -17.11 -23.94
CA PRO B 177 -11.35 -16.17 -24.27
C PRO B 177 -11.17 -15.59 -25.65
N GLY B 178 -12.28 -15.16 -26.25
CA GLY B 178 -12.20 -14.43 -27.49
C GLY B 178 -11.49 -13.10 -27.33
N ARG B 179 -11.03 -12.56 -28.45
CA ARG B 179 -10.40 -11.24 -28.47
C ARG B 179 -11.33 -10.20 -27.86
N CYS B 180 -10.83 -9.47 -26.89
CA CYS B 180 -11.57 -8.39 -26.27
C CYS B 180 -12.06 -7.42 -27.34
N PRO B 181 -13.37 -7.17 -27.45
CA PRO B 181 -13.86 -6.25 -28.49
C PRO B 181 -13.59 -4.81 -28.13
N GLU B 182 -13.66 -3.94 -29.14
CA GLU B 182 -13.50 -2.51 -28.95
C GLU B 182 -14.44 -2.03 -27.84
N PRO B 183 -14.03 -1.04 -27.04
CA PRO B 183 -14.88 -0.61 -25.94
C PRO B 183 -16.12 0.08 -26.49
N PRO B 184 -17.25 -0.01 -25.79
CA PRO B 184 -18.46 0.68 -26.27
C PRO B 184 -18.28 2.19 -26.17
N ARG B 185 -18.62 2.88 -27.25
CA ARG B 185 -18.49 4.34 -27.32
C ARG B 185 -19.78 4.95 -26.80
N THR B 186 -19.77 5.36 -25.53
CA THR B 186 -20.98 5.82 -24.88
C THR B 186 -21.28 7.28 -25.23
N LEU B 187 -22.56 7.65 -25.09
CA LEU B 187 -23.09 8.92 -25.54
C LEU B 187 -23.67 9.71 -24.38
N ALA B 188 -23.77 11.03 -24.57
CA ALA B 188 -24.36 11.97 -23.62
C ALA B 188 -25.87 12.05 -23.81
N PRO B 189 -26.61 12.46 -22.78
CA PRO B 189 -28.05 12.67 -22.94
C PRO B 189 -28.36 13.70 -24.01
N GLU B 190 -29.52 13.56 -24.65
CA GLU B 190 -29.90 14.50 -25.70
C GLU B 190 -30.01 15.92 -25.15
N GLU B 191 -30.52 16.07 -23.93
CA GLU B 191 -30.64 17.39 -23.31
C GLU B 191 -29.29 18.04 -23.07
N ASN B 192 -28.26 17.26 -22.75
CA ASN B 192 -26.94 17.85 -22.58
C ASN B 192 -26.35 18.30 -23.91
N ILE B 193 -26.60 17.53 -24.98
CA ILE B 193 -26.16 17.94 -26.30
C ILE B 193 -26.80 19.27 -26.68
N LYS B 194 -28.10 19.41 -26.42
CA LYS B 194 -28.80 20.65 -26.75
C LYS B 194 -28.40 21.79 -25.83
N ALA B 195 -28.21 21.50 -24.54
CA ALA B 195 -27.81 22.54 -23.61
C ALA B 195 -26.42 23.06 -23.94
N ALA B 196 -25.54 22.18 -24.44
CA ALA B 196 -24.20 22.60 -24.81
C ALA B 196 -24.22 23.54 -26.02
N LEU B 197 -25.01 23.19 -27.04
CA LEU B 197 -25.09 24.05 -28.21
C LEU B 197 -25.80 25.36 -27.89
N ALA B 198 -26.86 25.30 -27.09
CA ALA B 198 -27.53 26.53 -26.67
C ALA B 198 -26.57 27.43 -25.89
N ALA B 199 -25.73 26.84 -25.04
CA ALA B 199 -24.75 27.62 -24.28
C ALA B 199 -23.77 28.33 -25.22
N LEU B 200 -23.29 27.62 -26.24
CA LEU B 200 -22.36 28.23 -27.20
C LEU B 200 -22.96 29.47 -27.85
N LYS B 201 -24.27 29.45 -28.12
CA LYS B 201 -24.89 30.55 -28.84
C LYS B 201 -24.98 31.81 -27.99
N THR B 202 -24.88 31.70 -26.67
CA THR B 202 -24.89 32.86 -25.81
C THR B 202 -23.49 33.42 -25.54
N ALA B 203 -22.44 32.71 -25.95
CA ALA B 203 -21.08 33.13 -25.64
C ALA B 203 -20.63 34.25 -26.57
N GLU B 204 -19.90 35.21 -26.02
CA GLU B 204 -19.31 36.28 -26.81
C GLU B 204 -17.91 35.94 -27.28
N ARG B 205 -17.15 35.17 -26.49
CA ARG B 205 -15.76 34.83 -26.78
C ARG B 205 -15.54 33.33 -26.57
N PRO B 206 -16.20 32.49 -27.35
CA PRO B 206 -16.05 31.04 -27.15
C PRO B 206 -14.73 30.51 -27.68
N LEU B 207 -14.33 29.36 -27.13
CA LEU B 207 -13.05 28.74 -27.46
C LEU B 207 -13.17 27.23 -27.32
N VAL B 208 -12.73 26.51 -28.34
CA VAL B 208 -12.64 25.04 -28.30
C VAL B 208 -11.21 24.66 -27.97
N ILE B 209 -11.04 23.70 -27.06
CA ILE B 209 -9.74 23.12 -26.75
C ILE B 209 -9.76 21.65 -27.14
N VAL B 210 -8.85 21.25 -28.01
CA VAL B 210 -8.75 19.88 -28.50
C VAL B 210 -7.53 19.23 -27.84
N GLY B 211 -7.76 18.23 -27.00
CA GLY B 211 -6.71 17.57 -26.27
C GLY B 211 -6.45 16.15 -26.76
N LYS B 212 -5.49 15.50 -26.10
CA LYS B 212 -5.10 14.17 -26.57
C LYS B 212 -6.12 13.09 -26.24
N GLY B 213 -7.13 13.42 -25.42
CA GLY B 213 -8.27 12.53 -25.29
C GLY B 213 -9.03 12.40 -26.60
N ALA B 214 -9.23 13.51 -27.30
CA ALA B 214 -9.85 13.46 -28.62
C ALA B 214 -8.99 12.64 -29.59
N ALA B 215 -7.67 12.82 -29.51
CA ALA B 215 -6.77 12.06 -30.37
C ALA B 215 -6.81 10.57 -30.05
N TYR B 216 -6.80 10.21 -28.76
CA TYR B 216 -6.88 8.80 -28.42
C TYR B 216 -8.19 8.19 -28.87
N SER B 217 -9.28 8.95 -28.79
CA SER B 217 -10.58 8.45 -29.22
C SER B 217 -10.68 8.24 -30.74
N ARG B 218 -9.67 8.67 -31.51
CA ARG B 218 -9.71 8.62 -32.97
C ARG B 218 -10.86 9.46 -33.51
N ALA B 219 -11.05 10.65 -32.94
CA ALA B 219 -12.19 11.51 -33.24
C ALA B 219 -11.84 12.65 -34.19
N GLU B 220 -10.73 12.55 -34.93
CA GLU B 220 -10.26 13.70 -35.71
C GLU B 220 -11.30 14.16 -36.74
N ASP B 221 -11.97 13.22 -37.40
CA ASP B 221 -12.96 13.60 -38.41
C ASP B 221 -14.13 14.35 -37.78
N GLU B 222 -14.67 13.82 -36.68
CA GLU B 222 -15.81 14.48 -36.06
C GLU B 222 -15.43 15.84 -35.48
N VAL B 223 -14.24 15.92 -34.85
CA VAL B 223 -13.79 17.18 -34.27
C VAL B 223 -13.61 18.23 -35.35
N ARG B 224 -12.96 17.86 -36.46
CA ARG B 224 -12.72 18.82 -37.54
C ARG B 224 -14.03 19.33 -38.14
N LYS B 225 -15.00 18.43 -38.35
CA LYS B 225 -16.29 18.88 -38.86
C LYS B 225 -17.00 19.78 -37.86
N PHE B 226 -16.87 19.49 -36.55
CA PHE B 226 -17.54 20.31 -35.55
C PHE B 226 -16.95 21.71 -35.52
N VAL B 227 -15.61 21.81 -35.53
CA VAL B 227 -14.95 23.10 -35.45
C VAL B 227 -15.22 23.93 -36.70
N GLU B 228 -15.26 23.29 -37.88
CA GLU B 228 -15.47 24.02 -39.11
C GLU B 228 -16.92 24.45 -39.27
N THR B 229 -17.86 23.58 -38.88
CA THR B 229 -19.28 23.94 -38.96
C THR B 229 -19.62 25.10 -38.03
N THR B 230 -19.05 25.10 -36.83
CA THR B 230 -19.33 26.17 -35.89
C THR B 230 -18.50 27.42 -36.15
N GLY B 231 -17.42 27.32 -36.92
CA GLY B 231 -16.53 28.44 -37.09
C GLY B 231 -15.86 28.93 -35.83
N LEU B 232 -15.75 28.07 -34.79
CA LEU B 232 -15.19 28.46 -33.51
C LEU B 232 -13.67 28.49 -33.58
N PRO B 233 -13.02 29.46 -32.93
CA PRO B 233 -11.58 29.36 -32.71
C PRO B 233 -11.25 28.17 -31.85
N TYR B 234 -10.11 27.53 -32.11
CA TYR B 234 -9.72 26.37 -31.32
C TYR B 234 -8.26 26.47 -30.94
N LEU B 235 -7.92 25.80 -29.84
CA LEU B 235 -6.56 25.63 -29.37
C LEU B 235 -6.27 24.15 -29.20
N ALA B 236 -5.18 23.69 -29.80
CA ALA B 236 -4.73 22.31 -29.61
C ALA B 236 -3.73 22.24 -28.46
N SER B 237 -4.00 21.34 -27.51
CA SER B 237 -3.03 21.02 -26.47
C SER B 237 -1.77 20.46 -27.14
N PRO B 238 -0.65 20.28 -26.40
CA PRO B 238 0.56 19.79 -27.07
C PRO B 238 0.37 18.49 -27.85
N MET B 239 -0.21 17.46 -27.26
CA MET B 239 -0.42 16.24 -28.01
C MET B 239 -1.75 16.18 -28.72
N GLY B 240 -2.64 17.17 -28.50
CA GLY B 240 -3.79 17.36 -29.35
C GLY B 240 -3.47 17.95 -30.72
N LYS B 241 -2.26 18.47 -30.91
CA LYS B 241 -1.86 19.01 -32.21
C LYS B 241 -2.04 17.95 -33.29
N GLY B 242 -2.63 18.36 -34.41
CA GLY B 242 -2.77 17.49 -35.55
C GLY B 242 -4.12 16.81 -35.67
N VAL B 243 -4.88 16.73 -34.58
CA VAL B 243 -6.27 16.28 -34.68
C VAL B 243 -6.98 17.12 -35.73
N ILE B 244 -6.86 18.43 -35.62
CA ILE B 244 -7.09 19.37 -36.72
C ILE B 244 -5.70 19.76 -37.22
N PRO B 245 -5.47 19.82 -38.54
CA PRO B 245 -4.14 20.22 -39.02
C PRO B 245 -3.71 21.56 -38.44
N ASP B 246 -2.44 21.64 -38.02
CA ASP B 246 -1.94 22.80 -37.30
C ASP B 246 -1.95 24.07 -38.13
N ASP B 247 -2.05 23.98 -39.46
CA ASP B 247 -2.15 25.14 -40.31
C ASP B 247 -3.60 25.56 -40.58
N HIS B 248 -4.56 24.99 -39.85
CA HIS B 248 -5.96 25.33 -40.03
C HIS B 248 -6.18 26.81 -39.69
N PRO B 249 -6.98 27.54 -40.47
CA PRO B 249 -7.14 28.98 -40.23
C PRO B 249 -7.88 29.35 -38.96
N GLN B 250 -8.56 28.41 -38.30
CA GLN B 250 -9.23 28.74 -37.04
C GLN B 250 -8.38 28.45 -35.81
N SER B 251 -7.15 27.99 -36.00
CA SER B 251 -6.25 27.78 -34.87
C SER B 251 -5.79 29.12 -34.31
N ILE B 252 -5.88 29.28 -32.99
CA ILE B 252 -5.38 30.49 -32.34
C ILE B 252 -4.19 30.13 -31.43
N ALA B 253 -3.43 29.11 -31.81
CA ALA B 253 -2.33 28.64 -30.96
C ALA B 253 -1.31 29.75 -30.68
N ALA B 254 -1.09 30.65 -31.65
CA ALA B 254 -0.16 31.75 -31.44
C ALA B 254 -0.74 32.86 -30.55
N ALA B 255 -2.00 32.75 -30.15
CA ALA B 255 -2.62 33.70 -29.24
C ALA B 255 -3.14 32.98 -28.00
N ARG B 256 -2.40 31.95 -27.57
CA ARG B 256 -2.88 31.05 -26.54
C ARG B 256 -3.18 31.77 -25.23
N SER B 257 -2.24 32.61 -24.77
CA SER B 257 -2.43 33.26 -23.48
C SER B 257 -3.56 34.27 -23.54
N PHE B 258 -3.67 35.00 -24.64
CA PHE B 258 -4.78 35.92 -24.81
C PHE B 258 -6.12 35.18 -24.82
N ALA B 259 -6.18 34.07 -25.56
CA ALA B 259 -7.44 33.34 -25.68
C ALA B 259 -7.89 32.78 -24.33
N LEU B 260 -6.99 32.13 -23.61
CA LEU B 260 -7.34 31.55 -22.31
C LEU B 260 -7.77 32.63 -21.32
N GLN B 261 -7.11 33.78 -21.34
CA GLN B 261 -7.43 34.79 -20.35
C GLN B 261 -8.77 35.46 -20.63
N ASN B 262 -9.20 35.48 -21.89
CA ASN B 262 -10.36 36.26 -22.25
C ASN B 262 -11.57 35.46 -22.69
N THR B 263 -11.44 34.15 -22.86
CA THR B 263 -12.60 33.37 -23.26
C THR B 263 -13.64 33.37 -22.13
N ASP B 264 -14.92 33.40 -22.50
CA ASP B 264 -15.99 33.29 -21.51
C ASP B 264 -16.68 31.94 -21.52
N LEU B 265 -16.37 31.08 -22.49
CA LEU B 265 -16.97 29.76 -22.59
C LEU B 265 -16.02 28.87 -23.36
N VAL B 266 -15.56 27.80 -22.73
CA VAL B 266 -14.58 26.90 -23.31
C VAL B 266 -15.21 25.53 -23.46
N VAL B 267 -14.94 24.88 -24.59
CA VAL B 267 -15.35 23.51 -24.84
C VAL B 267 -14.10 22.65 -24.74
N LEU B 268 -13.99 21.88 -23.66
CA LEU B 268 -12.87 20.95 -23.47
C LEU B 268 -13.18 19.63 -24.17
N MET B 269 -12.50 19.35 -25.27
CA MET B 269 -12.66 18.10 -26.01
C MET B 269 -11.48 17.19 -25.65
N GLY B 270 -11.69 16.33 -24.65
CA GLY B 270 -10.64 15.43 -24.21
C GLY B 270 -9.41 16.14 -23.69
N ALA B 271 -9.61 17.12 -22.81
CA ALA B 271 -8.54 17.86 -22.17
C ALA B 271 -8.93 18.17 -20.74
N ARG B 272 -7.97 18.08 -19.83
CA ARG B 272 -8.23 18.30 -18.41
C ARG B 272 -7.87 19.72 -18.00
N MET B 273 -8.59 20.24 -17.01
CA MET B 273 -8.22 21.49 -16.36
C MET B 273 -7.17 21.22 -15.27
N ASN B 274 -6.04 20.67 -15.71
CA ASN B 274 -4.98 20.34 -14.79
C ASN B 274 -3.88 21.41 -14.89
N TRP B 275 -2.67 21.07 -14.44
CA TRP B 275 -1.58 22.04 -14.41
C TRP B 275 -1.30 22.61 -15.79
N MET B 276 -1.49 21.81 -16.83
CA MET B 276 -1.20 22.28 -18.18
C MET B 276 -2.13 23.41 -18.60
N MET B 277 -3.38 23.40 -18.12
CA MET B 277 -4.33 24.46 -18.37
C MET B 277 -4.42 25.44 -17.20
N HIS B 278 -3.42 25.45 -16.32
CA HIS B 278 -3.38 26.37 -15.18
C HIS B 278 -4.60 26.22 -14.29
N PHE B 279 -5.15 25.01 -14.22
CA PHE B 279 -6.31 24.66 -13.41
C PHE B 279 -7.57 25.44 -13.81
N GLY B 280 -7.58 26.08 -14.98
CA GLY B 280 -8.72 26.88 -15.38
C GLY B 280 -9.04 28.04 -14.48
N GLN B 281 -8.08 28.46 -13.65
CA GLN B 281 -8.27 29.45 -12.60
C GLN B 281 -7.57 30.75 -12.95
N PRO B 282 -7.98 31.87 -12.35
CA PRO B 282 -7.22 33.10 -12.53
C PRO B 282 -5.82 32.94 -12.00
N PRO B 283 -4.85 33.72 -12.50
CA PRO B 283 -5.00 34.83 -13.45
C PRO B 283 -4.99 34.41 -14.93
N ARG B 284 -4.59 33.18 -15.27
CA ARG B 284 -4.52 32.77 -16.67
C ARG B 284 -5.89 32.59 -17.31
N TRP B 285 -6.92 32.35 -16.51
CA TRP B 285 -8.29 32.28 -16.99
C TRP B 285 -9.13 33.36 -16.32
N ASN B 286 -10.24 33.72 -16.96
CA ASN B 286 -11.18 34.63 -16.34
C ASN B 286 -11.92 33.94 -15.19
N GLU B 287 -12.18 34.71 -14.13
CA GLU B 287 -12.81 34.15 -12.93
C GLU B 287 -14.18 33.55 -13.22
N LYS B 288 -14.88 34.03 -14.24
CA LYS B 288 -16.25 33.61 -14.50
C LYS B 288 -16.37 32.70 -15.72
N VAL B 289 -15.30 32.02 -16.13
CA VAL B 289 -15.33 31.25 -17.36
C VAL B 289 -16.31 30.09 -17.24
N ARG B 290 -17.07 29.85 -18.30
CA ARG B 290 -18.02 28.76 -18.36
C ARG B 290 -17.39 27.59 -19.10
N VAL B 291 -17.69 26.37 -18.67
CA VAL B 291 -17.00 25.20 -19.17
C VAL B 291 -18.02 24.19 -19.67
N ILE B 292 -17.88 23.79 -20.94
CA ILE B 292 -18.49 22.59 -21.48
C ILE B 292 -17.39 21.54 -21.55
N GLN B 293 -17.54 20.43 -20.84
CA GLN B 293 -16.47 19.46 -20.68
C GLN B 293 -16.88 18.11 -21.26
N MET B 294 -16.06 17.60 -22.18
CA MET B 294 -16.28 16.31 -22.83
C MET B 294 -15.19 15.35 -22.35
N ASP B 295 -15.56 14.32 -21.62
CA ASP B 295 -14.56 13.40 -21.08
C ASP B 295 -15.21 12.06 -20.82
N ILE B 296 -14.47 10.98 -21.10
CA ILE B 296 -14.98 9.65 -20.82
C ILE B 296 -15.05 9.38 -19.31
N SER B 297 -14.25 10.08 -18.51
CA SER B 297 -14.22 9.89 -17.06
C SER B 297 -15.19 10.86 -16.40
N ALA B 298 -16.25 10.33 -15.79
CA ALA B 298 -17.21 11.20 -15.11
C ALA B 298 -16.61 11.88 -13.90
N GLU B 299 -15.67 11.21 -13.21
CA GLU B 299 -15.06 11.79 -12.03
C GLU B 299 -14.21 13.01 -12.35
N GLU B 300 -13.71 13.12 -13.59
CA GLU B 300 -12.96 14.31 -14.00
C GLU B 300 -13.84 15.54 -14.14
N ILE B 301 -15.16 15.35 -14.35
CA ILE B 301 -16.03 16.48 -14.60
C ILE B 301 -16.07 17.39 -13.38
N GLY B 302 -15.78 18.67 -13.59
CA GLY B 302 -15.88 19.64 -12.51
C GLY B 302 -14.67 19.73 -11.61
N THR B 303 -13.53 19.20 -12.03
CA THR B 303 -12.30 19.37 -11.28
C THR B 303 -11.84 20.83 -11.39
N ASN B 304 -11.53 21.44 -10.25
CA ASN B 304 -10.98 22.79 -10.14
C ASN B 304 -11.98 23.89 -10.47
N VAL B 305 -12.63 23.80 -11.63
CA VAL B 305 -13.62 24.80 -12.01
C VAL B 305 -14.94 24.10 -12.30
N PRO B 306 -16.07 24.66 -11.88
CA PRO B 306 -17.36 24.01 -12.14
C PRO B 306 -17.61 23.85 -13.63
N THR B 307 -18.33 22.79 -13.98
CA THR B 307 -18.71 22.53 -15.36
C THR B 307 -20.18 22.86 -15.54
N GLU B 308 -20.49 23.72 -16.52
CA GLU B 308 -21.88 24.07 -16.77
C GLU B 308 -22.61 22.96 -17.51
N VAL B 309 -21.99 22.40 -18.54
CA VAL B 309 -22.58 21.31 -19.31
C VAL B 309 -21.58 20.17 -19.35
N ALA B 310 -21.97 19.03 -18.79
CA ALA B 310 -21.11 17.85 -18.75
C ALA B 310 -21.47 16.92 -19.89
N LEU B 311 -20.48 16.56 -20.70
CA LEU B 311 -20.67 15.61 -21.79
C LEU B 311 -19.78 14.41 -21.49
N VAL B 312 -20.33 13.44 -20.79
CA VAL B 312 -19.58 12.26 -20.36
C VAL B 312 -19.77 11.17 -21.40
N GLY B 313 -18.67 10.64 -21.91
CA GLY B 313 -18.73 9.58 -22.89
C GLY B 313 -17.54 9.67 -23.83
N ASP B 314 -17.64 8.96 -24.94
CA ASP B 314 -16.54 8.89 -25.91
C ASP B 314 -16.55 10.14 -26.79
N ALA B 315 -15.36 10.72 -26.98
CA ALA B 315 -15.27 11.99 -27.71
C ALA B 315 -15.75 11.84 -29.15
N LYS B 316 -15.49 10.69 -29.78
CA LYS B 316 -15.96 10.50 -31.15
C LYS B 316 -17.49 10.40 -31.20
N ALA B 317 -18.08 9.66 -30.28
CA ALA B 317 -19.53 9.49 -30.28
C ALA B 317 -20.23 10.79 -29.91
N ILE B 318 -19.77 11.46 -28.86
CA ILE B 318 -20.41 12.69 -28.41
C ILE B 318 -20.27 13.79 -29.45
N THR B 319 -19.08 13.91 -30.05
CA THR B 319 -18.92 14.94 -31.08
C THR B 319 -19.78 14.65 -32.31
N ALA B 320 -20.05 13.37 -32.58
CA ALA B 320 -21.02 13.03 -33.62
C ALA B 320 -22.43 13.44 -33.22
N GLN B 321 -22.76 13.35 -31.92
CA GLN B 321 -24.05 13.85 -31.47
C GLN B 321 -24.18 15.34 -31.72
N LEU B 322 -23.12 16.11 -31.45
CA LEU B 322 -23.16 17.54 -31.66
C LEU B 322 -23.30 17.89 -33.14
N ASN B 323 -22.57 17.18 -34.01
CA ASN B 323 -22.68 17.42 -35.44
C ASN B 323 -24.05 17.06 -35.96
N ALA B 324 -24.66 16.01 -35.42
CA ALA B 324 -26.00 15.63 -35.85
C ALA B 324 -27.04 16.66 -35.40
N GLU B 325 -26.90 17.18 -34.19
CA GLU B 325 -27.80 18.22 -33.72
C GLU B 325 -27.57 19.54 -34.48
N LEU B 326 -26.34 19.81 -34.90
CA LEU B 326 -26.10 20.96 -35.76
C LEU B 326 -26.64 20.75 -37.16
N GLU B 327 -26.83 19.49 -37.58
CA GLU B 327 -27.51 19.24 -38.85
C GLU B 327 -28.97 19.60 -38.78
N LYS B 328 -29.63 19.27 -37.66
CA LYS B 328 -31.05 19.62 -37.49
C LYS B 328 -31.23 21.11 -37.26
N ASN B 329 -30.38 21.74 -36.45
CA ASN B 329 -30.50 23.15 -36.10
C ASN B 329 -29.17 23.85 -36.37
N PRO B 330 -28.93 24.29 -37.60
CA PRO B 330 -27.62 24.86 -37.93
C PRO B 330 -27.32 26.11 -37.10
N TRP B 331 -26.03 26.30 -36.83
CA TRP B 331 -25.52 27.49 -36.16
C TRP B 331 -24.02 27.58 -36.42
N SER B 332 -23.54 28.82 -36.55
CA SER B 332 -22.10 29.03 -36.60
C SER B 332 -21.77 30.35 -35.93
N TYR B 333 -20.58 30.41 -35.31
CA TYR B 333 -20.08 31.65 -34.77
C TYR B 333 -19.72 32.60 -35.91
N PRO B 334 -20.00 33.90 -35.78
CA PRO B 334 -19.79 34.81 -36.92
C PRO B 334 -18.31 34.98 -37.25
N SER B 335 -18.04 35.25 -38.53
CA SER B 335 -16.65 35.36 -38.98
C SER B 335 -16.00 36.65 -38.53
N GLU B 336 -16.79 37.70 -38.27
CA GLU B 336 -16.27 39.00 -37.86
C GLU B 336 -16.89 39.39 -36.53
N THR B 337 -16.11 39.29 -35.45
CA THR B 337 -16.47 39.78 -34.13
C THR B 337 -15.27 40.51 -33.56
N THR B 338 -15.48 41.19 -32.44
CA THR B 338 -14.33 41.77 -31.74
C THR B 338 -13.41 40.67 -31.19
N TRP B 339 -13.97 39.50 -30.89
CA TRP B 339 -13.17 38.36 -30.42
C TRP B 339 -12.21 37.87 -31.50
N TRP B 340 -12.71 37.60 -32.72
CA TRP B 340 -11.83 37.22 -33.82
C TRP B 340 -10.79 38.30 -34.11
N THR B 341 -11.22 39.57 -34.07
CA THR B 341 -10.29 40.66 -34.35
C THR B 341 -9.15 40.67 -33.35
N GLY B 342 -9.47 40.57 -32.06
CA GLY B 342 -8.44 40.54 -31.04
C GLY B 342 -7.55 39.32 -31.16
N LEU B 343 -8.15 38.16 -31.43
CA LEU B 343 -7.35 36.95 -31.64
C LEU B 343 -6.41 37.12 -32.83
N GLN B 344 -6.94 37.63 -33.95
CA GLN B 344 -6.13 37.79 -35.15
C GLN B 344 -5.02 38.82 -34.95
N SER B 345 -5.26 39.85 -34.15
CA SER B 345 -4.22 40.84 -33.86
C SER B 345 -3.09 40.24 -33.05
N LYS B 346 -3.41 39.42 -32.04
CA LYS B 346 -2.35 38.81 -31.24
C LYS B 346 -1.54 37.82 -32.06
N ILE B 347 -2.20 37.05 -32.91
CA ILE B 347 -1.50 36.15 -33.83
C ILE B 347 -0.52 36.94 -34.69
N ALA B 348 -0.94 38.12 -35.16
CA ALA B 348 -0.06 38.92 -36.00
C ALA B 348 1.09 39.51 -35.18
N ALA B 349 0.81 39.94 -33.96
CA ALA B 349 1.88 40.45 -33.08
C ALA B 349 2.89 39.36 -32.76
N ASN B 350 2.42 38.11 -32.57
CA ASN B 350 3.33 37.00 -32.32
C ASN B 350 4.24 36.75 -33.52
N ALA B 351 3.67 36.79 -34.73
CA ALA B 351 4.48 36.61 -35.94
C ALA B 351 5.61 37.63 -36.00
N ALA B 352 5.34 38.87 -35.57
CA ALA B 352 6.40 39.88 -35.51
C ALA B 352 7.45 39.55 -34.45
N THR B 353 7.05 38.87 -33.38
CA THR B 353 8.02 38.56 -32.33
C THR B 353 8.98 37.47 -32.76
N VAL B 354 8.45 36.40 -33.39
CA VAL B 354 9.28 35.24 -33.67
C VAL B 354 10.09 35.39 -34.95
N GLU B 355 9.67 36.24 -35.89
CA GLU B 355 10.39 36.35 -37.16
C GLU B 355 11.85 36.74 -36.98
N PRO B 356 12.21 37.73 -36.17
CA PRO B 356 13.65 38.00 -35.97
C PRO B 356 14.39 36.83 -35.37
N MET B 357 13.74 36.03 -34.53
CA MET B 357 14.40 34.86 -33.95
C MET B 357 14.53 33.74 -34.98
N PHE B 358 13.53 33.57 -35.85
CA PHE B 358 13.63 32.55 -36.89
C PHE B 358 14.78 32.83 -37.85
N ASN B 359 15.10 34.10 -38.09
CA ASN B 359 16.10 34.47 -39.08
C ASN B 359 17.36 35.03 -38.45
N ASP B 360 17.60 34.74 -37.17
CA ASP B 360 18.80 35.16 -36.47
C ASP B 360 19.92 34.18 -36.79
N ASP B 361 20.97 34.66 -37.46
CA ASP B 361 22.06 33.79 -37.91
C ASP B 361 23.29 33.87 -37.02
N SER B 362 23.19 34.47 -35.84
CA SER B 362 24.38 34.60 -35.02
C SER B 362 24.76 33.26 -34.39
N VAL B 363 26.04 33.13 -34.06
CA VAL B 363 26.59 31.92 -33.47
C VAL B 363 27.13 32.29 -32.09
N PRO B 364 26.81 31.52 -31.03
CA PRO B 364 25.95 30.32 -30.95
C PRO B 364 24.49 30.57 -31.32
N MET B 365 23.81 29.56 -31.83
CA MET B 365 22.49 29.73 -32.42
C MET B 365 21.38 29.66 -31.37
N GLY B 366 20.21 30.18 -31.75
CA GLY B 366 19.03 30.12 -30.92
C GLY B 366 18.10 28.96 -31.30
N TYR B 367 17.16 28.67 -30.40
CA TYR B 367 16.18 27.61 -30.62
C TYR B 367 15.40 27.83 -31.92
N TYR B 368 14.88 29.04 -32.13
CA TYR B 368 14.01 29.27 -33.27
C TYR B 368 14.75 29.08 -34.59
N ARG B 369 15.99 29.55 -34.67
CA ARG B 369 16.77 29.40 -35.90
C ARG B 369 16.99 27.93 -36.24
N VAL B 370 17.20 27.10 -35.21
CA VAL B 370 17.48 25.69 -35.44
C VAL B 370 16.21 24.93 -35.77
N LEU B 371 15.15 25.15 -34.99
CA LEU B 371 13.91 24.44 -35.23
C LEU B 371 13.27 24.83 -36.56
N ARG B 372 13.63 25.99 -37.13
CA ARG B 372 13.10 26.37 -38.43
C ARG B 372 13.58 25.42 -39.52
N ASP B 373 14.89 25.11 -39.52
CA ASP B 373 15.43 24.21 -40.54
C ASP B 373 15.01 22.77 -40.29
N ILE B 374 14.85 22.38 -39.02
CA ILE B 374 14.29 21.06 -38.71
C ILE B 374 12.85 20.97 -39.24
N ARG B 375 12.04 21.98 -38.92
CA ARG B 375 10.63 21.98 -39.33
C ARG B 375 10.49 21.86 -40.84
N ASP B 376 11.31 22.57 -41.60
CA ASP B 376 11.16 22.62 -43.04
C ASP B 376 11.70 21.38 -43.74
N LEU B 377 12.25 20.41 -42.99
CA LEU B 377 12.73 19.16 -43.57
C LEU B 377 11.98 17.93 -43.08
N ILE B 378 11.09 18.08 -42.11
CA ILE B 378 10.30 16.94 -41.64
C ILE B 378 9.26 16.57 -42.68
N PRO B 379 9.15 15.30 -43.08
CA PRO B 379 8.03 14.89 -43.94
C PRO B 379 6.70 15.21 -43.28
N LYS B 380 5.69 15.45 -44.12
CA LYS B 380 4.40 15.92 -43.64
C LYS B 380 3.71 14.90 -42.74
N ASP B 381 3.97 13.62 -42.97
CA ASP B 381 3.37 12.55 -42.17
C ASP B 381 4.37 11.90 -41.22
N ALA B 382 5.53 12.52 -41.02
CA ALA B 382 6.48 11.99 -40.06
C ALA B 382 5.89 12.06 -38.65
N ILE B 383 6.44 11.25 -37.77
CA ILE B 383 6.06 11.25 -36.37
C ILE B 383 7.18 11.89 -35.57
N ILE B 384 6.82 12.81 -34.68
CA ILE B 384 7.78 13.64 -33.97
C ILE B 384 7.75 13.25 -32.51
N SER B 385 8.91 12.87 -31.99
CA SER B 385 9.15 12.71 -30.56
C SER B 385 9.97 13.92 -30.10
N ASN B 386 9.42 14.68 -29.16
CA ASN B 386 9.95 15.99 -28.79
C ASN B 386 10.02 16.05 -27.26
N GLU B 387 11.23 16.22 -26.72
CA GLU B 387 11.43 16.04 -25.28
C GLU B 387 12.48 17.00 -24.77
N GLY B 388 12.25 17.56 -23.60
CA GLY B 388 13.18 18.52 -23.02
C GLY B 388 12.42 19.55 -22.19
N ALA B 389 13.02 20.73 -22.02
CA ALA B 389 12.30 21.85 -21.44
C ALA B 389 12.07 22.85 -22.55
N SER B 390 12.98 23.80 -22.80
CA SER B 390 12.76 24.74 -23.90
C SER B 390 12.78 24.04 -25.26
N THR B 391 13.60 23.00 -25.43
CA THR B 391 13.59 22.25 -26.68
C THR B 391 12.19 21.74 -27.00
N MET B 392 11.46 21.30 -25.99
CA MET B 392 10.14 20.72 -26.19
C MET B 392 9.04 21.77 -26.21
N ASP B 393 9.17 22.83 -25.43
CA ASP B 393 8.13 23.86 -25.38
C ASP B 393 8.18 24.73 -26.63
N ILE B 394 9.37 25.12 -27.07
CA ILE B 394 9.45 25.81 -28.34
C ILE B 394 9.19 24.83 -29.48
N GLY B 395 9.63 23.57 -29.34
CA GLY B 395 9.31 22.57 -30.35
C GLY B 395 7.82 22.43 -30.59
N ARG B 396 7.02 22.48 -29.50
CA ARG B 396 5.57 22.47 -29.65
C ARG B 396 5.09 23.63 -30.50
N THR B 397 5.70 24.80 -30.35
CA THR B 397 5.25 25.99 -31.04
C THR B 397 5.63 25.96 -32.51
N VAL B 398 6.82 25.45 -32.83
CA VAL B 398 7.41 25.61 -34.14
C VAL B 398 7.12 24.40 -35.02
N LEU B 399 7.06 23.20 -34.43
CA LEU B 399 6.93 21.98 -35.22
C LEU B 399 5.45 21.65 -35.39
N PRO B 400 4.90 21.74 -36.60
CA PRO B 400 3.48 21.46 -36.80
C PRO B 400 3.20 19.97 -36.99
N ASN B 401 1.98 19.58 -36.63
CA ASN B 401 1.46 18.26 -36.95
C ASN B 401 0.20 18.41 -37.78
N PHE B 402 0.07 17.57 -38.81
CA PHE B 402 -1.04 17.65 -39.74
C PHE B 402 -1.97 16.44 -39.63
N PHE B 403 -1.61 15.46 -38.83
CA PHE B 403 -2.42 14.29 -38.58
C PHE B 403 -2.45 14.02 -37.08
N ALA B 404 -3.50 13.33 -36.65
CA ALA B 404 -3.65 13.02 -35.24
C ALA B 404 -2.59 12.02 -34.79
N ARG B 405 -2.23 12.11 -33.51
CA ARG B 405 -1.34 11.13 -32.88
C ARG B 405 0.01 11.04 -33.59
N THR B 406 0.54 12.19 -34.01
CA THR B 406 1.88 12.23 -34.61
C THR B 406 2.85 13.11 -33.82
N ARG B 407 2.48 13.56 -32.63
CA ARG B 407 3.42 14.16 -31.71
C ARG B 407 3.42 13.35 -30.41
N LEU B 408 4.61 12.95 -29.99
CA LEU B 408 4.83 12.32 -28.69
C LEU B 408 5.81 13.19 -27.91
N ASP B 409 5.43 13.61 -26.72
CA ASP B 409 6.30 14.45 -25.89
C ASP B 409 6.17 14.00 -24.44
N ALA B 410 6.61 14.86 -23.51
CA ALA B 410 6.71 14.49 -22.09
C ALA B 410 5.34 14.35 -21.43
N ALA B 411 4.30 14.89 -22.06
CA ALA B 411 2.90 14.60 -21.72
C ALA B 411 2.60 15.04 -20.28
N THR B 412 1.61 14.42 -19.64
CA THR B 412 1.05 14.99 -18.40
C THR B 412 2.03 14.91 -17.25
N PHE B 413 2.78 13.81 -17.16
CA PHE B 413 3.75 13.63 -16.09
C PHE B 413 5.00 14.48 -16.27
N GLY B 414 5.17 15.14 -17.41
CA GLY B 414 6.37 15.90 -17.68
C GLY B 414 7.66 15.10 -17.56
N THR B 415 7.67 13.88 -18.10
CA THR B 415 8.74 12.94 -17.83
C THR B 415 9.91 13.14 -18.78
N MET B 416 11.12 13.25 -18.22
CA MET B 416 12.34 13.06 -18.99
C MET B 416 12.69 11.57 -18.99
N GLY B 417 13.19 11.08 -20.13
CA GLY B 417 13.50 9.67 -20.29
C GLY B 417 12.57 8.91 -21.22
N VAL B 418 11.58 9.58 -21.80
CA VAL B 418 10.61 8.94 -22.70
C VAL B 418 10.98 9.06 -24.17
N GLY B 419 11.93 9.92 -24.52
CA GLY B 419 12.17 10.30 -25.90
C GLY B 419 12.48 9.16 -26.84
N ALA B 420 13.57 8.44 -26.57
CA ALA B 420 13.95 7.35 -27.46
C ALA B 420 12.96 6.20 -27.40
N GLY B 421 12.40 5.93 -26.22
CA GLY B 421 11.41 4.86 -26.10
C GLY B 421 10.17 5.14 -26.92
N GLN B 422 9.65 6.37 -26.84
CA GLN B 422 8.46 6.71 -27.59
C GLN B 422 8.74 6.73 -29.09
N ALA B 423 9.96 7.11 -29.48
CA ALA B 423 10.29 7.07 -30.90
C ALA B 423 10.35 5.64 -31.41
N ILE B 424 10.89 4.72 -30.60
CA ILE B 424 10.95 3.32 -30.99
C ILE B 424 9.55 2.74 -31.11
N ALA B 425 8.66 3.10 -30.17
CA ALA B 425 7.27 2.68 -30.27
C ALA B 425 6.62 3.19 -31.55
N ALA B 426 6.80 4.47 -31.85
CA ALA B 426 6.22 5.04 -33.06
C ALA B 426 6.73 4.32 -34.30
N ALA B 427 8.04 4.02 -34.34
CA ALA B 427 8.60 3.30 -35.47
C ALA B 427 8.01 1.90 -35.58
N SER B 428 7.76 1.26 -34.43
CA SER B 428 7.21 -0.09 -34.45
C SER B 428 5.76 -0.10 -34.91
N VAL B 429 4.98 0.91 -34.51
CA VAL B 429 3.59 0.98 -34.93
C VAL B 429 3.48 1.42 -36.39
N HIS B 430 4.40 2.26 -36.86
CA HIS B 430 4.34 2.85 -38.19
C HIS B 430 5.65 2.58 -38.92
N PRO B 431 5.87 1.35 -39.41
CA PRO B 431 7.16 1.04 -40.05
C PRO B 431 7.40 1.82 -41.34
N ASP B 432 6.35 2.27 -42.01
CA ASP B 432 6.45 2.96 -43.29
C ASP B 432 6.77 4.45 -43.14
N ARG B 433 6.88 4.98 -41.92
CA ARG B 433 6.99 6.42 -41.73
C ARG B 433 8.34 6.81 -41.17
N LYS B 434 8.67 8.09 -41.36
CA LYS B 434 9.88 8.67 -40.81
C LYS B 434 9.62 9.15 -39.38
N ILE B 435 10.52 8.83 -38.47
CA ILE B 435 10.41 9.24 -37.07
C ILE B 435 11.53 10.23 -36.80
N ILE B 436 11.16 11.42 -36.31
CA ILE B 436 12.13 12.45 -35.95
C ILE B 436 12.06 12.62 -34.43
N CYS B 437 13.19 12.37 -33.77
CA CYS B 437 13.32 12.54 -32.33
C CYS B 437 14.13 13.81 -32.09
N VAL B 438 13.51 14.81 -31.46
CA VAL B 438 14.13 16.10 -31.18
C VAL B 438 14.20 16.27 -29.67
N GLN B 439 15.41 16.20 -29.11
CA GLN B 439 15.63 16.19 -27.67
C GLN B 439 16.61 17.27 -27.23
N GLY B 440 16.37 17.83 -26.06
CA GLY B 440 17.41 18.58 -25.38
C GLY B 440 18.54 17.67 -24.96
N ASP B 441 19.72 18.26 -24.71
CA ASP B 441 20.88 17.44 -24.40
C ASP B 441 20.67 16.65 -23.09
N SER B 442 20.05 17.27 -22.09
CA SER B 442 19.78 16.54 -20.85
C SER B 442 18.81 15.38 -21.11
N ALA B 443 17.68 15.67 -21.76
CA ALA B 443 16.72 14.62 -22.10
C ALA B 443 17.38 13.48 -22.86
N PHE B 444 18.25 13.79 -23.84
CA PHE B 444 18.92 12.73 -24.59
C PHE B 444 19.68 11.78 -23.67
N GLY B 445 20.32 12.33 -22.62
CA GLY B 445 21.14 11.50 -21.75
C GLY B 445 20.38 10.53 -20.88
N PHE B 446 19.09 10.76 -20.67
CA PHE B 446 18.30 9.85 -19.86
C PHE B 446 18.21 8.47 -20.50
N GLY B 447 18.06 8.41 -21.82
CA GLY B 447 17.93 7.13 -22.50
C GLY B 447 18.80 7.05 -23.73
N GLY B 448 20.05 7.53 -23.61
CA GLY B 448 20.90 7.66 -24.77
C GLY B 448 21.29 6.34 -25.39
N MET B 449 21.50 5.31 -24.57
CA MET B 449 21.93 4.02 -25.09
C MET B 449 20.94 3.40 -26.07
N GLU B 450 19.68 3.85 -26.07
CA GLU B 450 18.67 3.24 -26.94
C GLU B 450 18.82 3.64 -28.40
N VAL B 451 19.75 4.54 -28.74
CA VAL B 451 20.04 4.77 -30.16
C VAL B 451 20.54 3.47 -30.78
N GLU B 452 21.27 2.66 -30.01
CA GLU B 452 21.71 1.37 -30.55
C GLU B 452 20.54 0.42 -30.75
N THR B 453 19.55 0.46 -29.84
CA THR B 453 18.34 -0.32 -30.06
C THR B 453 17.66 0.04 -31.38
N ALA B 454 17.59 1.34 -31.69
CA ALA B 454 16.97 1.74 -32.96
C ALA B 454 17.76 1.23 -34.15
N ALA B 455 19.09 1.25 -34.05
CA ALA B 455 19.92 0.73 -35.14
C ALA B 455 19.77 -0.78 -35.26
N ARG B 456 19.77 -1.48 -34.12
CA ARG B 456 19.71 -2.94 -34.14
C ARG B 456 18.48 -3.45 -34.87
N TYR B 457 17.35 -2.77 -34.70
CA TYR B 457 16.11 -3.21 -35.33
C TYR B 457 15.81 -2.50 -36.64
N GLY B 458 16.75 -1.72 -37.16
CA GLY B 458 16.57 -1.08 -38.46
C GLY B 458 15.48 -0.04 -38.49
N LEU B 459 15.26 0.67 -37.39
CA LEU B 459 14.16 1.60 -37.29
C LEU B 459 14.49 2.92 -37.98
N ASN B 460 13.49 3.51 -38.62
CA ASN B 460 13.68 4.74 -39.42
C ASN B 460 13.54 5.97 -38.52
N ILE B 461 14.46 6.10 -37.58
CA ILE B 461 14.49 7.20 -36.63
C ILE B 461 15.73 8.03 -36.90
N THR B 462 15.58 9.35 -36.84
CA THR B 462 16.69 10.29 -36.86
C THR B 462 16.70 11.04 -35.55
N PHE B 463 17.84 11.05 -34.87
CA PHE B 463 17.97 11.66 -33.55
C PHE B 463 18.62 13.03 -33.67
N VAL B 464 17.92 14.07 -33.21
CA VAL B 464 18.42 15.44 -33.22
C VAL B 464 18.52 15.89 -31.77
N ILE B 465 19.71 16.31 -31.36
CA ILE B 465 19.97 16.83 -30.02
C ILE B 465 20.20 18.33 -30.14
N ILE B 466 19.44 19.11 -29.38
CA ILE B 466 19.63 20.54 -29.26
C ILE B 466 20.36 20.78 -27.94
N ASN B 467 21.62 21.21 -28.04
CA ASN B 467 22.59 21.08 -26.95
C ASN B 467 23.04 22.44 -26.47
N ASN B 468 22.63 22.83 -25.26
CA ASN B 468 23.10 24.05 -24.62
C ASN B 468 23.96 23.78 -23.40
N ASN B 469 24.58 22.60 -23.31
CA ASN B 469 25.49 22.21 -22.23
C ASN B 469 24.79 22.03 -20.89
N GLY B 470 23.50 21.67 -20.87
CA GLY B 470 22.94 21.30 -19.59
C GLY B 470 21.44 21.45 -19.54
N ILE B 471 20.92 21.40 -18.31
CA ILE B 471 19.49 21.52 -18.03
C ILE B 471 19.17 23.00 -18.11
N GLY B 472 18.56 23.41 -19.23
CA GLY B 472 18.35 24.83 -19.43
C GLY B 472 19.64 25.61 -19.59
N GLY B 473 20.72 24.95 -19.98
CA GLY B 473 21.96 25.65 -20.22
C GLY B 473 23.07 25.26 -19.26
N GLY B 474 24.30 25.45 -19.70
CA GLY B 474 25.47 25.24 -18.87
C GLY B 474 26.61 26.07 -19.38
N PRO B 475 27.59 26.37 -18.53
CA PRO B 475 28.68 27.26 -18.94
C PRO B 475 29.51 26.67 -20.06
N ASP B 476 30.29 27.54 -20.71
CA ASP B 476 31.19 27.12 -21.78
C ASP B 476 32.46 26.47 -21.26
N GLU B 477 32.83 26.76 -20.01
CA GLU B 477 33.98 26.15 -19.38
C GLU B 477 33.59 25.79 -17.95
N LEU B 478 33.87 24.56 -17.55
CA LEU B 478 33.56 24.12 -16.20
C LEU B 478 34.73 24.41 -15.28
N ASP B 479 34.43 25.06 -14.15
CA ASP B 479 35.38 25.24 -13.05
C ASP B 479 35.32 23.99 -12.18
N PRO B 480 36.40 23.21 -12.11
CA PRO B 480 36.32 21.90 -11.43
C PRO B 480 35.90 21.98 -9.98
N ALA B 481 36.00 23.15 -9.34
CA ALA B 481 35.62 23.30 -7.95
C ALA B 481 34.18 23.75 -7.77
N HIS B 482 33.48 24.13 -8.85
CA HIS B 482 32.11 24.64 -8.77
C HIS B 482 31.37 24.20 -10.03
N ILE B 483 31.08 22.92 -10.15
CA ILE B 483 30.29 22.40 -11.27
C ILE B 483 28.83 22.67 -10.96
N PRO B 484 28.13 23.49 -11.76
CA PRO B 484 26.70 23.71 -11.53
C PRO B 484 25.94 22.41 -11.55
N PRO B 485 24.94 22.24 -10.68
CA PRO B 485 24.27 20.93 -10.57
C PRO B 485 23.62 20.46 -11.87
N GLY B 486 23.24 21.37 -12.77
CA GLY B 486 22.57 20.95 -13.99
C GLY B 486 23.38 21.09 -15.26
N ALA B 487 24.70 21.22 -15.14
CA ALA B 487 25.57 21.38 -16.29
C ALA B 487 26.17 20.05 -16.72
N TYR B 488 26.51 19.94 -18.00
CA TYR B 488 27.24 18.79 -18.51
C TYR B 488 28.53 19.26 -19.16
N THR B 489 29.36 18.29 -19.55
CA THR B 489 30.58 18.59 -20.26
C THR B 489 30.31 19.55 -21.41
N PRO B 490 31.01 20.69 -21.49
CA PRO B 490 30.72 21.65 -22.56
C PRO B 490 31.00 21.03 -23.93
N GLN B 491 30.05 21.18 -24.84
CA GLN B 491 30.14 20.64 -26.19
C GLN B 491 30.40 19.13 -26.16
N ALA B 492 29.66 18.44 -25.29
CA ALA B 492 29.69 16.98 -25.28
C ALA B 492 29.32 16.45 -26.66
N HIS B 493 30.16 15.57 -27.21
CA HIS B 493 30.00 15.08 -28.57
C HIS B 493 29.11 13.83 -28.59
N TYR B 494 27.85 14.04 -28.23
CA TYR B 494 26.87 12.96 -28.20
C TYR B 494 26.74 12.27 -29.55
N GLU B 495 26.98 12.99 -30.65
CA GLU B 495 26.86 12.36 -31.95
C GLU B 495 27.89 11.25 -32.16
N LYS B 496 28.95 11.20 -31.35
CA LYS B 496 29.92 10.12 -31.44
C LYS B 496 29.30 8.77 -31.10
N MET B 497 28.17 8.77 -30.37
CA MET B 497 27.51 7.52 -30.05
C MET B 497 26.96 6.82 -31.28
N ALA B 498 26.83 7.53 -32.41
CA ALA B 498 26.44 6.85 -33.64
C ALA B 498 27.52 5.88 -34.10
N ASP B 499 28.78 6.18 -33.78
CA ASP B 499 29.86 5.27 -34.13
C ASP B 499 29.80 3.95 -33.36
N VAL B 500 28.97 3.87 -32.32
CA VAL B 500 28.82 2.61 -31.59
C VAL B 500 28.28 1.53 -32.51
N TYR B 501 27.33 1.88 -33.37
CA TYR B 501 26.69 0.91 -34.26
C TYR B 501 27.00 1.14 -35.73
N GLY B 502 27.97 2.00 -36.05
CA GLY B 502 28.31 2.23 -37.44
C GLY B 502 27.41 3.22 -38.15
N GLY B 503 26.67 4.03 -37.42
CA GLY B 503 25.90 5.10 -38.01
C GLY B 503 26.73 6.36 -38.18
N LYS B 504 26.07 7.42 -38.64
CA LYS B 504 26.73 8.69 -38.90
C LYS B 504 26.31 9.71 -37.86
N GLY B 505 27.29 10.41 -37.30
CA GLY B 505 27.05 11.45 -36.33
C GLY B 505 27.56 12.78 -36.87
N TYR B 506 26.78 13.83 -36.66
CA TYR B 506 27.08 15.17 -37.15
C TYR B 506 27.13 16.16 -36.00
N PHE B 507 28.10 17.07 -36.05
CA PHE B 507 28.29 18.12 -35.05
C PHE B 507 28.08 19.46 -35.72
N VAL B 508 27.05 20.19 -35.30
CA VAL B 508 26.60 21.40 -35.99
C VAL B 508 26.72 22.59 -35.05
N THR B 509 27.41 23.63 -35.52
CA THR B 509 27.55 24.87 -34.74
C THR B 509 27.12 26.11 -35.48
N THR B 510 27.10 26.11 -36.81
CA THR B 510 26.80 27.32 -37.59
C THR B 510 25.55 27.11 -38.44
N PRO B 511 24.84 28.20 -38.76
CA PRO B 511 23.59 28.05 -39.50
C PRO B 511 23.74 27.48 -40.89
N ASP B 512 24.87 27.70 -41.57
CA ASP B 512 25.04 27.19 -42.92
C ASP B 512 25.08 25.67 -42.97
N GLN B 513 25.44 25.02 -41.86
CA GLN B 513 25.49 23.57 -41.80
C GLN B 513 24.12 22.92 -41.66
N LEU B 514 23.12 23.64 -41.13
CA LEU B 514 21.88 23.03 -40.67
C LEU B 514 21.21 22.24 -41.78
N LYS B 515 20.89 22.91 -42.90
CA LYS B 515 20.13 22.23 -43.96
C LYS B 515 20.90 21.08 -44.60
N PRO B 516 22.12 21.26 -45.10
CA PRO B 516 22.81 20.09 -45.71
C PRO B 516 23.08 18.95 -44.73
N VAL B 517 23.28 19.25 -43.45
CA VAL B 517 23.51 18.17 -42.48
C VAL B 517 22.21 17.42 -42.21
N LEU B 518 21.12 18.15 -41.93
CA LEU B 518 19.85 17.50 -41.63
C LEU B 518 19.33 16.69 -42.80
N GLU B 519 19.58 17.15 -44.04
CA GLU B 519 19.15 16.41 -45.22
C GLU B 519 19.90 15.09 -45.34
N GLU B 520 21.24 15.14 -45.26
CA GLU B 520 22.03 13.92 -45.39
C GLU B 520 21.82 12.98 -44.21
N ALA B 521 21.53 13.53 -43.03
CA ALA B 521 21.31 12.67 -41.87
C ALA B 521 19.98 11.93 -41.96
N MET B 522 18.95 12.56 -42.53
CA MET B 522 17.66 11.91 -42.60
C MET B 522 17.57 10.86 -43.71
N ALA B 523 18.46 10.92 -44.70
CA ALA B 523 18.50 9.92 -45.75
C ALA B 523 19.39 8.72 -45.40
N GLN B 524 19.82 8.58 -44.13
CA GLN B 524 20.78 7.53 -43.79
C GLN B 524 20.07 6.19 -43.59
N PRO B 525 20.71 5.09 -44.01
CA PRO B 525 20.12 3.76 -43.78
C PRO B 525 20.19 3.30 -42.33
N LYS B 526 21.00 3.94 -41.49
CA LYS B 526 21.03 3.68 -40.06
C LYS B 526 20.70 4.97 -39.32
N PRO B 527 20.23 4.88 -38.07
CA PRO B 527 19.90 6.11 -37.33
C PRO B 527 21.11 7.00 -37.21
N ALA B 528 20.95 8.24 -37.68
CA ALA B 528 21.97 9.27 -37.52
C ALA B 528 21.71 10.07 -36.27
N ILE B 529 22.76 10.66 -35.72
CA ILE B 529 22.66 11.55 -34.57
C ILE B 529 23.19 12.91 -34.98
N VAL B 530 22.35 13.94 -34.84
CA VAL B 530 22.71 15.30 -35.17
C VAL B 530 22.75 16.11 -33.88
N ASN B 531 23.95 16.56 -33.52
CA ASN B 531 24.21 17.28 -32.28
C ASN B 531 24.42 18.75 -32.63
N ILE B 532 23.46 19.59 -32.24
CA ILE B 532 23.41 20.99 -32.63
C ILE B 532 23.66 21.84 -31.40
N MET B 533 24.80 22.54 -31.37
CA MET B 533 25.09 23.45 -30.27
C MET B 533 24.25 24.72 -30.39
N ILE B 534 23.70 25.17 -29.26
CA ILE B 534 22.95 26.41 -29.20
C ILE B 534 23.46 27.24 -28.02
N SER B 535 23.09 28.51 -28.02
CA SER B 535 23.49 29.41 -26.95
C SER B 535 22.84 28.99 -25.64
N ASN B 536 23.60 29.06 -24.54
CA ASN B 536 23.04 28.80 -23.21
C ASN B 536 22.19 29.96 -22.69
N LYS B 537 22.10 31.06 -23.43
CA LYS B 537 21.22 32.17 -23.09
C LYS B 537 19.94 32.18 -23.93
N SER B 538 19.83 31.29 -24.92
CA SER B 538 18.65 31.28 -25.78
C SER B 538 17.43 30.76 -25.03
N GLY B 539 16.25 31.17 -25.50
CA GLY B 539 14.98 30.79 -24.90
C GLY B 539 13.77 31.35 -25.62
N MET C 1 -1.76 -44.03 1.39
CA MET C 1 -1.08 -43.48 2.57
C MET C 1 -1.93 -42.42 3.27
N ALA C 2 -1.62 -42.17 4.54
CA ALA C 2 -2.42 -41.24 5.35
C ALA C 2 -2.30 -39.83 4.81
N THR C 3 -3.44 -39.14 4.73
CA THR C 3 -3.47 -37.76 4.25
C THR C 3 -3.91 -36.82 5.37
N ILE C 4 -3.74 -35.53 5.11
CA ILE C 4 -4.00 -34.48 6.10
C ILE C 4 -4.41 -33.22 5.35
N THR C 5 -5.39 -32.49 5.90
CA THR C 5 -5.84 -31.29 5.24
C THR C 5 -4.95 -30.10 5.62
N GLY C 6 -5.09 -29.02 4.86
CA GLY C 6 -4.37 -27.80 5.21
C GLY C 6 -4.78 -27.25 6.56
N ALA C 7 -6.06 -27.41 6.92
CA ALA C 7 -6.52 -26.97 8.23
C ALA C 7 -5.85 -27.75 9.36
N GLN C 8 -5.75 -29.07 9.21
CA GLN C 8 -5.11 -29.88 10.24
C GLN C 8 -3.62 -29.59 10.34
N ILE C 9 -2.98 -29.34 9.20
CA ILE C 9 -1.56 -28.97 9.21
C ILE C 9 -1.37 -27.65 9.97
N VAL C 10 -2.19 -26.65 9.65
CA VAL C 10 -2.06 -25.34 10.30
C VAL C 10 -2.29 -25.46 11.80
N ALA C 11 -3.30 -26.25 12.20
CA ALA C 11 -3.53 -26.46 13.64
C ALA C 11 -2.35 -27.15 14.29
N ARG C 12 -1.79 -28.18 13.65
CA ARG C 12 -0.65 -28.87 14.23
C ARG C 12 0.55 -27.94 14.35
N ALA C 13 0.80 -27.13 13.32
CA ALA C 13 1.98 -26.25 13.36
C ALA C 13 1.83 -25.16 14.42
N LEU C 14 0.63 -24.59 14.57
CA LEU C 14 0.42 -23.58 15.59
C LEU C 14 0.69 -24.13 16.98
N LYS C 15 0.22 -25.36 17.24
CA LYS C 15 0.44 -25.97 18.55
C LYS C 15 1.92 -26.25 18.79
N GLN C 16 2.63 -26.75 17.78
CA GLN C 16 4.06 -26.99 17.91
C GLN C 16 4.85 -25.71 18.15
N GLN C 17 4.34 -24.56 17.73
CA GLN C 17 5.08 -23.31 17.87
C GLN C 17 4.73 -22.54 19.15
N GLY C 18 3.92 -23.11 20.03
CA GLY C 18 3.60 -22.47 21.28
C GLY C 18 2.28 -21.71 21.33
N VAL C 19 1.46 -21.77 20.27
CA VAL C 19 0.17 -21.10 20.28
C VAL C 19 -0.81 -21.91 21.11
N GLU C 20 -1.44 -21.26 22.10
CA GLU C 20 -2.34 -21.94 23.00
C GLU C 20 -3.73 -21.30 23.09
N HIS C 21 -3.94 -20.15 22.44
CA HIS C 21 -5.20 -19.44 22.56
C HIS C 21 -5.61 -18.91 21.20
N MET C 22 -6.82 -19.26 20.76
CA MET C 22 -7.36 -18.81 19.49
C MET C 22 -8.73 -18.18 19.72
N PHE C 23 -8.92 -16.99 19.15
CA PHE C 23 -10.16 -16.24 19.27
C PHE C 23 -10.64 -15.87 17.87
N GLY C 24 -11.95 -15.96 17.65
CA GLY C 24 -12.47 -15.58 16.35
C GLY C 24 -13.90 -16.06 16.17
N ILE C 25 -14.36 -15.99 14.92
CA ILE C 25 -15.72 -16.36 14.55
C ILE C 25 -15.66 -17.22 13.30
N VAL C 26 -16.34 -18.36 13.31
CA VAL C 26 -16.18 -19.34 12.25
C VAL C 26 -17.10 -19.06 11.07
N GLY C 27 -16.84 -19.73 9.96
CA GLY C 27 -17.53 -19.49 8.71
C GLY C 27 -16.63 -19.92 7.57
N ILE C 28 -17.22 -19.91 6.37
CA ILE C 28 -16.43 -20.23 5.18
C ILE C 28 -15.26 -19.27 5.08
N PRO C 29 -14.01 -19.74 4.91
CA PRO C 29 -13.59 -21.14 4.82
C PRO C 29 -12.84 -21.65 6.05
N VAL C 30 -12.91 -20.97 7.20
CA VAL C 30 -12.05 -21.29 8.34
C VAL C 30 -12.71 -22.23 9.33
N ILE C 31 -13.89 -22.76 9.01
CA ILE C 31 -14.55 -23.72 9.91
C ILE C 31 -13.66 -24.90 10.25
N PRO C 32 -12.98 -25.56 9.30
CA PRO C 32 -12.12 -26.70 9.67
C PRO C 32 -10.92 -26.31 10.54
N ILE C 33 -10.48 -25.05 10.49
CA ILE C 33 -9.32 -24.66 11.30
C ILE C 33 -9.67 -24.64 12.78
N ALA C 34 -10.83 -24.07 13.13
CA ALA C 34 -11.26 -24.06 14.52
C ALA C 34 -11.46 -25.46 15.06
N ALA C 35 -12.05 -26.34 14.24
CA ALA C 35 -12.23 -27.73 14.68
C ALA C 35 -10.90 -28.42 14.89
N ALA C 36 -9.97 -28.25 13.95
CA ALA C 36 -8.66 -28.88 14.09
C ALA C 36 -7.88 -28.27 15.25
N ALA C 37 -8.03 -26.97 15.47
CA ALA C 37 -7.37 -26.32 16.60
C ALA C 37 -7.83 -26.92 17.93
N GLN C 38 -9.14 -27.18 18.06
CA GLN C 38 -9.64 -27.80 19.28
C GLN C 38 -9.06 -29.20 19.47
N ARG C 39 -9.04 -30.01 18.41
CA ARG C 39 -8.47 -31.34 18.51
C ARG C 39 -6.98 -31.32 18.87
N GLU C 40 -6.28 -30.23 18.58
CA GLU C 40 -4.86 -30.13 18.91
C GLU C 40 -4.64 -29.69 20.35
N GLY C 41 -5.66 -29.25 21.05
CA GLY C 41 -5.51 -28.74 22.40
C GLY C 41 -5.42 -27.24 22.51
N ILE C 42 -5.52 -26.51 21.39
CA ILE C 42 -5.61 -25.06 21.45
C ILE C 42 -7.00 -24.67 21.96
N LYS C 43 -7.05 -23.72 22.89
CA LYS C 43 -8.31 -23.22 23.40
C LYS C 43 -8.92 -22.26 22.37
N PHE C 44 -10.09 -22.61 21.85
CA PHE C 44 -10.78 -21.76 20.89
C PHE C 44 -11.96 -21.05 21.56
N TYR C 45 -12.10 -19.76 21.29
CA TYR C 45 -13.16 -18.95 21.85
C TYR C 45 -13.94 -18.28 20.72
N GLY C 46 -15.22 -18.62 20.60
CA GLY C 46 -16.08 -18.02 19.59
C GLY C 46 -16.70 -16.71 20.05
N PHE C 47 -16.22 -15.61 19.51
CA PHE C 47 -16.67 -14.28 19.91
C PHE C 47 -17.92 -13.87 19.14
N HIS C 48 -18.46 -12.71 19.49
CA HIS C 48 -19.59 -12.12 18.77
C HIS C 48 -19.15 -11.13 17.71
N ASN C 49 -17.90 -10.67 17.73
CA ASN C 49 -17.37 -9.74 16.74
C ASN C 49 -15.88 -9.95 16.63
N GLU C 50 -15.36 -10.06 15.40
CA GLU C 50 -13.92 -10.28 15.23
C GLU C 50 -13.11 -9.14 15.82
N GLN C 51 -13.69 -7.94 15.88
CA GLN C 51 -12.99 -6.80 16.46
C GLN C 51 -12.52 -7.14 17.87
N SER C 52 -13.45 -7.53 18.73
CA SER C 52 -13.09 -7.88 20.10
C SER C 52 -12.14 -9.07 20.13
N ALA C 53 -12.35 -10.05 19.25
CA ALA C 53 -11.51 -11.23 19.21
C ALA C 53 -10.06 -10.88 18.88
N SER C 54 -9.86 -9.99 17.90
CA SER C 54 -8.49 -9.62 17.53
C SER C 54 -7.79 -8.87 18.65
N TYR C 55 -8.53 -8.12 19.47
CA TYR C 55 -7.93 -7.47 20.64
C TYR C 55 -7.50 -8.49 21.69
N ALA C 56 -8.24 -9.59 21.82
CA ALA C 56 -7.83 -10.63 22.77
C ALA C 56 -6.52 -11.28 22.34
N ALA C 57 -6.35 -11.53 21.04
CA ALA C 57 -5.13 -12.17 20.57
C ALA C 57 -3.88 -11.36 20.92
N GLY C 58 -3.95 -10.03 20.77
CA GLY C 58 -2.81 -9.20 21.14
C GLY C 58 -2.53 -9.22 22.63
N ALA C 59 -3.58 -9.23 23.44
CA ALA C 59 -3.37 -9.29 24.89
C ALA C 59 -2.71 -10.59 25.30
N VAL C 60 -3.07 -11.71 24.66
CA VAL C 60 -2.40 -12.98 24.94
C VAL C 60 -0.91 -12.87 24.65
N GLY C 61 -0.57 -12.19 23.55
CA GLY C 61 0.84 -11.99 23.24
C GLY C 61 1.57 -11.24 24.33
N TYR C 62 0.97 -10.16 24.84
CA TYR C 62 1.61 -9.41 25.90
C TYR C 62 1.77 -10.26 27.17
N LEU C 63 0.77 -11.06 27.51
CA LEU C 63 0.78 -11.77 28.79
C LEU C 63 1.71 -12.98 28.76
N THR C 64 1.89 -13.60 27.60
CA THR C 64 2.61 -14.86 27.51
C THR C 64 3.91 -14.80 26.72
N GLY C 65 4.11 -13.78 25.91
CA GLY C 65 5.29 -13.77 25.05
C GLY C 65 5.23 -14.75 23.90
N ARG C 66 4.05 -15.29 23.58
CA ARG C 66 3.76 -16.04 22.38
C ARG C 66 2.48 -15.47 21.78
N PRO C 67 2.41 -15.35 20.44
CA PRO C 67 1.25 -14.67 19.84
C PRO C 67 -0.04 -15.41 20.10
N GLY C 68 -1.06 -14.67 20.52
CA GLY C 68 -2.42 -15.16 20.38
C GLY C 68 -2.85 -15.08 18.93
N VAL C 69 -3.78 -15.96 18.55
CA VAL C 69 -4.23 -16.04 17.17
C VAL C 69 -5.68 -15.59 17.09
N CYS C 70 -5.95 -14.68 16.17
CA CYS C 70 -7.31 -14.32 15.79
C CYS C 70 -7.64 -15.01 14.47
N LEU C 71 -8.77 -15.74 14.44
CA LEU C 71 -9.20 -16.50 13.28
C LEU C 71 -10.42 -15.81 12.67
N ALA C 72 -10.31 -15.39 11.41
CA ALA C 72 -11.36 -14.62 10.77
C ALA C 72 -11.67 -15.18 9.40
N VAL C 73 -12.94 -15.06 9.00
CA VAL C 73 -13.37 -15.46 7.67
C VAL C 73 -12.80 -14.49 6.65
N SER C 74 -12.97 -14.82 5.37
CA SER C 74 -12.51 -13.95 4.32
C SER C 74 -13.29 -12.63 4.35
N GLY C 75 -12.71 -11.62 3.71
CA GLY C 75 -13.37 -10.35 3.54
C GLY C 75 -13.62 -9.60 4.82
N PRO C 76 -14.89 -9.31 5.13
CA PRO C 76 -15.20 -8.45 6.28
C PRO C 76 -14.76 -9.04 7.61
N GLY C 77 -14.66 -10.36 7.71
CA GLY C 77 -14.10 -10.94 8.93
C GLY C 77 -12.66 -10.53 9.15
N MET C 78 -11.83 -10.68 8.13
CA MET C 78 -10.45 -10.24 8.22
C MET C 78 -10.36 -8.74 8.44
N ILE C 79 -11.21 -7.97 7.76
CA ILE C 79 -11.13 -6.51 7.88
C ILE C 79 -11.52 -6.06 9.29
N HIS C 80 -12.51 -6.73 9.89
CA HIS C 80 -12.80 -6.46 11.31
C HIS C 80 -11.57 -6.71 12.17
N GLY C 81 -10.78 -7.74 11.84
CA GLY C 81 -9.63 -8.09 12.64
C GLY C 81 -8.44 -7.19 12.49
N ILE C 82 -8.47 -6.25 11.53
CA ILE C 82 -7.37 -5.31 11.39
C ILE C 82 -7.25 -4.42 12.62
N ALA C 83 -8.37 -4.20 13.32
CA ALA C 83 -8.31 -3.45 14.58
C ALA C 83 -7.29 -4.06 15.54
N GLY C 84 -7.30 -5.39 15.67
CA GLY C 84 -6.34 -6.04 16.54
C GLY C 84 -4.91 -5.94 16.05
N LEU C 85 -4.71 -6.07 14.73
CA LEU C 85 -3.36 -5.88 14.18
C LEU C 85 -2.83 -4.49 14.51
N ALA C 86 -3.67 -3.46 14.31
CA ALA C 86 -3.22 -2.10 14.57
C ALA C 86 -2.93 -1.86 16.05
N ASN C 87 -3.71 -2.49 16.94
CA ASN C 87 -3.43 -2.36 18.37
C ASN C 87 -2.13 -3.07 18.73
N ALA C 88 -1.89 -4.25 18.14
CA ALA C 88 -0.64 -4.96 18.42
C ALA C 88 0.55 -4.20 17.86
N TRP C 89 0.41 -3.65 16.65
CA TRP C 89 1.42 -2.78 16.08
C TRP C 89 1.75 -1.62 17.02
N SER C 90 0.72 -0.93 17.51
CA SER C 90 0.94 0.26 18.34
C SER C 90 1.65 -0.07 19.65
N ASN C 91 1.41 -1.26 20.21
CA ASN C 91 1.96 -1.66 21.50
C ASN C 91 3.15 -2.58 21.36
N ASN C 92 3.48 -3.00 20.13
CA ASN C 92 4.53 -3.97 19.89
C ASN C 92 4.24 -5.28 20.65
N TRP C 93 3.05 -5.83 20.41
CA TRP C 93 2.67 -7.10 21.00
C TRP C 93 2.62 -8.17 19.94
N PRO C 94 3.07 -9.39 20.25
CA PRO C 94 2.99 -10.48 19.27
C PRO C 94 1.55 -10.94 19.10
N MET C 95 1.10 -11.01 17.84
CA MET C 95 -0.21 -11.56 17.53
C MET C 95 -0.23 -11.99 16.06
N ILE C 96 -1.03 -13.00 15.77
CA ILE C 96 -1.25 -13.47 14.41
C ILE C 96 -2.73 -13.35 14.09
N LEU C 97 -3.04 -12.69 12.98
CA LEU C 97 -4.36 -12.75 12.38
C LEU C 97 -4.32 -13.77 11.27
N ILE C 98 -5.14 -14.79 11.36
CA ILE C 98 -5.31 -15.79 10.31
C ILE C 98 -6.63 -15.49 9.64
N GLY C 99 -6.58 -15.00 8.40
CA GLY C 99 -7.76 -14.67 7.63
C GLY C 99 -7.95 -15.67 6.50
N GLY C 100 -9.18 -16.16 6.38
CA GLY C 100 -9.55 -16.92 5.20
C GLY C 100 -9.52 -16.06 3.96
N ALA C 101 -9.50 -16.73 2.81
CA ALA C 101 -9.63 -16.05 1.53
C ALA C 101 -10.40 -16.96 0.59
N ASN C 102 -10.98 -16.35 -0.45
CA ASN C 102 -11.68 -17.14 -1.46
C ASN C 102 -10.72 -18.12 -2.13
N ASP C 103 -11.28 -19.19 -2.67
CA ASP C 103 -10.50 -20.17 -3.41
C ASP C 103 -9.67 -19.50 -4.50
N SER C 104 -8.40 -19.90 -4.60
CA SER C 104 -7.45 -19.22 -5.48
C SER C 104 -7.89 -19.27 -6.94
N TYR C 105 -8.58 -20.34 -7.34
CA TYR C 105 -8.99 -20.47 -8.73
C TYR C 105 -10.22 -19.62 -9.06
N GLN C 106 -10.75 -18.87 -8.10
CA GLN C 106 -11.81 -17.91 -8.37
C GLN C 106 -11.32 -16.47 -8.30
N ASN C 107 -10.01 -16.26 -8.16
CA ASN C 107 -9.46 -14.91 -8.15
C ASN C 107 -9.78 -14.20 -9.46
N GLY C 108 -10.16 -12.92 -9.35
CA GLY C 108 -10.53 -12.12 -10.50
C GLY C 108 -11.96 -12.29 -10.96
N GLN C 109 -12.72 -13.22 -10.37
CA GLN C 109 -14.08 -13.49 -10.81
C GLN C 109 -15.13 -12.72 -10.02
N GLY C 110 -14.73 -11.97 -9.00
CA GLY C 110 -15.69 -11.43 -8.05
C GLY C 110 -16.19 -12.53 -7.14
N ALA C 111 -15.26 -13.30 -6.59
CA ALA C 111 -15.58 -14.43 -5.73
C ALA C 111 -16.16 -13.95 -4.41
N PHE C 112 -16.76 -14.87 -3.68
CA PHE C 112 -17.36 -14.54 -2.39
C PHE C 112 -16.31 -14.02 -1.42
N GLN C 113 -16.45 -12.76 -1.01
CA GLN C 113 -15.58 -12.10 -0.04
C GLN C 113 -14.15 -11.96 -0.57
N GLU C 114 -13.99 -11.90 -1.89
CA GLU C 114 -12.71 -11.51 -2.47
C GLU C 114 -12.37 -10.09 -2.07
N ALA C 115 -11.16 -9.90 -1.54
CA ALA C 115 -10.73 -8.60 -1.02
C ALA C 115 -9.21 -8.59 -0.95
N PRO C 116 -8.58 -7.41 -1.09
CA PRO C 116 -7.11 -7.30 -1.01
C PRO C 116 -6.63 -7.31 0.44
N GLN C 117 -6.58 -8.50 1.02
CA GLN C 117 -6.42 -8.63 2.46
C GLN C 117 -4.97 -8.42 2.89
N ILE C 118 -4.00 -8.93 2.13
CA ILE C 118 -2.61 -8.72 2.47
C ILE C 118 -2.29 -7.22 2.47
N GLU C 119 -2.70 -6.51 1.43
CA GLU C 119 -2.47 -5.07 1.37
C GLU C 119 -3.22 -4.34 2.48
N SER C 120 -4.36 -4.88 2.93
CA SER C 120 -5.09 -4.25 4.02
C SER C 120 -4.34 -4.41 5.34
N ALA C 121 -3.65 -5.53 5.53
CA ALA C 121 -2.90 -5.76 6.77
C ALA C 121 -1.53 -5.10 6.77
N ARG C 122 -0.96 -4.86 5.58
CA ARG C 122 0.44 -4.44 5.45
C ARG C 122 0.86 -3.32 6.40
N PRO C 123 0.14 -2.20 6.53
CA PRO C 123 0.68 -1.08 7.34
C PRO C 123 0.96 -1.45 8.79
N TYR C 124 0.37 -2.54 9.30
CA TYR C 124 0.41 -2.82 10.73
C TYR C 124 1.15 -4.10 11.10
N VAL C 125 1.71 -4.81 10.13
CA VAL C 125 2.31 -6.11 10.43
C VAL C 125 3.78 -6.11 10.12
N LYS C 126 4.53 -6.90 10.90
CA LYS C 126 5.91 -7.20 10.55
C LYS C 126 6.01 -8.25 9.45
N TYR C 127 4.92 -8.97 9.18
CA TYR C 127 4.98 -10.13 8.30
C TYR C 127 3.60 -10.38 7.74
N ALA C 128 3.51 -10.58 6.43
CA ALA C 128 2.26 -10.93 5.78
C ALA C 128 2.56 -11.90 4.66
N ALA C 129 1.83 -13.01 4.61
CA ALA C 129 2.15 -14.06 3.65
C ALA C 129 0.89 -14.80 3.25
N ARG C 130 0.79 -15.11 1.96
CA ARG C 130 -0.16 -16.09 1.48
C ARG C 130 0.63 -17.35 1.17
N PRO C 131 0.44 -18.44 1.92
CA PRO C 131 1.21 -19.67 1.65
C PRO C 131 0.96 -20.16 0.23
N ASP C 132 2.06 -20.52 -0.45
CA ASP C 132 2.01 -20.89 -1.85
C ASP C 132 1.45 -22.29 -2.08
N SER C 133 1.50 -23.15 -1.07
CA SER C 133 1.07 -24.53 -1.23
C SER C 133 0.77 -25.12 0.15
N ILE C 134 0.05 -26.24 0.14
CA ILE C 134 -0.37 -26.86 1.40
C ILE C 134 0.83 -27.42 2.15
N ALA C 135 1.74 -28.10 1.45
CA ALA C 135 2.85 -28.77 2.13
C ALA C 135 3.81 -27.80 2.79
N ARG C 136 3.88 -26.55 2.33
CA ARG C 136 4.76 -25.57 2.95
C ARG C 136 4.09 -24.77 4.06
N LEU C 137 2.88 -25.13 4.45
CA LEU C 137 2.21 -24.39 5.54
C LEU C 137 3.04 -24.30 6.82
N PRO C 138 3.66 -25.38 7.32
CA PRO C 138 4.47 -25.24 8.54
C PRO C 138 5.60 -24.23 8.41
N PHE C 139 6.17 -24.07 7.21
CA PHE C 139 7.20 -23.06 7.02
C PHE C 139 6.68 -21.66 7.35
N TYR C 140 5.47 -21.34 6.87
CA TYR C 140 4.92 -20.00 7.08
C TYR C 140 4.49 -19.78 8.53
N VAL C 141 3.93 -20.82 9.16
CA VAL C 141 3.50 -20.69 10.55
C VAL C 141 4.71 -20.39 11.44
N GLU C 142 5.80 -21.16 11.27
CA GLU C 142 6.98 -20.93 12.08
C GLU C 142 7.59 -19.55 11.79
N GLN C 143 7.68 -19.17 10.52
CA GLN C 143 8.23 -17.86 10.19
C GLN C 143 7.38 -16.74 10.77
N ALA C 144 6.05 -16.88 10.69
CA ALA C 144 5.15 -15.88 11.25
C ALA C 144 5.30 -15.80 12.76
N VAL C 145 5.27 -16.94 13.44
CA VAL C 145 5.42 -16.94 14.90
C VAL C 145 6.77 -16.35 15.27
N ARG C 146 7.84 -16.81 14.62
CA ARG C 146 9.17 -16.31 14.94
C ARG C 146 9.26 -14.80 14.73
N THR C 147 8.63 -14.29 13.67
CA THR C 147 8.71 -12.86 13.39
C THR C 147 7.95 -12.04 14.42
N THR C 148 6.88 -12.59 15.01
CA THR C 148 6.14 -11.79 15.98
C THR C 148 6.89 -11.60 17.28
N ILE C 149 7.80 -12.53 17.64
CA ILE C 149 8.43 -12.47 18.95
C ILE C 149 9.93 -12.18 18.89
N TYR C 150 10.57 -12.30 17.73
CA TYR C 150 11.98 -11.94 17.61
C TYR C 150 12.09 -10.46 17.28
N GLY C 151 13.14 -9.81 17.82
CA GLY C 151 13.28 -8.38 17.64
C GLY C 151 12.24 -7.61 18.43
N ARG C 152 11.82 -6.49 17.87
CA ARG C 152 10.71 -5.75 18.47
C ARG C 152 9.42 -6.49 18.17
N PRO C 153 8.69 -6.97 19.19
CA PRO C 153 7.53 -7.82 18.91
C PRO C 153 6.44 -7.06 18.15
N GLY C 154 5.63 -7.82 17.42
CA GLY C 154 4.62 -7.21 16.58
C GLY C 154 3.69 -8.24 15.98
N ALA C 155 2.90 -7.79 15.02
CA ALA C 155 1.80 -8.57 14.47
C ALA C 155 2.19 -9.16 13.12
N ALA C 156 1.52 -10.27 12.79
CA ALA C 156 1.70 -10.96 11.53
C ALA C 156 0.33 -11.34 10.98
N TYR C 157 0.23 -11.48 9.67
CA TYR C 157 -1.00 -11.86 9.02
C TYR C 157 -0.74 -13.04 8.07
N LEU C 158 -1.51 -14.12 8.22
CA LEU C 158 -1.47 -15.25 7.32
C LEU C 158 -2.76 -15.27 6.50
N ASP C 159 -2.61 -15.22 5.18
CA ASP C 159 -3.73 -15.21 4.22
C ASP C 159 -3.93 -16.63 3.71
N LEU C 160 -5.06 -17.26 4.02
CA LEU C 160 -5.28 -18.68 3.70
C LEU C 160 -6.43 -18.88 2.72
N PRO C 161 -6.14 -19.09 1.43
CA PRO C 161 -7.23 -19.36 0.48
C PRO C 161 -7.93 -20.67 0.84
N GLY C 162 -9.25 -20.70 0.60
CA GLY C 162 -10.05 -21.83 1.03
C GLY C 162 -9.57 -23.17 0.49
N ASP C 163 -9.00 -23.17 -0.73
CA ASP C 163 -8.52 -24.44 -1.29
C ASP C 163 -7.24 -24.90 -0.60
N ILE C 164 -6.46 -23.98 -0.05
CA ILE C 164 -5.32 -24.37 0.79
C ILE C 164 -5.81 -24.98 2.09
N ILE C 165 -6.93 -24.48 2.62
CA ILE C 165 -7.45 -24.99 3.88
C ILE C 165 -8.09 -26.37 3.68
N SER C 166 -8.95 -26.50 2.67
CA SER C 166 -9.73 -27.72 2.47
C SER C 166 -9.02 -28.81 1.70
N GLY C 167 -7.96 -28.49 0.96
CA GLY C 167 -7.23 -29.50 0.24
C GLY C 167 -6.41 -30.37 1.17
N SER C 168 -5.95 -31.50 0.63
CA SER C 168 -5.22 -32.50 1.40
C SER C 168 -3.94 -32.87 0.68
N VAL C 169 -2.94 -33.28 1.47
CA VAL C 169 -1.70 -33.83 0.96
C VAL C 169 -1.38 -35.08 1.76
N GLU C 170 -0.43 -35.85 1.26
CA GLU C 170 0.05 -37.00 2.02
C GLU C 170 0.93 -36.51 3.16
N GLU C 171 0.73 -37.11 4.35
N GLU C 171 0.73 -37.10 4.35
CA GLU C 171 1.46 -36.67 5.53
CA GLU C 171 1.45 -36.66 5.54
C GLU C 171 2.97 -36.75 5.33
C GLU C 171 2.96 -36.79 5.38
N ALA C 172 3.43 -37.69 4.51
CA ALA C 172 4.86 -37.83 4.25
C ALA C 172 5.44 -36.66 3.47
N GLU C 173 4.60 -35.76 2.94
CA GLU C 173 5.08 -34.60 2.21
C GLU C 173 5.25 -33.37 3.08
N VAL C 174 4.82 -33.41 4.33
CA VAL C 174 4.80 -32.24 5.20
C VAL C 174 5.98 -32.31 6.17
N THR C 175 6.86 -31.32 6.09
CA THR C 175 7.94 -31.15 7.06
C THR C 175 7.53 -30.08 8.07
N TYR C 176 7.63 -30.41 9.36
CA TYR C 176 7.32 -29.48 10.44
C TYR C 176 8.59 -28.97 11.09
N PRO C 177 8.78 -27.66 11.20
CA PRO C 177 9.96 -27.13 11.89
C PRO C 177 9.87 -27.36 13.40
N GLY C 178 11.03 -27.37 14.04
CA GLY C 178 11.07 -27.39 15.48
C GLY C 178 10.45 -26.15 16.09
N ARG C 179 10.07 -26.26 17.35
CA ARG C 179 9.46 -25.14 18.05
C ARG C 179 10.42 -23.94 18.07
N CYS C 180 9.92 -22.80 17.63
CA CYS C 180 10.70 -21.58 17.63
C CYS C 180 11.19 -21.25 19.04
N PRO C 181 12.50 -21.19 19.28
CA PRO C 181 13.00 -20.95 20.63
C PRO C 181 12.75 -19.53 21.10
N GLU C 182 12.84 -19.34 22.41
CA GLU C 182 12.75 -18.01 22.97
C GLU C 182 13.87 -17.15 22.39
N PRO C 183 13.59 -15.90 22.00
CA PRO C 183 14.61 -15.09 21.36
C PRO C 183 15.74 -14.80 22.33
N PRO C 184 16.97 -14.63 21.84
CA PRO C 184 18.09 -14.35 22.74
C PRO C 184 17.99 -12.96 23.34
N ARG C 185 18.34 -12.86 24.62
CA ARG C 185 18.26 -11.60 25.37
C ARG C 185 19.58 -10.85 25.20
N THR C 186 19.61 -9.90 24.27
CA THR C 186 20.86 -9.26 23.89
C THR C 186 21.29 -8.23 24.91
N LEU C 187 22.60 -7.98 24.96
CA LEU C 187 23.23 -7.15 25.98
C LEU C 187 23.77 -5.86 25.38
N ALA C 188 23.91 -4.85 26.25
CA ALA C 188 24.58 -3.61 25.91
C ALA C 188 26.08 -3.76 26.12
N PRO C 189 26.90 -2.99 25.39
CA PRO C 189 28.35 -3.04 25.63
C PRO C 189 28.68 -2.59 27.05
N GLU C 190 29.72 -3.21 27.61
CA GLU C 190 30.06 -2.96 29.01
C GLU C 190 30.37 -1.49 29.27
N GLU C 191 30.91 -0.79 28.27
CA GLU C 191 31.21 0.62 28.44
C GLU C 191 29.94 1.47 28.52
N ASN C 192 28.85 1.02 27.90
CA ASN C 192 27.58 1.73 28.04
C ASN C 192 26.97 1.52 29.41
N ILE C 193 27.08 0.30 29.93
CA ILE C 193 26.63 0.02 31.30
C ILE C 193 27.36 0.93 32.28
N LYS C 194 28.70 1.00 32.14
CA LYS C 194 29.49 1.86 33.02
C LYS C 194 29.13 3.32 32.81
N ALA C 195 28.87 3.73 31.56
CA ALA C 195 28.53 5.12 31.28
C ALA C 195 27.20 5.49 31.91
N ALA C 196 26.23 4.57 31.88
CA ALA C 196 24.92 4.84 32.47
C ALA C 196 25.02 5.06 33.97
N LEU C 197 25.72 4.14 34.66
CA LEU C 197 25.87 4.30 36.10
C LEU C 197 26.67 5.54 36.43
N ALA C 198 27.70 5.85 35.63
CA ALA C 198 28.48 7.06 35.88
C ALA C 198 27.64 8.31 35.69
N ALA C 199 26.78 8.34 34.67
CA ALA C 199 25.88 9.48 34.49
C ALA C 199 24.88 9.58 35.64
N LEU C 200 24.40 8.44 36.12
CA LEU C 200 23.49 8.41 37.27
C LEU C 200 24.11 9.11 38.48
N LYS C 201 25.41 8.90 38.72
CA LYS C 201 26.03 9.49 39.91
C LYS C 201 26.15 11.01 39.82
N THR C 202 26.16 11.57 38.62
CA THR C 202 26.26 13.02 38.47
C THR C 202 24.92 13.74 38.61
N ALA C 203 23.81 13.02 38.67
CA ALA C 203 22.50 13.64 38.60
C ALA C 203 22.08 14.23 39.94
N GLU C 204 21.43 15.40 39.89
CA GLU C 204 20.90 16.00 41.11
C GLU C 204 19.51 15.45 41.43
N ARG C 205 18.71 15.19 40.40
CA ARG C 205 17.30 14.79 40.56
C ARG C 205 17.01 13.65 39.61
N PRO C 206 17.57 12.46 39.87
CA PRO C 206 17.38 11.32 38.96
C PRO C 206 16.06 10.61 39.20
N LEU C 207 15.57 9.98 38.14
CA LEU C 207 14.27 9.31 38.14
C LEU C 207 14.33 8.07 37.27
N VAL C 208 13.68 7.00 37.71
CA VAL C 208 13.53 5.78 36.93
C VAL C 208 12.10 5.69 36.45
N ILE C 209 11.91 5.37 35.17
CA ILE C 209 10.57 5.13 34.62
C ILE C 209 10.49 3.66 34.21
N VAL C 210 9.51 2.95 34.73
CA VAL C 210 9.32 1.53 34.46
C VAL C 210 8.10 1.38 33.55
N GLY C 211 8.33 0.94 32.30
CA GLY C 211 7.29 0.79 31.32
C GLY C 211 6.91 -0.68 31.07
N LYS C 212 5.90 -0.84 30.20
CA LYS C 212 5.41 -2.19 29.95
C LYS C 212 6.36 -3.02 29.09
N GLY C 213 7.42 -2.42 28.55
CA GLY C 213 8.45 -3.21 27.92
C GLY C 213 9.25 -4.02 28.93
N ALA C 214 9.47 -3.45 30.12
CA ALA C 214 10.10 -4.20 31.20
C ALA C 214 9.18 -5.32 31.68
N ALA C 215 7.88 -5.06 31.74
CA ALA C 215 6.92 -6.11 32.08
C ALA C 215 6.93 -7.22 31.03
N TYR C 216 6.94 -6.85 29.75
CA TYR C 216 6.94 -7.86 28.70
C TYR C 216 8.23 -8.67 28.73
N SER C 217 9.35 -8.03 29.09
CA SER C 217 10.63 -8.71 29.18
C SER C 217 10.68 -9.67 30.36
N ARG C 218 9.69 -9.65 31.24
N ARG C 218 9.68 -9.66 31.23
CA ARG C 218 9.70 -10.44 32.47
CA ARG C 218 9.69 -10.44 32.47
C ARG C 218 10.90 -10.06 33.34
C ARG C 218 10.90 -10.06 33.32
N ALA C 219 11.17 -8.76 33.40
CA ALA C 219 12.35 -8.24 34.09
C ALA C 219 12.05 -7.73 35.49
N GLU C 220 10.92 -8.11 36.09
CA GLU C 220 10.49 -7.47 37.32
C GLU C 220 11.52 -7.63 38.44
N ASP C 221 12.10 -8.83 38.57
CA ASP C 221 13.03 -9.07 39.68
C ASP C 221 14.29 -8.23 39.54
N GLU C 222 14.80 -8.08 38.32
N GLU C 222 14.81 -8.09 38.31
CA GLU C 222 15.99 -7.28 38.08
CA GLU C 222 16.00 -7.27 38.10
C GLU C 222 15.70 -5.79 38.26
C GLU C 222 15.68 -5.78 38.29
N VAL C 223 14.53 -5.34 37.80
CA VAL C 223 14.16 -3.93 37.95
C VAL C 223 13.97 -3.59 39.43
N ARG C 224 13.28 -4.45 40.17
CA ARG C 224 13.08 -4.17 41.59
C ARG C 224 14.40 -4.12 42.34
N LYS C 225 15.34 -5.01 41.99
CA LYS C 225 16.64 -5.00 42.63
C LYS C 225 17.40 -3.71 42.31
N PHE C 226 17.40 -3.33 41.03
CA PHE C 226 18.09 -2.10 40.62
C PHE C 226 17.53 -0.88 41.34
N VAL C 227 16.21 -0.79 41.45
CA VAL C 227 15.59 0.36 42.09
C VAL C 227 15.90 0.37 43.58
N GLU C 228 15.82 -0.80 44.22
CA GLU C 228 16.07 -0.85 45.66
C GLU C 228 17.55 -0.62 45.96
N THR C 229 18.44 -1.14 45.12
CA THR C 229 19.87 -0.98 45.37
C THR C 229 20.29 0.47 45.26
N THR C 230 19.78 1.18 44.24
CA THR C 230 20.15 2.56 44.02
C THR C 230 19.38 3.53 44.91
N GLY C 231 18.25 3.11 45.47
CA GLY C 231 17.43 4.02 46.26
C GLY C 231 16.80 5.14 45.44
N LEU C 232 16.56 4.92 44.15
CA LEU C 232 16.05 5.97 43.28
C LEU C 232 14.52 6.03 43.31
N PRO C 233 13.94 7.21 43.17
CA PRO C 233 12.50 7.28 42.93
C PRO C 233 12.18 6.70 41.57
N TYR C 234 10.99 6.10 41.45
CA TYR C 234 10.59 5.52 40.19
C TYR C 234 9.13 5.83 39.91
N LEU C 235 8.81 5.93 38.62
CA LEU C 235 7.44 6.08 38.13
C LEU C 235 7.09 4.85 37.29
N ALA C 236 5.97 4.22 37.59
CA ALA C 236 5.45 3.15 36.76
C ALA C 236 4.45 3.73 35.77
N SER C 237 4.64 3.44 34.48
CA SER C 237 3.66 3.76 33.45
C SER C 237 2.38 2.97 33.74
N PRO C 238 1.26 3.26 33.08
CA PRO C 238 0.01 2.53 33.41
C PRO C 238 0.14 1.02 33.38
N MET C 239 0.70 0.44 32.33
CA MET C 239 0.83 -1.01 32.31
C MET C 239 2.16 -1.49 32.86
N GLY C 240 3.07 -0.58 33.21
CA GLY C 240 4.23 -0.92 34.02
C GLY C 240 3.93 -1.04 35.51
N LYS C 241 2.73 -0.65 35.93
CA LYS C 241 2.31 -0.87 37.31
C LYS C 241 2.41 -2.35 37.66
N GLY C 242 2.95 -2.64 38.84
CA GLY C 242 3.07 -4.00 39.31
C GLY C 242 4.40 -4.67 39.04
N VAL C 243 5.15 -4.19 38.03
CA VAL C 243 6.52 -4.65 37.86
C VAL C 243 7.27 -4.55 39.18
N ILE C 244 7.24 -3.36 39.78
CA ILE C 244 7.50 -3.16 41.20
C ILE C 244 6.13 -3.07 41.86
N PRO C 245 5.91 -3.66 43.03
CA PRO C 245 4.58 -3.54 43.68
C PRO C 245 4.22 -2.08 43.91
N ASP C 246 2.95 -1.75 43.62
CA ASP C 246 2.53 -0.35 43.61
C ASP C 246 2.56 0.30 44.99
N ASP C 247 2.68 -0.48 46.05
CA ASP C 247 2.80 0.09 47.38
C ASP C 247 4.26 0.22 47.82
N HIS C 248 5.20 0.08 46.89
CA HIS C 248 6.61 0.17 47.22
C HIS C 248 6.96 1.58 47.69
N PRO C 249 7.80 1.73 48.72
CA PRO C 249 8.07 3.07 49.27
C PRO C 249 8.75 4.03 48.31
N GLN C 250 9.34 3.55 47.21
CA GLN C 250 10.06 4.43 46.29
C GLN C 250 9.21 4.91 45.13
N SER C 251 7.94 4.53 45.07
CA SER C 251 7.08 4.98 43.99
C SER C 251 6.74 6.45 44.16
N ILE C 252 6.92 7.23 43.09
CA ILE C 252 6.54 8.63 43.14
C ILE C 252 5.32 8.87 42.25
N ALA C 253 4.50 7.82 42.06
CA ALA C 253 3.36 7.92 41.16
C ALA C 253 2.44 9.08 41.52
N ALA C 254 2.21 9.29 42.82
CA ALA C 254 1.32 10.37 43.26
C ALA C 254 1.92 11.75 43.01
N ALA C 255 3.18 11.85 42.62
CA ALA C 255 3.83 13.11 42.31
C ALA C 255 4.32 13.13 40.87
N ARG C 256 3.57 12.45 39.99
CA ARG C 256 4.02 12.20 38.62
C ARG C 256 4.42 13.51 37.91
N SER C 257 3.54 14.52 37.95
CA SER C 257 3.81 15.75 37.20
C SER C 257 5.04 16.47 37.72
N PHE C 258 5.13 16.64 39.04
CA PHE C 258 6.29 17.31 39.64
C PHE C 258 7.58 16.57 39.31
N ALA C 259 7.54 15.23 39.32
CA ALA C 259 8.76 14.45 39.07
C ALA C 259 9.26 14.60 37.64
N LEU C 260 8.36 14.54 36.66
CA LEU C 260 8.76 14.71 35.26
C LEU C 260 9.24 16.13 34.99
N GLN C 261 8.65 17.12 35.65
CA GLN C 261 9.02 18.49 35.36
C GLN C 261 10.39 18.84 35.92
N ASN C 262 10.78 18.20 37.02
CA ASN C 262 11.99 18.60 37.73
C ASN C 262 13.15 17.65 37.59
N THR C 263 12.92 16.44 37.09
CA THR C 263 14.02 15.50 36.96
C THR C 263 15.06 16.04 35.98
N ASP C 264 16.34 15.83 36.28
CA ASP C 264 17.40 16.20 35.36
C ASP C 264 18.04 15.00 34.68
N LEU C 265 17.60 13.78 35.02
CA LEU C 265 18.12 12.57 34.38
C LEU C 265 17.12 11.45 34.62
N VAL C 266 16.60 10.87 33.55
CA VAL C 266 15.63 9.80 33.64
C VAL C 266 16.23 8.53 33.05
N VAL C 267 15.97 7.40 33.71
CA VAL C 267 16.30 6.08 33.18
C VAL C 267 15.00 5.48 32.65
N LEU C 268 14.90 5.34 31.33
CA LEU C 268 13.71 4.79 30.68
C LEU C 268 13.90 3.29 30.50
N MET C 269 13.15 2.50 31.26
CA MET C 269 13.27 1.05 31.24
C MET C 269 12.07 0.49 30.49
N GLY C 270 12.25 0.25 29.20
CA GLY C 270 11.16 -0.22 28.36
C GLY C 270 9.98 0.72 28.32
N ALA C 271 10.22 2.01 28.07
CA ALA C 271 9.16 3.00 27.98
C ALA C 271 9.56 4.05 26.96
N ARG C 272 8.60 4.48 26.14
CA ARG C 272 8.88 5.40 25.07
C ARG C 272 8.61 6.84 25.49
N MET C 273 9.38 7.77 24.90
CA MET C 273 9.10 9.19 24.99
C MET C 273 8.04 9.58 23.96
N ASN C 274 6.89 8.90 24.02
CA ASN C 274 5.81 9.18 23.08
C ASN C 274 4.78 10.09 23.75
N TRP C 275 3.54 10.09 23.22
CA TRP C 275 2.50 10.98 23.71
C TRP C 275 2.22 10.78 25.19
N MET C 276 2.40 9.56 25.70
CA MET C 276 2.10 9.30 27.11
C MET C 276 3.07 10.04 28.03
N MET C 277 4.32 10.15 27.61
CA MET C 277 5.32 10.92 28.34
C MET C 277 5.45 12.34 27.84
N HIS C 278 4.49 12.82 27.06
CA HIS C 278 4.49 14.18 26.53
C HIS C 278 5.74 14.46 25.70
N PHE C 279 6.26 13.42 25.05
CA PHE C 279 7.39 13.50 24.12
C PHE C 279 8.69 13.90 24.80
N GLY C 280 8.75 13.84 26.14
CA GLY C 280 9.94 14.27 26.84
C GLY C 280 10.27 15.74 26.68
N GLN C 281 9.32 16.55 26.26
CA GLN C 281 9.55 17.95 25.92
C GLN C 281 8.99 18.89 26.98
N PRO C 282 9.51 20.12 27.07
CA PRO C 282 8.83 21.15 27.87
C PRO C 282 7.47 21.44 27.29
N PRO C 283 6.54 21.96 28.09
CA PRO C 283 6.67 22.36 29.50
C PRO C 283 6.57 21.20 30.50
N ARG C 284 6.12 20.02 30.07
CA ARG C 284 5.95 18.92 31.02
C ARG C 284 7.28 18.39 31.55
N TRP C 285 8.33 18.47 30.74
CA TRP C 285 9.67 18.08 31.15
C TRP C 285 10.56 19.32 31.19
N ASN C 286 11.73 19.16 31.80
CA ASN C 286 12.71 20.22 31.72
C ASN C 286 13.40 20.19 30.36
N GLU C 287 13.75 21.39 29.88
CA GLU C 287 14.32 21.52 28.54
C GLU C 287 15.63 20.77 28.39
N LYS C 288 16.40 20.61 29.46
CA LYS C 288 17.73 20.00 29.39
C LYS C 288 17.80 18.63 30.05
N VAL C 289 16.69 17.88 30.08
CA VAL C 289 16.70 16.59 30.74
C VAL C 289 17.64 15.64 30.01
N ARG C 290 18.39 14.85 30.78
CA ARG C 290 19.28 13.83 30.23
C ARG C 290 18.57 12.49 30.28
N VAL C 291 18.80 11.65 29.28
CA VAL C 291 18.05 10.42 29.12
C VAL C 291 19.00 9.24 28.98
N ILE C 292 18.81 8.23 29.83
CA ILE C 292 19.38 6.91 29.65
C ILE C 292 18.24 6.01 29.20
N GLN C 293 18.38 5.37 28.04
CA GLN C 293 17.25 4.71 27.42
C GLN C 293 17.57 3.24 27.21
N MET C 294 16.71 2.39 27.74
CA MET C 294 16.84 0.94 27.65
C MET C 294 15.67 0.44 26.82
N ASP C 295 15.96 -0.08 25.63
CA ASP C 295 14.90 -0.52 24.73
C ASP C 295 15.46 -1.58 23.81
N ILE C 296 14.62 -2.53 23.42
CA ILE C 296 15.07 -3.55 22.49
C ILE C 296 15.17 -3.00 21.07
N SER C 297 14.51 -1.88 20.78
CA SER C 297 14.43 -1.32 19.44
C SER C 297 15.49 -0.22 19.30
N ALA C 298 16.51 -0.46 18.48
CA ALA C 298 17.52 0.56 18.26
C ALA C 298 16.92 1.81 17.62
N GLU C 299 15.94 1.65 16.73
CA GLU C 299 15.33 2.80 16.07
C GLU C 299 14.58 3.70 17.05
N GLU C 300 14.10 3.15 18.17
CA GLU C 300 13.41 3.99 19.14
C GLU C 300 14.36 4.94 19.86
N ILE C 301 15.66 4.63 19.90
CA ILE C 301 16.62 5.43 20.67
C ILE C 301 16.71 6.83 20.13
N GLY C 302 16.49 7.82 21.01
CA GLY C 302 16.67 9.20 20.62
C GLY C 302 15.49 9.85 19.93
N THR C 303 14.30 9.26 20.05
CA THR C 303 13.08 9.88 19.53
C THR C 303 12.71 11.09 20.39
N ASN C 304 12.45 12.22 19.74
CA ASN C 304 11.98 13.44 20.39
C ASN C 304 13.00 14.13 21.26
N VAL C 305 13.67 13.40 22.15
CA VAL C 305 14.72 13.98 22.98
C VAL C 305 16.01 13.20 22.75
N PRO C 306 17.17 13.86 22.75
CA PRO C 306 18.43 13.13 22.60
C PRO C 306 18.61 12.15 23.73
N THR C 307 19.28 11.03 23.44
CA THR C 307 19.63 10.06 24.46
C THR C 307 21.12 10.14 24.76
N GLU C 308 21.45 10.27 26.04
CA GLU C 308 22.85 10.43 26.43
C GLU C 308 23.57 9.08 26.47
N VAL C 309 22.96 8.05 27.06
CA VAL C 309 23.49 6.70 27.05
C VAL C 309 22.39 5.77 26.54
N ALA C 310 22.65 5.09 25.44
CA ALA C 310 21.70 4.16 24.84
C ALA C 310 22.02 2.74 25.29
N LEU C 311 21.02 2.04 25.82
CA LEU C 311 21.15 0.65 26.25
C LEU C 311 20.21 -0.18 25.41
N VAL C 312 20.67 -0.62 24.24
CA VAL C 312 19.85 -1.38 23.32
C VAL C 312 20.00 -2.86 23.63
N GLY C 313 18.88 -3.51 23.92
CA GLY C 313 18.83 -4.94 24.13
C GLY C 313 17.64 -5.29 24.99
N ASP C 314 17.69 -6.47 25.60
CA ASP C 314 16.60 -6.95 26.43
C ASP C 314 16.65 -6.32 27.82
N ALA C 315 15.50 -5.82 28.29
CA ALA C 315 15.45 -5.14 29.58
C ALA C 315 15.94 -6.04 30.71
N LYS C 316 15.51 -7.31 30.73
CA LYS C 316 15.92 -8.22 31.79
C LYS C 316 17.43 -8.39 31.81
N ALA C 317 18.02 -8.65 30.64
CA ALA C 317 19.46 -8.89 30.57
C ALA C 317 20.25 -7.64 30.89
N ILE C 318 19.79 -6.48 30.40
CA ILE C 318 20.55 -5.25 30.58
C ILE C 318 20.46 -4.77 32.03
N THR C 319 19.28 -4.87 32.64
CA THR C 319 19.19 -4.51 34.05
C THR C 319 20.07 -5.41 34.91
N ALA C 320 20.15 -6.70 34.57
CA ALA C 320 21.08 -7.60 35.23
C ALA C 320 22.52 -7.17 35.02
N GLN C 321 22.84 -6.61 33.85
CA GLN C 321 24.16 -6.01 33.67
C GLN C 321 24.37 -4.84 34.61
N LEU C 322 23.33 -4.02 34.81
CA LEU C 322 23.46 -2.88 35.71
C LEU C 322 23.68 -3.35 37.14
N ASN C 323 22.90 -4.37 37.57
CA ASN C 323 23.03 -4.87 38.93
C ASN C 323 24.39 -5.54 39.15
N ALA C 324 24.93 -6.20 38.13
CA ALA C 324 26.24 -6.82 38.27
C ALA C 324 27.33 -5.77 38.42
N GLU C 325 27.23 -4.66 37.67
CA GLU C 325 28.25 -3.62 37.78
C GLU C 325 28.13 -2.85 39.09
N LEU C 326 26.90 -2.67 39.59
CA LEU C 326 26.69 -2.09 40.90
C LEU C 326 27.19 -2.98 42.02
N GLU C 327 27.37 -4.28 41.76
CA GLU C 327 27.97 -5.14 42.76
C GLU C 327 29.48 -4.96 42.83
N LYS C 328 30.13 -4.74 41.68
CA LYS C 328 31.56 -4.47 41.67
C LYS C 328 31.88 -3.07 42.16
N ASN C 329 31.03 -2.09 41.83
CA ASN C 329 31.22 -0.70 42.23
C ASN C 329 29.92 -0.20 42.85
N PRO C 330 29.72 -0.43 44.14
CA PRO C 330 28.47 -0.03 44.79
C PRO C 330 28.23 1.47 44.70
N TRP C 331 26.96 1.83 44.55
CA TRP C 331 26.51 3.22 44.58
C TRP C 331 25.04 3.24 44.96
N SER C 332 24.65 4.28 45.68
CA SER C 332 23.23 4.49 45.99
C SER C 332 22.95 5.97 46.12
N TYR C 333 21.77 6.37 45.70
CA TYR C 333 21.36 7.76 45.82
C TYR C 333 21.21 8.13 47.30
N PRO C 334 21.77 9.26 47.74
CA PRO C 334 21.76 9.56 49.17
C PRO C 334 20.36 9.84 49.68
N SER C 335 20.17 9.57 50.96
CA SER C 335 18.98 10.02 51.66
C SER C 335 19.15 11.50 52.04
N GLU C 336 18.03 12.12 52.44
CA GLU C 336 18.02 13.48 52.94
C GLU C 336 18.34 14.51 51.87
N THR C 337 18.08 14.19 50.61
CA THR C 337 18.24 15.20 49.57
C THR C 337 16.97 16.05 49.47
N THR C 338 17.14 17.26 48.93
CA THR C 338 15.95 18.06 48.63
C THR C 338 15.09 17.42 47.54
N TRP C 339 15.68 16.56 46.72
CA TRP C 339 14.90 15.85 45.70
C TRP C 339 13.84 14.96 46.34
N TRP C 340 14.26 14.02 47.20
CA TRP C 340 13.31 13.15 47.88
C TRP C 340 12.33 13.94 48.72
N THR C 341 12.82 14.96 49.44
CA THR C 341 11.95 15.76 50.28
C THR C 341 10.89 16.49 49.46
N GLY C 342 11.28 17.05 48.31
CA GLY C 342 10.30 17.67 47.44
C GLY C 342 9.28 16.69 46.90
N LEU C 343 9.71 15.47 46.59
CA LEU C 343 8.79 14.45 46.08
C LEU C 343 7.82 14.00 47.17
N GLN C 344 8.33 13.73 48.38
CA GLN C 344 7.44 13.29 49.45
C GLN C 344 6.43 14.36 49.80
N SER C 345 6.82 15.64 49.72
CA SER C 345 5.86 16.73 49.93
C SER C 345 4.73 16.66 48.91
N LYS C 346 5.07 16.51 47.63
CA LYS C 346 4.03 16.43 46.60
C LYS C 346 3.17 15.19 46.80
N ILE C 347 3.77 14.08 47.21
CA ILE C 347 3.00 12.85 47.44
C ILE C 347 2.01 13.06 48.57
N ALA C 348 2.43 13.74 49.64
CA ALA C 348 1.55 13.96 50.79
C ALA C 348 0.39 14.86 50.43
N ALA C 349 0.62 15.87 49.59
CA ALA C 349 -0.48 16.76 49.19
C ALA C 349 -1.52 16.00 48.39
N ASN C 350 -1.08 15.22 47.40
CA ASN C 350 -2.00 14.41 46.62
C ASN C 350 -2.83 13.49 47.52
N ALA C 351 -2.18 12.85 48.50
CA ALA C 351 -2.92 11.98 49.42
C ALA C 351 -3.98 12.76 50.19
N ALA C 352 -3.68 14.00 50.54
CA ALA C 352 -4.66 14.80 51.27
C ALA C 352 -5.77 15.29 50.37
N THR C 353 -5.48 15.51 49.09
CA THR C 353 -6.50 16.00 48.17
C THR C 353 -7.57 14.95 47.92
N VAL C 354 -7.17 13.70 47.74
CA VAL C 354 -8.10 12.65 47.31
C VAL C 354 -8.82 11.96 48.48
N GLU C 355 -8.30 12.07 49.70
CA GLU C 355 -8.95 11.41 50.83
C GLU C 355 -10.36 11.92 51.10
N PRO C 356 -10.68 13.22 50.96
CA PRO C 356 -12.09 13.62 51.03
C PRO C 356 -12.94 12.93 49.98
N MET C 357 -12.43 12.80 48.75
CA MET C 357 -13.19 12.19 47.69
C MET C 357 -13.34 10.68 47.90
N PHE C 358 -12.36 10.06 48.57
CA PHE C 358 -12.47 8.64 48.89
C PHE C 358 -13.58 8.37 49.91
N ASN C 359 -13.89 9.34 50.77
CA ASN C 359 -14.88 9.17 51.83
C ASN C 359 -16.15 9.95 51.59
N ASP C 360 -16.26 10.66 50.47
CA ASP C 360 -17.47 11.41 50.14
C ASP C 360 -18.60 10.44 49.80
N ASP C 361 -19.68 10.49 50.58
CA ASP C 361 -20.81 9.60 50.42
C ASP C 361 -22.00 10.25 49.71
N SER C 362 -21.79 11.39 49.07
CA SER C 362 -22.90 12.09 48.42
C SER C 362 -23.37 11.32 47.19
N VAL C 363 -24.64 11.52 46.86
CA VAL C 363 -25.29 10.83 45.75
C VAL C 363 -25.81 11.88 44.78
N PRO C 364 -25.52 11.78 43.47
CA PRO C 364 -24.77 10.73 42.75
C PRO C 364 -23.32 10.60 43.17
N MET C 365 -22.77 9.39 43.18
CA MET C 365 -21.44 9.15 43.71
C MET C 365 -20.38 9.65 42.73
N GLY C 366 -19.14 9.75 43.24
CA GLY C 366 -18.01 10.16 42.43
C GLY C 366 -17.09 8.97 42.14
N TYR C 367 -16.15 9.21 41.22
CA TYR C 367 -15.21 8.16 40.83
C TYR C 367 -14.45 7.61 42.03
N TYR C 368 -13.92 8.49 42.88
CA TYR C 368 -13.06 8.05 43.97
C TYR C 368 -13.80 7.21 44.99
N ARG C 369 -15.04 7.59 45.31
CA ARG C 369 -15.83 6.80 46.27
C ARG C 369 -16.08 5.40 45.73
N VAL C 370 -16.45 5.30 44.46
CA VAL C 370 -16.77 3.99 43.87
C VAL C 370 -15.51 3.14 43.77
N LEU C 371 -14.41 3.71 43.28
CA LEU C 371 -13.19 2.94 43.10
C LEU C 371 -12.56 2.55 44.42
N ARG C 372 -12.86 3.27 45.51
CA ARG C 372 -12.32 2.90 46.81
C ARG C 372 -12.84 1.54 47.25
N ASP C 373 -14.14 1.28 47.08
CA ASP C 373 -14.70 0.00 47.48
C ASP C 373 -14.35 -1.11 46.49
N ILE C 374 -14.23 -0.80 45.20
CA ILE C 374 -13.73 -1.78 44.24
C ILE C 374 -12.32 -2.20 44.63
N ARG C 375 -11.45 -1.21 44.90
CA ARG C 375 -10.07 -1.50 45.29
C ARG C 375 -10.02 -2.41 46.51
N ASP C 376 -10.81 -2.11 47.54
CA ASP C 376 -10.75 -2.87 48.79
C ASP C 376 -11.28 -4.30 48.67
N LEU C 377 -11.77 -4.70 47.49
CA LEU C 377 -12.30 -6.05 47.31
C LEU C 377 -11.58 -6.85 46.22
N ILE C 378 -10.72 -6.22 45.43
CA ILE C 378 -9.98 -6.94 44.39
C ILE C 378 -8.92 -7.83 45.04
N PRO C 379 -8.82 -9.11 44.68
CA PRO C 379 -7.73 -9.94 45.22
C PRO C 379 -6.38 -9.44 44.74
N LYS C 380 -5.36 -9.65 45.58
CA LYS C 380 -4.04 -9.10 45.30
C LYS C 380 -3.44 -9.65 44.01
N ASP C 381 -3.80 -10.88 43.63
CA ASP C 381 -3.29 -11.49 42.41
C ASP C 381 -4.24 -11.39 41.23
N ALA C 382 -5.38 -10.71 41.41
CA ALA C 382 -6.35 -10.57 40.33
C ALA C 382 -5.74 -9.78 39.17
N ILE C 383 -6.31 -9.97 37.99
CA ILE C 383 -5.92 -9.24 36.80
C ILE C 383 -7.03 -8.24 36.48
N ILE C 384 -6.63 -6.99 36.26
CA ILE C 384 -7.55 -5.86 36.13
C ILE C 384 -7.60 -5.43 34.68
N SER C 385 -8.78 -5.51 34.07
CA SER C 385 -9.05 -4.88 32.78
C SER C 385 -9.76 -3.56 33.06
N ASN C 386 -9.13 -2.45 32.70
CA ASN C 386 -9.59 -1.12 33.08
C ASN C 386 -9.61 -0.25 31.83
N GLU C 387 -10.79 0.22 31.43
CA GLU C 387 -10.93 0.86 30.14
C GLU C 387 -11.94 2.00 30.20
N GLY C 388 -11.67 3.04 29.43
CA GLY C 388 -12.51 4.21 29.39
C GLY C 388 -11.63 5.45 29.36
N ALA C 389 -12.22 6.59 29.72
CA ALA C 389 -11.42 7.81 29.81
C ALA C 389 -11.12 8.09 31.28
N SER C 390 -12.03 8.78 31.97
CA SER C 390 -11.80 9.04 33.39
C SER C 390 -11.86 7.76 34.21
N THR C 391 -12.74 6.83 33.83
CA THR C 391 -12.80 5.54 34.53
C THR C 391 -11.43 4.85 34.51
N MET C 392 -10.70 5.00 33.42
CA MET C 392 -9.40 4.36 33.26
C MET C 392 -8.26 5.18 33.85
N ASP C 393 -8.27 6.50 33.64
CA ASP C 393 -7.17 7.33 34.14
C ASP C 393 -7.21 7.43 35.67
N ILE C 394 -8.40 7.54 36.26
CA ILE C 394 -8.49 7.50 37.71
C ILE C 394 -8.31 6.08 38.22
N GLY C 395 -8.82 5.09 37.49
CA GLY C 395 -8.57 3.71 37.87
C GLY C 395 -7.10 3.37 37.96
N ARG C 396 -6.30 3.91 37.03
CA ARG C 396 -4.85 3.76 37.10
C ARG C 396 -4.31 4.29 38.42
N THR C 397 -4.87 5.41 38.90
CA THR C 397 -4.40 6.03 40.13
C THR C 397 -4.81 5.23 41.37
N VAL C 398 -6.02 4.68 41.37
CA VAL C 398 -6.64 4.19 42.60
C VAL C 398 -6.45 2.69 42.77
N LEU C 399 -6.47 1.95 41.65
CA LEU C 399 -6.38 0.50 41.70
C LEU C 399 -4.92 0.06 41.61
N PRO C 400 -4.32 -0.41 42.69
CA PRO C 400 -2.91 -0.82 42.63
C PRO C 400 -2.74 -2.19 42.01
N ASN C 401 -1.53 -2.43 41.50
CA ASN C 401 -1.11 -3.73 41.03
C ASN C 401 0.14 -4.16 41.80
N PHE C 402 0.15 -5.40 42.25
CA PHE C 402 1.26 -5.89 43.05
C PHE C 402 2.14 -6.89 42.31
N PHE C 403 1.72 -7.33 41.13
CA PHE C 403 2.52 -8.22 40.30
C PHE C 403 2.53 -7.68 38.88
N ALA C 404 3.56 -8.07 38.14
CA ALA C 404 3.72 -7.62 36.76
C ALA C 404 2.64 -8.19 35.87
N ARG C 405 2.32 -7.45 34.80
CA ARG C 405 1.42 -7.93 33.74
C ARG C 405 0.04 -8.27 34.29
N THR C 406 -0.43 -7.50 35.28
CA THR C 406 -1.75 -7.69 35.85
C THR C 406 -2.70 -6.52 35.59
N ARG C 407 -2.30 -5.54 34.79
CA ARG C 407 -3.20 -4.47 34.37
C ARG C 407 -3.25 -4.42 32.85
N LEU C 408 -4.45 -4.55 32.29
CA LEU C 408 -4.68 -4.33 30.87
C LEU C 408 -5.59 -3.12 30.71
N ASP C 409 -5.16 -2.15 29.92
CA ASP C 409 -5.95 -0.94 29.67
C ASP C 409 -5.92 -0.62 28.17
N ALA C 410 -6.21 0.64 27.83
CA ALA C 410 -6.32 1.02 26.43
C ALA C 410 -4.95 1.16 25.76
N ALA C 411 -3.90 1.28 26.55
CA ALA C 411 -2.49 1.14 26.15
C ALA C 411 -2.11 2.27 25.18
N THR C 412 -1.15 2.04 24.29
CA THR C 412 -0.54 3.13 23.52
C THR C 412 -1.51 3.73 22.50
N PHE C 413 -2.36 2.90 21.90
CA PHE C 413 -3.30 3.35 20.88
C PHE C 413 -4.56 3.97 21.48
N GLY C 414 -4.70 3.99 22.79
CA GLY C 414 -5.88 4.58 23.42
C GLY C 414 -7.20 4.03 22.91
N THR C 415 -7.28 2.71 22.71
CA THR C 415 -8.39 2.08 22.00
C THR C 415 -9.58 1.80 22.92
N MET C 416 -10.77 2.23 22.49
CA MET C 416 -12.01 1.72 23.05
C MET C 416 -12.43 0.48 22.29
N GLY C 417 -12.88 -0.53 23.01
CA GLY C 417 -13.24 -1.81 22.42
C GLY C 417 -12.39 -2.98 22.86
N VAL C 418 -11.41 -2.78 23.73
CA VAL C 418 -10.48 -3.83 24.13
C VAL C 418 -10.85 -4.46 25.47
N GLY C 419 -11.69 -3.82 26.28
CA GLY C 419 -11.94 -4.24 27.64
C GLY C 419 -12.33 -5.70 27.83
N ALA C 420 -13.43 -6.12 27.19
CA ALA C 420 -13.91 -7.49 27.38
C ALA C 420 -12.99 -8.49 26.71
N GLY C 421 -12.47 -8.17 25.52
CA GLY C 421 -11.56 -9.08 24.86
C GLY C 421 -10.31 -9.35 25.68
N GLN C 422 -9.72 -8.29 26.23
CA GLN C 422 -8.53 -8.44 27.06
C GLN C 422 -8.85 -9.12 28.39
N ALA C 423 -10.08 -8.95 28.89
CA ALA C 423 -10.48 -9.70 30.08
C ALA C 423 -10.63 -11.18 29.76
N ILE C 424 -11.15 -11.50 28.57
CA ILE C 424 -11.28 -12.90 28.18
C ILE C 424 -9.90 -13.50 27.90
N ALA C 425 -9.01 -12.74 27.27
CA ALA C 425 -7.63 -13.20 27.10
C ALA C 425 -6.99 -13.50 28.46
N ALA C 426 -7.13 -12.57 29.41
CA ALA C 426 -6.53 -12.77 30.72
C ALA C 426 -7.10 -14.02 31.40
N ALA C 427 -8.41 -14.21 31.33
CA ALA C 427 -9.01 -15.40 31.93
C ALA C 427 -8.54 -16.68 31.25
N SER C 428 -8.20 -16.60 29.96
CA SER C 428 -7.74 -17.78 29.25
C SER C 428 -6.31 -18.14 29.64
N VAL C 429 -5.47 -17.12 29.85
CA VAL C 429 -4.08 -17.37 30.23
C VAL C 429 -4.00 -17.80 31.70
N HIS C 430 -4.80 -17.18 32.56
CA HIS C 430 -4.75 -17.43 34.00
C HIS C 430 -6.11 -17.90 34.49
N PRO C 431 -6.50 -19.15 34.20
CA PRO C 431 -7.81 -19.64 34.64
C PRO C 431 -7.95 -19.73 36.14
N ASP C 432 -6.84 -19.73 36.87
CA ASP C 432 -6.88 -19.86 38.32
C ASP C 432 -7.10 -18.53 39.04
N ARG C 433 -7.31 -17.43 38.31
CA ARG C 433 -7.34 -16.11 38.93
C ARG C 433 -8.62 -15.37 38.60
N LYS C 434 -8.95 -14.42 39.47
CA LYS C 434 -10.09 -13.54 39.27
C LYS C 434 -9.72 -12.42 38.31
N ILE C 435 -10.59 -12.17 37.33
CA ILE C 435 -10.43 -11.08 36.38
C ILE C 435 -11.51 -10.06 36.68
N ILE C 436 -11.11 -8.81 36.90
CA ILE C 436 -12.03 -7.71 37.15
C ILE C 436 -11.97 -6.78 35.96
N CYS C 437 -13.12 -6.52 35.35
CA CYS C 437 -13.24 -5.63 34.21
C CYS C 437 -13.99 -4.38 34.67
N VAL C 438 -13.28 -3.26 34.75
CA VAL C 438 -13.82 -1.99 35.20
C VAL C 438 -13.84 -1.04 34.00
N GLN C 439 -15.03 -0.80 33.45
CA GLN C 439 -15.18 -0.03 32.23
C GLN C 439 -16.13 1.15 32.43
N GLY C 440 -15.85 2.24 31.73
CA GLY C 440 -16.84 3.28 31.56
C GLY C 440 -18.03 2.77 30.77
N ASP C 441 -19.14 3.52 30.86
CA ASP C 441 -20.35 3.08 30.17
C ASP C 441 -20.14 3.06 28.66
N SER C 442 -19.48 4.07 28.11
CA SER C 442 -19.21 4.07 26.67
C SER C 442 -18.29 2.92 26.28
N ALA C 443 -17.18 2.77 27.02
CA ALA C 443 -16.25 1.69 26.75
C ALA C 443 -16.95 0.33 26.76
N PHE C 444 -17.86 0.12 27.72
CA PHE C 444 -18.59 -1.14 27.78
C PHE C 444 -19.40 -1.38 26.51
N GLY C 445 -19.99 -0.32 25.95
CA GLY C 445 -20.83 -0.47 24.78
C GLY C 445 -20.10 -0.96 23.54
N PHE C 446 -18.78 -0.76 23.47
CA PHE C 446 -18.03 -1.17 22.28
C PHE C 446 -18.06 -2.68 22.10
N GLY C 447 -17.89 -3.44 23.18
CA GLY C 447 -17.85 -4.88 23.07
C GLY C 447 -18.79 -5.58 24.01
N GLY C 448 -19.95 -4.95 24.28
CA GLY C 448 -20.82 -5.41 25.35
C GLY C 448 -21.32 -6.83 25.16
N MET C 449 -21.54 -7.25 23.91
CA MET C 449 -22.08 -8.59 23.68
C MET C 449 -21.15 -9.69 24.17
N GLU C 450 -19.87 -9.40 24.36
CA GLU C 450 -18.93 -10.45 24.75
C GLU C 450 -19.06 -10.87 26.20
N VAL C 451 -19.93 -10.26 26.99
CA VAL C 451 -20.21 -10.80 28.31
C VAL C 451 -20.81 -12.20 28.21
N GLU C 452 -21.58 -12.45 27.15
CA GLU C 452 -22.12 -13.80 26.93
C GLU C 452 -20.99 -14.77 26.61
N THR C 453 -19.97 -14.32 25.88
CA THR C 453 -18.81 -15.16 25.60
C THR C 453 -18.14 -15.60 26.90
N ALA C 454 -17.96 -14.67 27.83
CA ALA C 454 -17.32 -15.01 29.11
C ALA C 454 -18.16 -16.01 29.88
N ALA C 455 -19.49 -15.91 29.77
CA ALA C 455 -20.37 -16.85 30.47
C ALA C 455 -20.39 -18.20 29.77
N ARG C 456 -20.35 -18.21 28.44
CA ARG C 456 -20.40 -19.46 27.70
C ARG C 456 -19.21 -20.36 28.02
N TYR C 457 -18.05 -19.76 28.33
CA TYR C 457 -16.83 -20.50 28.58
C TYR C 457 -16.49 -20.60 30.06
N GLY C 458 -17.41 -20.19 30.95
CA GLY C 458 -17.18 -20.31 32.37
C GLY C 458 -16.03 -19.49 32.91
N LEU C 459 -15.72 -18.37 32.25
CA LEU C 459 -14.58 -17.56 32.67
C LEU C 459 -14.88 -16.83 33.97
N ASN C 460 -13.86 -16.69 34.82
CA ASN C 460 -14.02 -16.05 36.12
C ASN C 460 -13.80 -14.54 36.00
N ILE C 461 -14.77 -13.88 35.37
CA ILE C 461 -14.72 -12.44 35.09
C ILE C 461 -15.92 -11.78 35.75
N THR C 462 -15.68 -10.65 36.41
CA THR C 462 -16.74 -9.79 36.90
C THR C 462 -16.69 -8.48 36.12
N PHE C 463 -17.82 -8.04 35.61
CA PHE C 463 -17.91 -6.82 34.82
C PHE C 463 -18.48 -5.70 35.67
N VAL C 464 -17.64 -4.71 35.97
CA VAL C 464 -18.07 -3.50 36.67
C VAL C 464 -18.15 -2.37 35.65
N ILE C 465 -19.29 -1.67 35.63
CA ILE C 465 -19.53 -0.55 34.75
C ILE C 465 -19.69 0.70 35.60
N ILE C 466 -18.89 1.71 35.32
CA ILE C 466 -19.00 3.02 35.97
C ILE C 466 -19.70 3.94 34.98
N ASN C 467 -20.93 4.33 35.31
CA ASN C 467 -21.89 4.85 34.34
C ASN C 467 -22.21 6.30 34.67
N ASN C 468 -21.80 7.22 33.78
CA ASN C 468 -22.19 8.62 33.90
C ASN C 468 -22.99 9.09 32.70
N ASN C 469 -23.66 8.16 32.02
CA ASN C 469 -24.63 8.43 30.96
C ASN C 469 -23.99 8.97 29.69
N GLY C 470 -22.74 8.64 29.42
CA GLY C 470 -22.18 8.98 28.13
C GLY C 470 -20.66 9.00 28.12
N ILE C 471 -20.13 9.52 27.02
CA ILE C 471 -18.70 9.69 26.81
C ILE C 471 -18.25 10.88 27.67
N GLY C 472 -17.55 10.59 28.76
CA GLY C 472 -17.23 11.65 29.70
C GLY C 472 -18.42 12.29 30.38
N GLY C 473 -19.58 11.66 30.31
CA GLY C 473 -20.77 12.15 31.00
C GLY C 473 -21.81 12.67 30.02
N GLY C 474 -23.06 12.31 30.26
CA GLY C 474 -24.18 12.83 29.51
C GLY C 474 -25.21 13.39 30.45
N PRO C 475 -26.24 14.05 29.90
CA PRO C 475 -27.22 14.71 30.76
C PRO C 475 -28.06 13.71 31.54
N ASP C 476 -28.70 14.22 32.59
CA ASP C 476 -29.65 13.41 33.35
C ASP C 476 -30.98 13.23 32.63
N GLU C 477 -31.35 14.19 31.77
CA GLU C 477 -32.56 14.12 30.95
C GLU C 477 -32.20 14.42 29.51
N LEU C 478 -32.67 13.58 28.59
CA LEU C 478 -32.40 13.73 27.18
C LEU C 478 -33.56 14.44 26.50
N ASP C 479 -33.29 15.61 25.92
CA ASP C 479 -34.27 16.25 25.04
C ASP C 479 -34.15 15.66 23.64
N PRO C 480 -35.22 15.08 23.09
CA PRO C 480 -35.10 14.43 21.77
C PRO C 480 -34.72 15.36 20.63
N ALA C 481 -34.98 16.67 20.76
CA ALA C 481 -34.63 17.61 19.70
C ALA C 481 -33.13 17.89 19.64
N HIS C 482 -32.41 17.73 20.77
CA HIS C 482 -30.99 18.07 20.86
C HIS C 482 -30.26 17.01 21.70
N ILE C 483 -30.07 15.84 21.11
CA ILE C 483 -29.33 14.77 21.79
C ILE C 483 -27.85 15.06 21.65
N PRO C 484 -27.12 15.20 22.75
CA PRO C 484 -25.69 15.45 22.65
C PRO C 484 -24.99 14.30 21.94
N PRO C 485 -23.96 14.58 21.16
CA PRO C 485 -23.34 13.52 20.34
C PRO C 485 -22.74 12.40 21.17
N GLY C 486 -22.31 12.68 22.40
CA GLY C 486 -21.67 11.68 23.22
C GLY C 486 -22.52 11.13 24.35
N ALA C 487 -23.82 11.39 24.35
CA ALA C 487 -24.69 10.97 25.44
C ALA C 487 -25.37 9.65 25.10
N TYR C 488 -25.71 8.89 26.15
CA TYR C 488 -26.51 7.67 26.01
C TYR C 488 -27.80 7.84 26.80
N THR C 489 -28.68 6.83 26.66
CA THR C 489 -29.92 6.79 27.42
C THR C 489 -29.61 6.98 28.91
N PRO C 490 -30.20 7.98 29.57
CA PRO C 490 -29.91 8.18 31.00
C PRO C 490 -30.25 6.94 31.82
N GLN C 491 -29.34 6.57 32.70
CA GLN C 491 -29.51 5.40 33.57
C GLN C 491 -29.81 4.14 32.75
N ALA C 492 -29.03 3.93 31.70
CA ALA C 492 -29.17 2.72 30.90
C ALA C 492 -28.84 1.49 31.75
N HIS C 493 -29.74 0.52 31.75
CA HIS C 493 -29.62 -0.64 32.62
C HIS C 493 -28.83 -1.75 31.91
N TYR C 494 -27.54 -1.49 31.76
CA TYR C 494 -26.66 -2.48 31.12
C TYR C 494 -26.61 -3.79 31.90
N GLU C 495 -26.82 -3.73 33.23
CA GLU C 495 -26.76 -4.95 34.02
C GLU C 495 -27.86 -5.94 33.63
N LYS C 496 -28.90 -5.48 32.94
CA LYS C 496 -29.93 -6.39 32.44
C LYS C 496 -29.37 -7.37 31.42
N MET C 497 -28.21 -7.08 30.84
CA MET C 497 -27.60 -8.00 29.87
C MET C 497 -27.10 -9.28 30.50
N ALA C 498 -26.89 -9.31 31.83
CA ALA C 498 -26.56 -10.57 32.49
C ALA C 498 -27.71 -11.56 32.37
N ASP C 499 -28.95 -11.08 32.32
CA ASP C 499 -30.10 -11.94 32.14
C ASP C 499 -30.14 -12.61 30.78
N VAL C 500 -29.29 -12.18 29.85
CA VAL C 500 -29.21 -12.86 28.56
C VAL C 500 -28.69 -14.29 28.74
N TYR C 501 -27.67 -14.46 29.58
CA TYR C 501 -27.06 -15.75 29.82
C TYR C 501 -27.41 -16.32 31.19
N GLY C 502 -28.40 -15.76 31.87
CA GLY C 502 -28.82 -16.27 33.16
C GLY C 502 -27.91 -15.91 34.31
N GLY C 503 -27.17 -14.81 34.22
CA GLY C 503 -26.36 -14.34 35.31
C GLY C 503 -27.08 -13.32 36.18
N LYS C 504 -26.32 -12.73 37.09
CA LYS C 504 -26.85 -11.73 38.02
C LYS C 504 -26.41 -10.34 37.59
N GLY C 505 -27.37 -9.44 37.48
CA GLY C 505 -27.11 -8.03 37.21
C GLY C 505 -27.44 -7.20 38.44
N TYR C 506 -26.63 -6.19 38.70
CA TYR C 506 -26.82 -5.33 39.86
C TYR C 506 -26.80 -3.87 39.39
N PHE C 507 -27.70 -3.07 39.96
CA PHE C 507 -27.80 -1.64 39.66
C PHE C 507 -27.55 -0.90 40.96
N VAL C 508 -26.52 -0.06 40.99
CA VAL C 508 -26.02 0.55 42.21
C VAL C 508 -26.05 2.06 42.06
N THR C 509 -26.64 2.75 43.04
CA THR C 509 -26.69 4.20 43.06
C THR C 509 -26.24 4.84 44.36
N THR C 510 -26.25 4.11 45.49
CA THR C 510 -25.89 4.69 46.78
C THR C 510 -24.68 3.99 47.38
N PRO C 511 -23.85 4.71 48.14
CA PRO C 511 -22.62 4.10 48.67
C PRO C 511 -22.85 2.89 49.56
N ASP C 512 -23.98 2.82 50.27
CA ASP C 512 -24.21 1.66 51.14
C ASP C 512 -24.45 0.38 50.35
N GLN C 513 -24.74 0.46 49.05
CA GLN C 513 -24.85 -0.73 48.23
C GLN C 513 -23.50 -1.25 47.75
N LEU C 514 -22.46 -0.41 47.76
CA LEU C 514 -21.22 -0.73 47.06
C LEU C 514 -20.61 -2.04 47.56
N LYS C 515 -20.24 -2.06 48.84
CA LYS C 515 -19.59 -3.24 49.40
C LYS C 515 -20.47 -4.49 49.31
N PRO C 516 -21.73 -4.49 49.74
CA PRO C 516 -22.52 -5.74 49.65
C PRO C 516 -22.69 -6.25 48.23
N VAL C 517 -22.95 -5.35 47.28
CA VAL C 517 -23.19 -5.77 45.90
C VAL C 517 -21.92 -6.33 45.28
N LEU C 518 -20.79 -5.62 45.45
CA LEU C 518 -19.54 -6.07 44.85
C LEU C 518 -19.11 -7.42 45.40
N GLU C 519 -19.28 -7.64 46.71
CA GLU C 519 -18.95 -8.93 47.31
C GLU C 519 -19.82 -10.04 46.73
N GLU C 520 -21.12 -9.78 46.60
CA GLU C 520 -22.03 -10.78 46.05
C GLU C 520 -21.70 -11.07 44.59
N ALA C 521 -21.39 -10.04 43.81
CA ALA C 521 -21.18 -10.23 42.38
C ALA C 521 -19.91 -11.03 42.10
N MET C 522 -18.86 -10.81 42.90
CA MET C 522 -17.60 -11.50 42.63
C MET C 522 -17.65 -12.98 43.00
N ALA C 523 -18.58 -13.38 43.86
CA ALA C 523 -18.72 -14.78 44.24
C ALA C 523 -19.63 -15.56 43.31
N GLN C 524 -20.17 -14.95 42.26
CA GLN C 524 -21.07 -15.64 41.36
C GLN C 524 -20.33 -16.69 40.54
N PRO C 525 -21.00 -17.82 40.23
CA PRO C 525 -20.39 -18.82 39.34
C PRO C 525 -20.46 -18.45 37.87
N LYS C 526 -21.34 -17.53 37.49
CA LYS C 526 -21.40 -16.95 36.16
C LYS C 526 -21.03 -15.47 36.23
N PRO C 527 -20.47 -14.91 35.15
CA PRO C 527 -20.06 -13.50 35.18
C PRO C 527 -21.22 -12.57 35.52
N ALA C 528 -21.02 -11.76 36.55
CA ALA C 528 -22.00 -10.76 36.95
C ALA C 528 -21.66 -9.40 36.35
N ILE C 529 -22.67 -8.55 36.25
CA ILE C 529 -22.53 -7.18 35.75
C ILE C 529 -23.01 -6.23 36.83
N VAL C 530 -22.14 -5.31 37.25
CA VAL C 530 -22.46 -4.31 38.26
C VAL C 530 -22.48 -2.95 37.57
N ASN C 531 -23.66 -2.34 37.48
CA ASN C 531 -23.87 -1.07 36.80
C ASN C 531 -23.98 0.02 37.87
N ILE C 532 -22.93 0.82 38.01
CA ILE C 532 -22.79 1.79 39.08
C ILE C 532 -22.96 3.19 38.51
N MET C 533 -24.06 3.86 38.89
CA MET C 533 -24.28 5.23 38.46
C MET C 533 -23.37 6.18 39.23
N ILE C 534 -22.78 7.12 38.49
CA ILE C 534 -21.96 8.17 39.08
C ILE C 534 -22.40 9.51 38.51
N SER C 535 -22.05 10.58 39.23
CA SER C 535 -22.36 11.93 38.79
C SER C 535 -21.68 12.22 37.46
N ASN C 536 -22.36 12.97 36.60
CA ASN C 536 -21.77 13.40 35.33
C ASN C 536 -20.85 14.60 35.48
N LYS C 537 -20.76 15.18 36.68
CA LYS C 537 -19.81 16.25 36.95
C LYS C 537 -18.60 15.77 37.73
N SER C 538 -18.51 14.47 38.02
CA SER C 538 -17.36 13.90 38.73
C SER C 538 -16.16 13.79 37.80
N GLY C 539 -14.97 13.95 38.38
CA GLY C 539 -13.73 13.85 37.63
C GLY C 539 -13.29 15.16 37.00
N MET D 1 -12.27 39.84 9.85
CA MET D 1 -12.79 40.02 11.21
C MET D 1 -13.42 38.74 11.73
N ALA D 2 -14.48 38.28 11.06
CA ALA D 2 -15.17 37.06 11.45
C ALA D 2 -14.35 35.84 11.05
N THR D 3 -14.14 34.94 12.00
CA THR D 3 -13.38 33.73 11.77
C THR D 3 -14.29 32.51 11.87
N ILE D 4 -13.78 31.39 11.38
CA ILE D 4 -14.52 30.13 11.36
C ILE D 4 -13.53 29.00 11.52
N THR D 5 -13.89 27.96 12.26
CA THR D 5 -12.98 26.85 12.47
C THR D 5 -13.03 25.87 11.30
N GLY D 6 -12.02 25.01 11.23
CA GLY D 6 -12.03 23.95 10.24
C GLY D 6 -13.23 23.03 10.39
N ALA D 7 -13.60 22.73 11.64
CA ALA D 7 -14.76 21.85 11.87
C ALA D 7 -16.04 22.48 11.33
N GLN D 8 -16.20 23.80 11.50
CA GLN D 8 -17.38 24.47 10.99
C GLN D 8 -17.37 24.55 9.47
N ILE D 9 -16.19 24.72 8.86
CA ILE D 9 -16.10 24.74 7.40
C ILE D 9 -16.51 23.38 6.84
N VAL D 10 -16.03 22.31 7.45
CA VAL D 10 -16.36 20.96 6.98
C VAL D 10 -17.85 20.71 7.10
N ALA D 11 -18.44 21.04 8.25
CA ALA D 11 -19.87 20.83 8.44
C ALA D 11 -20.68 21.60 7.40
N ARG D 12 -20.31 22.86 7.14
CA ARG D 12 -21.04 23.67 6.16
C ARG D 12 -20.87 23.12 4.76
N ALA D 13 -19.65 22.73 4.38
CA ALA D 13 -19.43 22.18 3.05
C ALA D 13 -20.18 20.86 2.86
N LEU D 14 -20.19 20.00 3.88
CA LEU D 14 -20.92 18.73 3.76
C LEU D 14 -22.40 18.99 3.57
N LYS D 15 -22.96 19.94 4.32
CA LYS D 15 -24.37 20.27 4.16
C LYS D 15 -24.67 20.82 2.77
N GLN D 16 -23.82 21.72 2.27
CA GLN D 16 -24.00 22.24 0.91
C GLN D 16 -23.97 21.13 -0.13
N GLN D 17 -23.13 20.11 0.08
CA GLN D 17 -22.96 19.06 -0.91
C GLN D 17 -24.05 17.99 -0.84
N GLY D 18 -25.09 18.17 -0.03
CA GLY D 18 -26.18 17.22 0.04
C GLY D 18 -26.04 16.16 1.10
N VAL D 19 -25.01 16.21 1.94
CA VAL D 19 -24.89 15.25 3.02
C VAL D 19 -25.92 15.60 4.08
N GLU D 20 -26.69 14.60 4.51
CA GLU D 20 -27.73 14.80 5.50
C GLU D 20 -27.64 13.86 6.69
N HIS D 21 -26.82 12.81 6.63
CA HIS D 21 -26.77 11.80 7.69
C HIS D 21 -25.32 11.53 8.07
N MET D 22 -25.02 11.64 9.37
CA MET D 22 -23.70 11.35 9.90
C MET D 22 -23.81 10.35 11.03
N PHE D 23 -22.94 9.34 11.02
CA PHE D 23 -22.91 8.29 12.04
C PHE D 23 -21.50 8.16 12.56
N GLY D 24 -21.35 8.04 13.88
CA GLY D 24 -20.02 7.80 14.41
C GLY D 24 -19.99 7.93 15.92
N ILE D 25 -18.78 8.07 16.45
CA ILE D 25 -18.54 8.18 17.88
C ILE D 25 -17.56 9.33 18.11
N VAL D 26 -17.90 10.25 19.01
CA VAL D 26 -17.10 11.45 19.17
C VAL D 26 -15.91 11.18 20.07
N GLY D 27 -14.95 12.08 20.01
CA GLY D 27 -13.69 11.98 20.73
C GLY D 27 -12.66 12.85 20.05
N ILE D 28 -11.52 12.97 20.71
CA ILE D 28 -10.44 13.77 20.13
C ILE D 28 -10.04 13.14 18.79
N PRO D 29 -9.91 13.93 17.72
CA PRO D 29 -10.12 15.38 17.63
C PRO D 29 -11.41 15.79 16.93
N VAL D 30 -12.43 14.93 16.88
CA VAL D 30 -13.56 15.17 16.00
C VAL D 30 -14.80 15.65 16.75
N ILE D 31 -14.71 15.83 18.08
CA ILE D 31 -15.83 16.39 18.83
C ILE D 31 -16.43 17.62 18.16
N PRO D 32 -15.66 18.65 17.77
CA PRO D 32 -16.29 19.84 17.17
C PRO D 32 -16.99 19.59 15.84
N ILE D 33 -16.61 18.56 15.10
CA ILE D 33 -17.24 18.28 13.82
C ILE D 33 -18.68 17.82 14.02
N ALA D 34 -18.90 16.90 14.95
CA ALA D 34 -20.25 16.47 15.26
C ALA D 34 -21.11 17.62 15.76
N ALA D 35 -20.53 18.48 16.59
CA ALA D 35 -21.27 19.65 17.07
C ALA D 35 -21.60 20.58 15.91
N ALA D 36 -20.63 20.85 15.04
CA ALA D 36 -20.91 21.73 13.91
C ALA D 36 -21.89 21.09 12.94
N ALA D 37 -21.87 19.76 12.83
CA ALA D 37 -22.80 19.07 11.94
C ALA D 37 -24.23 19.21 12.41
N GLN D 38 -24.47 19.07 13.72
CA GLN D 38 -25.82 19.27 14.24
C GLN D 38 -26.31 20.69 13.99
N ARG D 39 -25.45 21.68 14.21
CA ARG D 39 -25.86 23.07 14.03
C ARG D 39 -26.22 23.37 12.57
N GLU D 40 -25.60 22.66 11.62
CA GLU D 40 -25.93 22.83 10.22
C GLU D 40 -27.18 22.07 9.80
N GLY D 41 -27.79 21.29 10.69
CA GLY D 41 -28.95 20.51 10.34
C GLY D 41 -28.64 19.10 9.85
N ILE D 42 -27.37 18.71 9.79
CA ILE D 42 -27.02 17.32 9.52
C ILE D 42 -27.42 16.48 10.72
N LYS D 43 -28.09 15.36 10.46
CA LYS D 43 -28.52 14.47 11.55
C LYS D 43 -27.33 13.63 12.01
N PHE D 44 -27.00 13.71 13.29
CA PHE D 44 -25.88 12.95 13.84
C PHE D 44 -26.39 11.85 14.77
N TYR D 45 -25.79 10.67 14.64
CA TYR D 45 -26.13 9.51 15.46
C TYR D 45 -24.88 9.00 16.14
N GLY D 46 -24.87 9.02 17.48
CA GLY D 46 -23.76 8.50 18.24
C GLY D 46 -23.90 7.02 18.47
N PHE D 47 -23.07 6.22 17.82
CA PHE D 47 -23.17 4.78 17.89
C PHE D 47 -22.37 4.23 19.07
N HIS D 48 -22.47 2.93 19.27
CA HIS D 48 -21.66 2.25 20.28
C HIS D 48 -20.36 1.70 19.70
N ASN D 49 -20.31 1.47 18.39
CA ASN D 49 -19.09 1.04 17.72
C ASN D 49 -19.04 1.67 16.33
N GLU D 50 -17.86 2.16 15.94
CA GLU D 50 -17.69 2.76 14.63
C GLU D 50 -17.93 1.75 13.52
N GLN D 51 -17.71 0.46 13.80
CA GLN D 51 -17.94 -0.57 12.79
C GLN D 51 -19.38 -0.49 12.27
N SER D 52 -20.35 -0.53 13.18
CA SER D 52 -21.75 -0.45 12.80
C SER D 52 -22.08 0.89 12.16
N ALA D 53 -21.48 1.97 12.67
CA ALA D 53 -21.74 3.30 12.13
C ALA D 53 -21.26 3.40 10.68
N SER D 54 -20.10 2.81 10.36
CA SER D 54 -19.59 2.93 9.00
C SER D 54 -20.43 2.12 8.02
N TYR D 55 -21.09 1.05 8.50
CA TYR D 55 -22.06 0.34 7.67
C TYR D 55 -23.28 1.20 7.42
N ALA D 56 -23.74 1.92 8.43
CA ALA D 56 -24.90 2.80 8.25
C ALA D 56 -24.63 3.86 7.20
N ALA D 57 -23.38 4.35 7.14
CA ALA D 57 -23.05 5.39 6.17
C ALA D 57 -23.20 4.88 4.74
N GLY D 58 -22.72 3.66 4.46
CA GLY D 58 -22.86 3.11 3.12
C GLY D 58 -24.32 2.88 2.73
N ALA D 59 -25.13 2.42 3.67
CA ALA D 59 -26.54 2.19 3.37
C ALA D 59 -27.25 3.48 3.00
N VAL D 60 -26.89 4.58 3.66
CA VAL D 60 -27.45 5.88 3.30
C VAL D 60 -27.12 6.21 1.85
N GLY D 61 -25.87 5.98 1.44
CA GLY D 61 -25.50 6.21 0.06
C GLY D 61 -26.32 5.39 -0.91
N TYR D 62 -26.54 4.11 -0.60
CA TYR D 62 -27.37 3.28 -1.46
C TYR D 62 -28.81 3.78 -1.49
N LEU D 63 -29.34 4.20 -0.34
CA LEU D 63 -30.74 4.60 -0.26
C LEU D 63 -31.01 5.98 -0.86
N THR D 64 -30.01 6.86 -0.94
CA THR D 64 -30.26 8.25 -1.28
C THR D 64 -29.51 8.76 -2.51
N GLY D 65 -28.48 8.07 -2.97
CA GLY D 65 -27.65 8.58 -4.03
C GLY D 65 -26.70 9.69 -3.62
N ARG D 66 -26.62 9.99 -2.32
CA ARG D 66 -25.62 10.86 -1.73
C ARG D 66 -24.95 10.10 -0.59
N PRO D 67 -23.65 10.28 -0.40
CA PRO D 67 -22.94 9.45 0.58
C PRO D 67 -23.42 9.73 1.99
N GLY D 68 -23.59 8.66 2.76
CA GLY D 68 -23.59 8.81 4.20
C GLY D 68 -22.20 9.09 4.69
N VAL D 69 -22.10 9.70 5.86
CA VAL D 69 -20.81 10.06 6.44
C VAL D 69 -20.63 9.31 7.74
N CYS D 70 -19.49 8.63 7.87
CA CYS D 70 -19.06 8.06 9.14
C CYS D 70 -17.96 8.95 9.71
N LEU D 71 -18.11 9.31 10.98
CA LEU D 71 -17.16 10.18 11.68
C LEU D 71 -16.44 9.34 12.71
N ALA D 72 -15.12 9.29 12.64
CA ALA D 72 -14.32 8.46 13.52
C ALA D 72 -13.14 9.24 14.06
N VAL D 73 -12.73 8.88 15.28
CA VAL D 73 -11.56 9.49 15.89
C VAL D 73 -10.31 8.95 15.19
N SER D 74 -9.17 9.54 15.52
CA SER D 74 -7.89 9.08 15.00
C SER D 74 -7.65 7.62 15.38
N GLY D 75 -6.68 7.01 14.68
CA GLY D 75 -6.18 5.69 15.02
C GLY D 75 -7.25 4.60 14.98
N PRO D 76 -7.52 3.99 16.14
CA PRO D 76 -8.45 2.84 16.15
C PRO D 76 -9.86 3.20 15.73
N GLY D 77 -10.32 4.43 15.97
CA GLY D 77 -11.63 4.83 15.50
C GLY D 77 -11.75 4.70 13.99
N MET D 78 -10.83 5.32 13.26
CA MET D 78 -10.82 5.22 11.81
C MET D 78 -10.68 3.77 11.36
N ILE D 79 -9.83 3.00 12.04
CA ILE D 79 -9.57 1.61 11.63
C ILE D 79 -10.83 0.76 11.79
N HIS D 80 -11.59 0.97 12.87
CA HIS D 80 -12.90 0.33 12.98
C HIS D 80 -13.79 0.69 11.79
N GLY D 81 -13.70 1.92 11.29
CA GLY D 81 -14.53 2.34 10.18
C GLY D 81 -14.14 1.81 8.82
N ILE D 82 -12.97 1.18 8.71
CA ILE D 82 -12.56 0.58 7.44
C ILE D 82 -13.53 -0.50 7.02
N ALA D 83 -14.18 -1.16 7.98
CA ALA D 83 -15.23 -2.12 7.65
C ALA D 83 -16.25 -1.51 6.70
N GLY D 84 -16.73 -0.32 7.01
CA GLY D 84 -17.72 0.33 6.16
C GLY D 84 -17.18 0.66 4.78
N LEU D 85 -15.94 1.16 4.72
CA LEU D 85 -15.32 1.43 3.43
C LEU D 85 -15.31 0.18 2.56
N ALA D 86 -14.91 -0.96 3.14
CA ALA D 86 -14.81 -2.19 2.37
C ALA D 86 -16.19 -2.65 1.91
N ASN D 87 -17.19 -2.54 2.77
CA ASN D 87 -18.54 -2.91 2.36
C ASN D 87 -19.04 -1.99 1.25
N ALA D 88 -18.80 -0.69 1.39
CA ALA D 88 -19.18 0.26 0.34
C ALA D 88 -18.40 -0.02 -0.94
N TRP D 89 -17.12 -0.36 -0.81
CA TRP D 89 -16.31 -0.79 -1.95
C TRP D 89 -16.91 -2.02 -2.63
N SER D 90 -17.31 -3.02 -1.84
CA SER D 90 -17.81 -4.27 -2.40
C SER D 90 -19.10 -4.05 -3.18
N ASN D 91 -19.96 -3.15 -2.72
CA ASN D 91 -21.27 -2.94 -3.31
C ASN D 91 -21.33 -1.72 -4.23
N ASN D 92 -20.23 -0.99 -4.37
CA ASN D 92 -20.20 0.24 -5.16
C ASN D 92 -21.25 1.23 -4.66
N TRP D 93 -21.21 1.50 -3.33
CA TRP D 93 -22.09 2.43 -2.65
C TRP D 93 -21.32 3.69 -2.27
N PRO D 94 -21.93 4.86 -2.42
CA PRO D 94 -21.25 6.11 -2.02
C PRO D 94 -21.24 6.26 -0.51
N MET D 95 -20.05 6.45 0.05
CA MET D 95 -19.90 6.75 1.47
C MET D 95 -18.59 7.48 1.68
N ILE D 96 -18.56 8.30 2.72
CA ILE D 96 -17.36 9.02 3.12
C ILE D 96 -17.06 8.65 4.56
N LEU D 97 -15.84 8.18 4.80
CA LEU D 97 -15.31 8.06 6.15
C LEU D 97 -14.47 9.29 6.44
N ILE D 98 -14.82 10.02 7.48
CA ILE D 98 -14.04 11.17 7.94
C ILE D 98 -13.38 10.75 9.24
N GLY D 99 -12.06 10.63 9.23
CA GLY D 99 -11.30 10.21 10.40
C GLY D 99 -10.41 11.34 10.90
N GLY D 100 -10.44 11.55 12.21
CA GLY D 100 -9.47 12.42 12.83
C GLY D 100 -8.05 11.89 12.66
N ALA D 101 -7.09 12.79 12.84
CA ALA D 101 -5.69 12.39 12.93
C ALA D 101 -5.01 13.28 13.96
N ASN D 102 -3.84 12.85 14.41
CA ASN D 102 -3.09 13.65 15.36
C ASN D 102 -2.68 14.98 14.73
N ASP D 103 -2.39 15.95 15.58
CA ASP D 103 -1.92 17.24 15.11
C ASP D 103 -0.70 17.07 14.22
N SER D 104 -0.71 17.73 13.06
CA SER D 104 0.33 17.52 12.05
C SER D 104 1.73 17.85 12.59
N TYR D 105 1.84 18.84 13.48
CA TYR D 105 3.15 19.17 14.03
C TYR D 105 3.66 18.15 15.06
N GLN D 106 2.91 17.08 15.32
CA GLN D 106 3.38 15.97 16.15
C GLN D 106 3.66 14.71 15.34
N ASN D 107 3.59 14.78 14.01
CA ASN D 107 3.95 13.63 13.19
C ASN D 107 5.37 13.20 13.48
N GLY D 108 5.58 11.88 13.55
CA GLY D 108 6.89 11.32 13.82
C GLY D 108 7.27 11.26 15.28
N GLN D 109 6.46 11.78 16.18
CA GLN D 109 6.80 11.82 17.60
C GLN D 109 6.18 10.67 18.39
N GLY D 110 5.39 9.81 17.74
CA GLY D 110 4.58 8.87 18.48
C GLY D 110 3.41 9.56 19.14
N ALA D 111 2.71 10.40 18.38
CA ALA D 111 1.59 11.16 18.91
C ALA D 111 0.39 10.25 19.18
N PHE D 112 -0.52 10.77 20.00
CA PHE D 112 -1.71 10.03 20.38
C PHE D 112 -2.48 9.57 19.15
N GLN D 113 -2.57 8.25 18.97
CA GLN D 113 -3.33 7.62 17.89
C GLN D 113 -2.77 7.98 16.51
N GLU D 114 -1.46 8.23 16.46
CA GLU D 114 -0.78 8.37 15.18
C GLU D 114 -0.82 7.03 14.46
N ALA D 115 -1.26 7.04 13.20
CA ALA D 115 -1.44 5.80 12.44
C ALA D 115 -1.45 6.13 10.95
N PRO D 116 -1.00 5.22 10.10
CA PRO D 116 -1.06 5.45 8.65
C PRO D 116 -2.48 5.26 8.09
N GLN D 117 -3.32 6.28 8.25
CA GLN D 117 -4.73 6.07 7.98
C GLN D 117 -5.06 6.12 6.49
N ILE D 118 -4.41 7.00 5.72
CA ILE D 118 -4.64 7.03 4.28
C ILE D 118 -4.29 5.68 3.66
N GLU D 119 -3.12 5.13 4.02
CA GLU D 119 -2.72 3.85 3.46
C GLU D 119 -3.64 2.72 3.93
N SER D 120 -4.23 2.84 5.11
CA SER D 120 -5.18 1.82 5.57
C SER D 120 -6.46 1.88 4.76
N ALA D 121 -6.92 3.08 4.40
CA ALA D 121 -8.12 3.21 3.60
C ALA D 121 -7.90 2.93 2.11
N ARG D 122 -6.68 3.10 1.62
CA ARG D 122 -6.41 3.09 0.18
C ARG D 122 -7.04 1.93 -0.59
N PRO D 123 -6.94 0.67 -0.14
CA PRO D 123 -7.46 -0.44 -0.96
C PRO D 123 -8.95 -0.34 -1.26
N TYR D 124 -9.72 0.42 -0.50
CA TYR D 124 -11.17 0.34 -0.58
C TYR D 124 -11.84 1.62 -1.04
N VAL D 125 -11.09 2.69 -1.28
CA VAL D 125 -11.68 3.98 -1.60
C VAL D 125 -11.32 4.37 -3.02
N LYS D 126 -12.22 5.11 -3.65
CA LYS D 126 -11.93 5.81 -4.90
C LYS D 126 -11.13 7.08 -4.67
N TYR D 127 -11.05 7.55 -3.43
CA TYR D 127 -10.48 8.87 -3.14
C TYR D 127 -10.04 8.90 -1.69
N ALA D 128 -8.80 9.31 -1.47
CA ALA D 128 -8.28 9.50 -0.13
C ALA D 128 -7.45 10.76 -0.12
N ALA D 129 -7.76 11.70 0.77
CA ALA D 129 -7.02 12.95 0.78
C ALA D 129 -6.89 13.47 2.20
N ARG D 130 -5.70 13.99 2.51
N ARG D 130 -5.72 14.04 2.49
CA ARG D 130 -5.52 14.80 3.71
CA ARG D 130 -5.50 14.80 3.70
C ARG D 130 -5.51 16.26 3.29
C ARG D 130 -5.48 16.27 3.32
N PRO D 131 -6.51 17.05 3.66
CA PRO D 131 -6.53 18.46 3.26
C PRO D 131 -5.29 19.20 3.73
N ASP D 132 -4.66 19.93 2.79
CA ASP D 132 -3.40 20.61 3.07
C ASP D 132 -3.55 21.83 3.96
N SER D 133 -4.73 22.46 3.97
CA SER D 133 -4.90 23.72 4.70
C SER D 133 -6.37 23.89 5.04
N ILE D 134 -6.64 24.72 6.04
CA ILE D 134 -8.02 24.92 6.49
C ILE D 134 -8.85 25.57 5.39
N ALA D 135 -8.30 26.59 4.73
CA ALA D 135 -9.10 27.34 3.75
C ALA D 135 -9.54 26.48 2.57
N ARG D 136 -8.83 25.40 2.26
CA ARG D 136 -9.17 24.57 1.12
C ARG D 136 -10.08 23.40 1.47
N LEU D 137 -10.53 23.29 2.72
CA LEU D 137 -11.45 22.21 3.10
C LEU D 137 -12.64 22.06 2.16
N PRO D 138 -13.36 23.13 1.75
CA PRO D 138 -14.49 22.93 0.84
C PRO D 138 -14.10 22.30 -0.49
N PHE D 139 -12.91 22.60 -0.99
CA PHE D 139 -12.43 21.94 -2.21
C PHE D 139 -12.39 20.43 -2.03
N TYR D 140 -11.88 19.96 -0.89
CA TYR D 140 -11.73 18.52 -0.66
C TYR D 140 -13.06 17.85 -0.39
N VAL D 141 -13.96 18.53 0.33
CA VAL D 141 -15.27 17.94 0.59
C VAL D 141 -16.03 17.76 -0.71
N GLU D 142 -16.03 18.79 -1.56
CA GLU D 142 -16.78 18.69 -2.82
C GLU D 142 -16.18 17.62 -3.73
N GLN D 143 -14.85 17.58 -3.82
CA GLN D 143 -14.21 16.58 -4.66
C GLN D 143 -14.46 15.18 -4.12
N ALA D 144 -14.47 15.03 -2.80
CA ALA D 144 -14.79 13.73 -2.21
C ALA D 144 -16.23 13.31 -2.54
N VAL D 145 -17.19 14.20 -2.27
CA VAL D 145 -18.59 13.90 -2.53
C VAL D 145 -18.80 13.55 -4.00
N ARG D 146 -18.27 14.39 -4.90
CA ARG D 146 -18.43 14.14 -6.32
C ARG D 146 -17.81 12.81 -6.72
N THR D 147 -16.64 12.48 -6.16
CA THR D 147 -16.00 11.22 -6.53
C THR D 147 -16.80 10.01 -6.06
N THR D 148 -17.56 10.14 -4.96
CA THR D 148 -18.32 8.98 -4.50
C THR D 148 -19.50 8.67 -5.40
N ILE D 149 -20.09 9.68 -6.03
CA ILE D 149 -21.36 9.49 -6.75
C ILE D 149 -21.22 9.55 -8.26
N TYR D 150 -20.10 10.03 -8.79
CA TYR D 150 -19.90 10.06 -10.23
C TYR D 150 -19.22 8.78 -10.70
N GLY D 151 -19.58 8.35 -11.91
CA GLY D 151 -19.05 7.10 -12.40
C GLY D 151 -19.58 5.94 -11.57
N ARG D 152 -18.76 4.90 -11.43
CA ARG D 152 -19.15 3.79 -10.57
C ARG D 152 -19.09 4.26 -9.13
N PRO D 153 -20.21 4.28 -8.40
CA PRO D 153 -20.19 4.84 -7.04
C PRO D 153 -19.23 4.08 -6.13
N GLY D 154 -18.78 4.75 -5.09
CA GLY D 154 -17.76 4.17 -4.25
C GLY D 154 -17.48 5.00 -3.02
N ALA D 155 -16.48 4.57 -2.26
CA ALA D 155 -16.17 5.15 -0.97
C ALA D 155 -15.05 6.17 -1.08
N ALA D 156 -15.04 7.12 -0.16
CA ALA D 156 -13.97 8.10 -0.04
C ALA D 156 -13.53 8.18 1.41
N TYR D 157 -12.29 8.61 1.61
CA TYR D 157 -11.75 8.84 2.95
C TYR D 157 -11.14 10.23 3.05
N LEU D 158 -11.49 10.95 4.11
CA LEU D 158 -10.91 12.27 4.42
C LEU D 158 -10.16 12.19 5.73
N ASP D 159 -8.87 12.50 5.69
CA ASP D 159 -7.96 12.43 6.83
C ASP D 159 -7.78 13.84 7.38
N LEU D 160 -8.34 14.10 8.56
CA LEU D 160 -8.34 15.46 9.13
C LEU D 160 -7.45 15.57 10.35
N PRO D 161 -6.24 16.14 10.24
CA PRO D 161 -5.42 16.39 11.43
C PRO D 161 -6.14 17.31 12.41
N GLY D 162 -5.88 17.07 13.71
CA GLY D 162 -6.56 17.82 14.75
C GLY D 162 -6.40 19.32 14.64
N ASP D 163 -5.23 19.79 14.16
CA ASP D 163 -5.02 21.22 14.03
C ASP D 163 -5.74 21.81 12.82
N ILE D 164 -6.05 20.99 11.81
CA ILE D 164 -6.92 21.46 10.73
C ILE D 164 -8.35 21.62 11.25
N ILE D 165 -8.76 20.77 12.19
CA ILE D 165 -10.13 20.81 12.71
C ILE D 165 -10.31 21.99 13.67
N SER D 166 -9.35 22.19 14.57
CA SER D 166 -9.48 23.17 15.64
C SER D 166 -8.99 24.55 15.26
N GLY D 167 -8.19 24.68 14.20
CA GLY D 167 -7.72 25.99 13.79
C GLY D 167 -8.81 26.79 13.10
N SER D 168 -8.58 28.10 13.00
CA SER D 168 -9.56 29.03 12.45
C SER D 168 -8.92 29.88 11.36
N VAL D 169 -9.76 30.33 10.43
CA VAL D 169 -9.36 31.31 9.41
C VAL D 169 -10.48 32.34 9.30
N GLU D 170 -10.13 33.49 8.72
CA GLU D 170 -11.13 34.48 8.41
C GLU D 170 -12.12 33.92 7.40
N GLU D 171 -13.42 34.15 7.65
CA GLU D 171 -14.45 33.63 6.75
C GLU D 171 -14.22 34.09 5.32
N ALA D 172 -13.57 35.25 5.12
CA ALA D 172 -13.36 35.78 3.78
C ALA D 172 -12.36 34.96 2.97
N GLU D 173 -11.56 34.12 3.62
CA GLU D 173 -10.57 33.32 2.91
C GLU D 173 -11.13 32.01 2.36
N VAL D 174 -12.39 31.69 2.64
CA VAL D 174 -12.94 30.37 2.35
C VAL D 174 -13.87 30.47 1.16
N THR D 175 -13.57 29.71 0.12
CA THR D 175 -14.40 29.61 -1.06
C THR D 175 -15.20 28.32 -1.00
N TYR D 176 -16.52 28.42 -1.17
CA TYR D 176 -17.36 27.24 -1.15
C TYR D 176 -17.81 26.90 -2.56
N PRO D 177 -17.55 25.69 -3.05
CA PRO D 177 -18.08 25.32 -4.37
C PRO D 177 -19.59 25.10 -4.30
N GLY D 178 -20.24 25.30 -5.43
CA GLY D 178 -21.64 24.97 -5.53
C GLY D 178 -21.87 23.49 -5.26
N ARG D 179 -23.12 23.18 -4.91
N ARG D 179 -23.12 23.17 -4.90
CA ARG D 179 -23.50 21.79 -4.70
CA ARG D 179 -23.49 21.78 -4.72
C ARG D 179 -23.25 20.98 -5.97
C ARG D 179 -23.21 20.99 -5.98
N CYS D 180 -22.52 19.88 -5.83
CA CYS D 180 -22.19 19.04 -6.96
C CYS D 180 -23.47 18.43 -7.53
N PRO D 181 -23.78 18.65 -8.81
CA PRO D 181 -25.10 18.23 -9.33
C PRO D 181 -25.14 16.73 -9.54
N GLU D 182 -26.35 16.25 -9.84
CA GLU D 182 -26.54 14.84 -10.09
C GLU D 182 -25.66 14.38 -11.24
N PRO D 183 -25.14 13.15 -11.20
CA PRO D 183 -24.21 12.72 -12.24
C PRO D 183 -24.93 12.58 -13.57
N PRO D 184 -24.23 12.79 -14.68
CA PRO D 184 -24.89 12.67 -15.99
C PRO D 184 -25.21 11.20 -16.28
N ARG D 185 -26.44 10.95 -16.70
CA ARG D 185 -26.91 9.60 -17.01
C ARG D 185 -26.56 9.31 -18.46
N THR D 186 -25.43 8.67 -18.69
CA THR D 186 -24.92 8.42 -20.04
C THR D 186 -25.70 7.31 -20.74
N LEU D 187 -25.74 7.39 -22.06
CA LEU D 187 -26.53 6.50 -22.91
C LEU D 187 -25.65 5.52 -23.67
N ALA D 188 -26.27 4.43 -24.08
CA ALA D 188 -25.65 3.42 -24.93
C ALA D 188 -25.78 3.81 -26.40
N PRO D 189 -24.91 3.29 -27.26
CA PRO D 189 -25.03 3.59 -28.69
C PRO D 189 -26.33 3.03 -29.26
N GLU D 190 -26.87 3.75 -30.25
CA GLU D 190 -28.15 3.35 -30.84
C GLU D 190 -28.07 1.95 -31.46
N GLU D 191 -26.95 1.62 -32.10
CA GLU D 191 -26.85 0.31 -32.71
C GLU D 191 -26.74 -0.80 -31.66
N ASN D 192 -26.22 -0.48 -30.48
CA ASN D 192 -26.23 -1.43 -29.38
C ASN D 192 -27.63 -1.63 -28.82
N ILE D 193 -28.41 -0.54 -28.74
CA ILE D 193 -29.80 -0.67 -28.33
C ILE D 193 -30.55 -1.60 -29.28
N LYS D 194 -30.34 -1.41 -30.58
CA LYS D 194 -31.03 -2.25 -31.55
C LYS D 194 -30.48 -3.67 -31.56
N ALA D 195 -29.19 -3.85 -31.29
CA ALA D 195 -28.62 -5.20 -31.23
C ALA D 195 -29.22 -5.98 -30.07
N ALA D 196 -29.51 -5.30 -28.96
CA ALA D 196 -30.07 -5.98 -27.80
C ALA D 196 -31.47 -6.49 -28.10
N LEU D 197 -32.31 -5.65 -28.72
CA LEU D 197 -33.66 -6.06 -29.04
C LEU D 197 -33.69 -7.09 -30.15
N ALA D 198 -32.77 -7.02 -31.12
CA ALA D 198 -32.69 -8.04 -32.15
C ALA D 198 -32.29 -9.39 -31.55
N ALA D 199 -31.37 -9.39 -30.58
CA ALA D 199 -30.98 -10.64 -29.95
C ALA D 199 -32.13 -11.24 -29.16
N LEU D 200 -32.90 -10.40 -28.47
CA LEU D 200 -34.04 -10.89 -27.70
C LEU D 200 -35.04 -11.65 -28.58
N LYS D 201 -35.20 -11.24 -29.84
CA LYS D 201 -36.15 -11.90 -30.72
C LYS D 201 -35.68 -13.27 -31.18
N THR D 202 -34.37 -13.52 -31.19
CA THR D 202 -33.81 -14.82 -31.56
C THR D 202 -33.70 -15.78 -30.38
N ALA D 203 -34.15 -15.38 -29.20
CA ALA D 203 -33.95 -16.17 -27.99
C ALA D 203 -35.14 -17.10 -27.77
N GLU D 204 -34.85 -18.38 -27.53
CA GLU D 204 -35.89 -19.34 -27.20
C GLU D 204 -36.31 -19.25 -25.74
N ARG D 205 -35.36 -18.99 -24.84
CA ARG D 205 -35.61 -18.97 -23.41
C ARG D 205 -34.95 -17.75 -22.78
N PRO D 206 -35.46 -16.55 -23.07
CA PRO D 206 -34.85 -15.34 -22.53
C PRO D 206 -35.20 -15.13 -21.06
N LEU D 207 -34.32 -14.40 -20.37
CA LEU D 207 -34.50 -14.09 -18.96
C LEU D 207 -33.95 -12.70 -18.69
N VAL D 208 -34.63 -11.94 -17.84
CA VAL D 208 -34.17 -10.64 -17.37
C VAL D 208 -33.80 -10.76 -15.90
N ILE D 209 -32.62 -10.28 -15.55
CA ILE D 209 -32.17 -10.22 -14.17
C ILE D 209 -32.12 -8.76 -13.75
N VAL D 210 -32.77 -8.45 -12.64
CA VAL D 210 -32.87 -7.08 -12.15
C VAL D 210 -32.11 -7.00 -10.84
N GLY D 211 -30.98 -6.30 -10.85
CA GLY D 211 -30.11 -6.20 -9.69
C GLY D 211 -30.26 -4.88 -8.96
N LYS D 212 -29.47 -4.74 -7.90
CA LYS D 212 -29.52 -3.53 -7.08
C LYS D 212 -28.86 -2.34 -7.76
N GLY D 213 -28.16 -2.57 -8.88
CA GLY D 213 -27.74 -1.46 -9.71
C GLY D 213 -28.91 -0.77 -10.38
N ALA D 214 -29.93 -1.54 -10.78
CA ALA D 214 -31.14 -0.91 -11.28
C ALA D 214 -31.87 -0.18 -10.16
N ALA D 215 -31.88 -0.75 -8.96
CA ALA D 215 -32.48 -0.07 -7.82
C ALA D 215 -31.75 1.23 -7.52
N TYR D 216 -30.43 1.19 -7.45
CA TYR D 216 -29.67 2.39 -7.12
C TYR D 216 -29.88 3.47 -8.17
N SER D 217 -29.99 3.09 -9.44
CA SER D 217 -30.21 4.04 -10.51
C SER D 217 -31.59 4.70 -10.43
N ARG D 218 -32.47 4.22 -9.55
CA ARG D 218 -33.86 4.67 -9.46
C ARG D 218 -34.56 4.50 -10.80
N ALA D 219 -34.37 3.31 -11.38
CA ALA D 219 -34.88 2.97 -12.71
C ALA D 219 -36.12 2.09 -12.65
N GLU D 220 -36.83 2.07 -11.52
CA GLU D 220 -37.91 1.10 -11.35
C GLU D 220 -39.03 1.32 -12.35
N ASP D 221 -39.37 2.57 -12.65
CA ASP D 221 -40.44 2.83 -13.61
C ASP D 221 -40.08 2.32 -15.00
N GLU D 222 -38.88 2.66 -15.48
N GLU D 222 -38.90 2.69 -15.50
CA GLU D 222 -38.49 2.23 -16.83
CA GLU D 222 -38.46 2.24 -16.81
C GLU D 222 -38.32 0.72 -16.89
C GLU D 222 -38.34 0.72 -16.88
N VAL D 223 -37.77 0.11 -15.83
CA VAL D 223 -37.55 -1.34 -15.85
C VAL D 223 -38.87 -2.10 -15.82
N ARG D 224 -39.83 -1.64 -15.03
CA ARG D 224 -41.13 -2.29 -15.02
C ARG D 224 -41.80 -2.20 -16.38
N LYS D 225 -41.74 -1.02 -17.00
CA LYS D 225 -42.32 -0.85 -18.33
C LYS D 225 -41.64 -1.76 -19.35
N PHE D 226 -40.32 -1.89 -19.27
CA PHE D 226 -39.60 -2.74 -20.20
C PHE D 226 -40.01 -4.20 -20.06
N VAL D 227 -40.04 -4.70 -18.83
CA VAL D 227 -40.39 -6.10 -18.61
C VAL D 227 -41.85 -6.36 -19.00
N GLU D 228 -42.73 -5.39 -18.73
CA GLU D 228 -44.15 -5.59 -19.04
C GLU D 228 -44.41 -5.46 -20.54
N THR D 229 -43.77 -4.50 -21.20
CA THR D 229 -43.93 -4.39 -22.65
C THR D 229 -43.44 -5.65 -23.36
N THR D 230 -42.33 -6.22 -22.90
CA THR D 230 -41.76 -7.39 -23.56
C THR D 230 -42.37 -8.71 -23.10
N GLY D 231 -43.03 -8.74 -21.95
CA GLY D 231 -43.54 -9.99 -21.42
C GLY D 231 -42.46 -10.98 -21.01
N LEU D 232 -41.22 -10.53 -20.81
CA LEU D 232 -40.16 -11.47 -20.48
C LEU D 232 -40.27 -11.91 -19.03
N PRO D 233 -39.99 -13.18 -18.73
CA PRO D 233 -39.83 -13.57 -17.33
C PRO D 233 -38.60 -12.88 -16.75
N TYR D 234 -38.63 -12.65 -15.44
CA TYR D 234 -37.53 -11.95 -14.81
C TYR D 234 -37.22 -12.53 -13.44
N LEU D 235 -35.97 -12.40 -13.04
CA LEU D 235 -35.51 -12.75 -11.70
C LEU D 235 -34.98 -11.51 -11.02
N ALA D 236 -35.44 -11.26 -9.80
CA ALA D 236 -34.89 -10.18 -8.99
C ALA D 236 -33.78 -10.74 -8.11
N SER D 237 -32.62 -10.05 -8.11
CA SER D 237 -31.56 -10.35 -7.17
C SER D 237 -32.05 -9.98 -5.77
N PRO D 238 -31.35 -10.43 -4.72
CA PRO D 238 -31.83 -10.15 -3.35
C PRO D 238 -32.19 -8.70 -3.09
N MET D 239 -31.31 -7.76 -3.40
CA MET D 239 -31.66 -6.37 -3.18
C MET D 239 -32.26 -5.71 -4.41
N GLY D 240 -32.31 -6.42 -5.54
CA GLY D 240 -33.11 -5.99 -6.66
C GLY D 240 -34.59 -6.24 -6.48
N LYS D 241 -34.96 -7.00 -5.43
CA LYS D 241 -36.36 -7.19 -5.10
C LYS D 241 -37.04 -5.84 -4.88
N GLY D 242 -38.29 -5.75 -5.31
CA GLY D 242 -39.05 -4.54 -5.16
C GLY D 242 -38.95 -3.56 -6.31
N VAL D 243 -37.88 -3.63 -7.11
CA VAL D 243 -37.81 -2.81 -8.32
C VAL D 243 -39.04 -3.07 -9.18
N ILE D 244 -39.30 -4.34 -9.46
CA ILE D 244 -40.61 -4.81 -9.88
C ILE D 244 -41.25 -5.50 -8.68
N PRO D 245 -42.50 -5.21 -8.34
CA PRO D 245 -43.11 -5.81 -7.16
C PRO D 245 -42.98 -7.33 -7.18
N ASP D 246 -42.67 -7.90 -6.02
CA ASP D 246 -42.37 -9.33 -5.95
C ASP D 246 -43.57 -10.21 -6.27
N ASP D 247 -44.79 -9.66 -6.24
CA ASP D 247 -45.98 -10.42 -6.60
C ASP D 247 -46.35 -10.26 -8.08
N HIS D 248 -45.43 -9.75 -8.89
CA HIS D 248 -45.72 -9.52 -10.29
C HIS D 248 -45.86 -10.86 -11.03
N PRO D 249 -46.81 -10.97 -11.96
CA PRO D 249 -47.05 -12.26 -12.63
C PRO D 249 -45.88 -12.79 -13.44
N GLN D 250 -44.84 -11.99 -13.69
CA GLN D 250 -43.72 -12.43 -14.53
C GLN D 250 -42.48 -12.81 -13.73
N SER D 251 -42.53 -12.74 -12.40
CA SER D 251 -41.39 -13.14 -11.59
C SER D 251 -41.27 -14.66 -11.57
N ILE D 252 -40.05 -15.16 -11.80
CA ILE D 252 -39.80 -16.60 -11.81
C ILE D 252 -38.84 -16.96 -10.69
N ALA D 253 -38.94 -16.22 -9.57
CA ALA D 253 -38.02 -16.39 -8.45
C ALA D 253 -38.04 -17.82 -7.91
N ALA D 254 -39.23 -18.41 -7.79
CA ALA D 254 -39.37 -19.76 -7.25
C ALA D 254 -38.81 -20.84 -8.17
N ALA D 255 -38.36 -20.48 -9.37
CA ALA D 255 -37.71 -21.40 -10.29
C ALA D 255 -36.31 -20.88 -10.64
N ARG D 256 -35.66 -20.25 -9.66
CA ARG D 256 -34.40 -19.56 -9.94
C ARG D 256 -33.36 -20.50 -10.55
N SER D 257 -33.08 -21.62 -9.87
CA SER D 257 -32.08 -22.56 -10.37
C SER D 257 -32.43 -23.04 -11.77
N PHE D 258 -33.71 -23.39 -11.99
CA PHE D 258 -34.12 -23.87 -13.30
C PHE D 258 -33.93 -22.79 -14.37
N ALA D 259 -34.28 -21.54 -14.04
CA ALA D 259 -34.19 -20.47 -15.03
C ALA D 259 -32.75 -20.20 -15.44
N LEU D 260 -31.84 -20.09 -14.46
CA LEU D 260 -30.44 -19.80 -14.76
C LEU D 260 -29.79 -20.93 -15.53
N GLN D 261 -30.19 -22.18 -15.26
CA GLN D 261 -29.57 -23.32 -15.91
C GLN D 261 -29.98 -23.45 -17.37
N ASN D 262 -31.18 -23.00 -17.73
CA ASN D 262 -31.70 -23.26 -19.06
C ASN D 262 -31.86 -22.03 -19.95
N THR D 263 -31.73 -20.82 -19.40
CA THR D 263 -31.83 -19.62 -20.24
C THR D 263 -30.73 -19.61 -21.29
N ASP D 264 -31.09 -19.20 -22.51
CA ASP D 264 -30.12 -19.07 -23.59
C ASP D 264 -29.68 -17.63 -23.83
N LEU D 265 -30.40 -16.66 -23.27
CA LEU D 265 -30.06 -15.25 -23.40
C LEU D 265 -30.55 -14.54 -22.15
N VAL D 266 -29.65 -13.89 -21.43
CA VAL D 266 -29.98 -13.20 -20.19
C VAL D 266 -29.69 -11.72 -20.37
N VAL D 267 -30.56 -10.88 -19.81
CA VAL D 267 -30.38 -9.44 -19.77
C VAL D 267 -30.04 -9.06 -18.34
N LEU D 268 -28.79 -8.67 -18.08
CA LEU D 268 -28.35 -8.23 -16.76
C LEU D 268 -28.60 -6.73 -16.64
N MET D 269 -29.54 -6.35 -15.79
CA MET D 269 -29.87 -4.94 -15.54
C MET D 269 -29.32 -4.54 -14.17
N GLY D 270 -28.08 -4.07 -14.16
CA GLY D 270 -27.44 -3.67 -12.92
C GLY D 270 -27.15 -4.82 -11.98
N ALA D 271 -26.69 -5.94 -12.52
CA ALA D 271 -26.35 -7.11 -11.71
C ALA D 271 -25.10 -7.74 -12.28
N ARG D 272 -24.19 -8.15 -11.40
CA ARG D 272 -22.91 -8.68 -11.84
C ARG D 272 -22.97 -10.19 -11.99
N MET D 273 -22.13 -10.70 -12.89
CA MET D 273 -21.87 -12.14 -12.98
C MET D 273 -20.77 -12.53 -11.98
N ASN D 274 -21.05 -12.26 -10.71
CA ASN D 274 -20.11 -12.58 -9.65
C ASN D 274 -20.58 -13.84 -8.91
N TRP D 275 -20.17 -13.99 -7.64
CA TRP D 275 -20.44 -15.21 -6.89
C TRP D 275 -21.93 -15.45 -6.70
N MET D 276 -22.72 -14.37 -6.60
CA MET D 276 -24.17 -14.53 -6.47
C MET D 276 -24.77 -15.25 -7.66
N MET D 277 -24.34 -14.88 -8.88
CA MET D 277 -24.80 -15.53 -10.09
C MET D 277 -23.93 -16.74 -10.47
N HIS D 278 -23.12 -17.23 -9.54
CA HIS D 278 -22.26 -18.40 -9.78
C HIS D 278 -21.37 -18.19 -11.01
N PHE D 279 -20.94 -16.94 -11.19
CA PHE D 279 -20.02 -16.52 -12.24
C PHE D 279 -20.57 -16.71 -13.65
N GLY D 280 -21.84 -17.07 -13.79
CA GLY D 280 -22.40 -17.28 -15.11
C GLY D 280 -21.92 -18.53 -15.82
N GLN D 281 -21.29 -19.45 -15.10
CA GLN D 281 -20.59 -20.59 -15.67
C GLN D 281 -21.34 -21.89 -15.38
N PRO D 282 -21.07 -22.95 -16.14
CA PRO D 282 -21.58 -24.26 -15.76
C PRO D 282 -21.05 -24.66 -14.39
N PRO D 283 -21.78 -25.50 -13.66
CA PRO D 283 -23.02 -26.19 -14.04
C PRO D 283 -24.31 -25.40 -13.77
N ARG D 284 -24.25 -24.29 -13.05
CA ARG D 284 -25.47 -23.55 -12.73
C ARG D 284 -26.02 -22.78 -13.91
N TRP D 285 -25.18 -22.45 -14.88
CA TRP D 285 -25.59 -21.80 -16.12
C TRP D 285 -25.30 -22.72 -17.30
N ASN D 286 -25.89 -22.39 -18.45
CA ASN D 286 -25.59 -23.13 -19.66
C ASN D 286 -24.30 -22.60 -20.29
N GLU D 287 -23.50 -23.53 -20.83
CA GLU D 287 -22.19 -23.17 -21.36
C GLU D 287 -22.28 -22.13 -22.48
N LYS D 288 -23.38 -22.13 -23.25
CA LYS D 288 -23.51 -21.26 -24.42
C LYS D 288 -24.40 -20.06 -24.17
N VAL D 289 -24.61 -19.68 -22.91
CA VAL D 289 -25.55 -18.61 -22.60
C VAL D 289 -25.06 -17.30 -23.21
N ARG D 290 -26.01 -16.52 -23.74
CA ARG D 290 -25.72 -15.22 -24.33
C ARG D 290 -26.10 -14.13 -23.34
N VAL D 291 -25.34 -13.04 -23.34
CA VAL D 291 -25.46 -12.03 -22.30
C VAL D 291 -25.63 -10.66 -22.93
N ILE D 292 -26.71 -9.98 -22.57
CA ILE D 292 -26.86 -8.54 -22.74
C ILE D 292 -26.64 -7.92 -21.37
N GLN D 293 -25.60 -7.09 -21.25
CA GLN D 293 -25.16 -6.59 -19.96
C GLN D 293 -25.33 -5.08 -19.89
N MET D 294 -26.11 -4.63 -18.92
CA MET D 294 -26.34 -3.20 -18.68
C MET D 294 -25.65 -2.83 -17.37
N ASP D 295 -24.58 -2.05 -17.46
CA ASP D 295 -23.85 -1.62 -16.27
C ASP D 295 -23.20 -0.28 -16.55
N ILE D 296 -23.10 0.54 -15.50
CA ILE D 296 -22.44 1.83 -15.62
C ILE D 296 -20.91 1.69 -15.72
N SER D 297 -20.35 0.56 -15.28
CA SER D 297 -18.90 0.34 -15.30
C SER D 297 -18.54 -0.44 -16.56
N ALA D 298 -17.84 0.21 -17.49
CA ALA D 298 -17.39 -0.50 -18.69
C ALA D 298 -16.44 -1.65 -18.33
N GLU D 299 -15.66 -1.49 -17.27
CA GLU D 299 -14.71 -2.54 -16.88
C GLU D 299 -15.44 -3.82 -16.48
N GLU D 300 -16.67 -3.72 -15.97
CA GLU D 300 -17.40 -4.92 -15.55
C GLU D 300 -17.89 -5.73 -16.74
N ILE D 301 -17.97 -5.13 -17.93
CA ILE D 301 -18.54 -5.83 -19.09
C ILE D 301 -17.66 -7.02 -19.46
N GLY D 302 -18.28 -8.19 -19.59
CA GLY D 302 -17.57 -9.36 -20.01
C GLY D 302 -16.73 -10.04 -18.96
N THR D 303 -17.04 -9.84 -17.68
CA THR D 303 -16.35 -10.57 -16.62
C THR D 303 -16.88 -12.00 -16.57
N ASN D 304 -15.95 -12.96 -16.49
CA ASN D 304 -16.26 -14.38 -16.38
C ASN D 304 -16.87 -14.94 -17.67
N VAL D 305 -17.92 -14.31 -18.18
CA VAL D 305 -18.57 -14.79 -19.40
C VAL D 305 -18.57 -13.69 -20.45
N PRO D 306 -18.40 -14.03 -21.73
CA PRO D 306 -18.41 -13.01 -22.78
C PRO D 306 -19.76 -12.31 -22.85
N THR D 307 -19.73 -11.03 -23.20
CA THR D 307 -20.94 -10.24 -23.37
C THR D 307 -21.19 -10.05 -24.86
N GLU D 308 -22.40 -10.43 -25.31
CA GLU D 308 -22.74 -10.30 -26.72
C GLU D 308 -23.10 -8.85 -27.07
N VAL D 309 -23.90 -8.20 -26.24
CA VAL D 309 -24.26 -6.80 -26.43
C VAL D 309 -23.96 -6.05 -25.13
N ALA D 310 -23.07 -5.07 -25.20
CA ALA D 310 -22.68 -4.28 -24.04
C ALA D 310 -23.47 -2.98 -24.03
N LEU D 311 -24.23 -2.75 -22.96
CA LEU D 311 -25.00 -1.52 -22.77
C LEU D 311 -24.36 -0.79 -21.59
N VAL D 312 -23.40 0.07 -21.89
CA VAL D 312 -22.64 0.77 -20.87
C VAL D 312 -23.27 2.15 -20.67
N GLY D 313 -23.65 2.43 -19.44
CA GLY D 313 -24.26 3.70 -19.10
C GLY D 313 -25.18 3.53 -17.91
N ASP D 314 -26.00 4.55 -17.70
CA ASP D 314 -26.93 4.54 -16.58
C ASP D 314 -28.12 3.64 -16.89
N ALA D 315 -28.56 2.88 -15.88
CA ALA D 315 -29.64 1.91 -16.09
C ALA D 315 -30.94 2.59 -16.48
N LYS D 316 -31.29 3.66 -15.77
CA LYS D 316 -32.53 4.39 -16.08
C LYS D 316 -32.51 4.91 -17.50
N ALA D 317 -31.42 5.56 -17.91
CA ALA D 317 -31.35 6.15 -19.24
C ALA D 317 -31.32 5.08 -20.33
N ILE D 318 -30.60 3.98 -20.10
CA ILE D 318 -30.49 2.94 -21.12
C ILE D 318 -31.81 2.19 -21.26
N THR D 319 -32.47 1.90 -20.14
CA THR D 319 -33.76 1.23 -20.22
C THR D 319 -34.79 2.10 -20.92
N ALA D 320 -34.76 3.42 -20.66
CA ALA D 320 -35.61 4.33 -21.43
C ALA D 320 -35.27 4.28 -22.91
N GLN D 321 -33.99 4.07 -23.26
CA GLN D 321 -33.63 3.89 -24.67
C GLN D 321 -34.26 2.64 -25.24
N LEU D 322 -34.29 1.55 -24.45
CA LEU D 322 -34.92 0.32 -24.91
C LEU D 322 -36.43 0.51 -25.07
N ASN D 323 -37.06 1.25 -24.15
CA ASN D 323 -38.51 1.47 -24.25
C ASN D 323 -38.85 2.32 -25.46
N ALA D 324 -37.98 3.28 -25.80
CA ALA D 324 -38.26 4.14 -26.94
C ALA D 324 -38.17 3.35 -28.24
N GLU D 325 -37.19 2.45 -28.36
CA GLU D 325 -37.08 1.65 -29.58
C GLU D 325 -38.23 0.64 -29.70
N LEU D 326 -38.72 0.12 -28.58
CA LEU D 326 -39.85 -0.80 -28.62
C LEU D 326 -41.16 -0.11 -28.95
N GLU D 327 -41.21 1.22 -28.84
CA GLU D 327 -42.40 1.94 -29.29
C GLU D 327 -42.37 2.15 -30.79
N LYS D 328 -41.18 2.31 -31.37
CA LYS D 328 -41.06 2.42 -32.82
C LYS D 328 -41.19 1.06 -33.50
N ASN D 329 -40.54 0.02 -32.95
CA ASN D 329 -40.59 -1.33 -33.48
C ASN D 329 -41.10 -2.26 -32.39
N PRO D 330 -42.42 -2.39 -32.23
CA PRO D 330 -42.96 -3.17 -31.10
C PRO D 330 -42.56 -4.64 -31.17
N TRP D 331 -42.42 -5.23 -29.98
CA TRP D 331 -42.14 -6.65 -29.85
C TRP D 331 -42.49 -7.09 -28.43
N SER D 332 -42.97 -8.33 -28.31
CA SER D 332 -43.19 -8.91 -27.00
C SER D 332 -42.99 -10.42 -27.10
N TYR D 333 -42.51 -11.01 -25.99
CA TYR D 333 -42.29 -12.44 -25.92
C TYR D 333 -43.62 -13.17 -25.76
N PRO D 334 -43.87 -14.24 -26.51
CA PRO D 334 -45.19 -14.88 -26.48
C PRO D 334 -45.59 -15.33 -25.08
N SER D 335 -46.89 -15.28 -24.82
CA SER D 335 -47.42 -15.66 -23.51
C SER D 335 -47.52 -17.16 -23.33
N GLU D 336 -47.43 -17.93 -24.41
CA GLU D 336 -47.52 -19.39 -24.36
C GLU D 336 -46.30 -19.97 -25.06
N THR D 337 -45.31 -20.41 -24.28
CA THR D 337 -44.12 -21.06 -24.80
C THR D 337 -43.78 -22.24 -23.91
N THR D 338 -42.99 -23.17 -24.45
CA THR D 338 -42.47 -24.24 -23.62
C THR D 338 -41.58 -23.69 -22.51
N TRP D 339 -40.96 -22.53 -22.75
CA TRP D 339 -40.19 -21.85 -21.71
C TRP D 339 -41.09 -21.39 -20.57
N TRP D 340 -42.23 -20.78 -20.90
CA TRP D 340 -43.17 -20.36 -19.86
C TRP D 340 -43.75 -21.56 -19.12
N THR D 341 -44.11 -22.62 -19.85
CA THR D 341 -44.71 -23.78 -19.22
C THR D 341 -43.74 -24.46 -18.27
N GLY D 342 -42.48 -24.58 -18.67
CA GLY D 342 -41.48 -25.17 -17.77
C GLY D 342 -41.23 -24.32 -16.56
N LEU D 343 -41.22 -22.99 -16.74
CA LEU D 343 -41.04 -22.09 -15.60
C LEU D 343 -42.22 -22.17 -14.65
N GLN D 344 -43.45 -22.15 -15.18
CA GLN D 344 -44.63 -22.30 -14.33
C GLN D 344 -44.67 -23.65 -13.65
N SER D 345 -44.17 -24.70 -14.34
CA SER D 345 -44.11 -26.02 -13.73
C SER D 345 -43.20 -26.03 -12.51
N LYS D 346 -42.00 -25.45 -12.64
CA LYS D 346 -41.08 -25.45 -11.50
C LYS D 346 -41.58 -24.56 -10.38
N ILE D 347 -42.24 -23.45 -10.71
CA ILE D 347 -42.79 -22.58 -9.67
C ILE D 347 -43.86 -23.32 -8.87
N ALA D 348 -44.71 -24.08 -9.55
CA ALA D 348 -45.76 -24.83 -8.85
C ALA D 348 -45.17 -25.96 -8.02
N ALA D 349 -44.26 -26.75 -8.62
CA ALA D 349 -43.62 -27.84 -7.89
C ALA D 349 -42.94 -27.35 -6.63
N ASN D 350 -42.18 -26.27 -6.75
CA ASN D 350 -41.47 -25.73 -5.59
C ASN D 350 -42.38 -24.99 -4.63
N ALA D 351 -43.56 -24.54 -5.08
CA ALA D 351 -44.54 -24.02 -4.14
C ALA D 351 -45.24 -25.13 -3.38
N ALA D 352 -45.39 -26.30 -4.00
CA ALA D 352 -45.97 -27.44 -3.28
C ALA D 352 -45.02 -27.96 -2.22
N THR D 353 -43.71 -27.79 -2.41
CA THR D 353 -42.75 -28.30 -1.44
C THR D 353 -42.71 -27.44 -0.19
N VAL D 354 -42.88 -26.13 -0.32
CA VAL D 354 -42.77 -25.25 0.83
C VAL D 354 -44.09 -25.12 1.61
N GLU D 355 -45.22 -25.35 0.95
CA GLU D 355 -46.53 -25.17 1.60
C GLU D 355 -46.67 -25.95 2.90
N PRO D 356 -46.29 -27.23 3.00
CA PRO D 356 -46.36 -27.90 4.31
C PRO D 356 -45.44 -27.26 5.34
N MET D 357 -44.28 -26.73 4.92
CA MET D 357 -43.41 -26.05 5.87
C MET D 357 -44.03 -24.75 6.37
N PHE D 358 -44.81 -24.07 5.53
CA PHE D 358 -45.46 -22.83 5.94
C PHE D 358 -46.52 -23.07 7.02
N ASN D 359 -47.14 -24.25 7.03
CA ASN D 359 -48.18 -24.56 8.01
C ASN D 359 -47.76 -25.61 9.01
N ASP D 360 -46.46 -25.92 9.09
CA ASP D 360 -45.95 -26.82 10.11
C ASP D 360 -45.99 -26.12 11.48
N ASP D 361 -46.65 -26.75 12.45
CA ASP D 361 -46.84 -26.14 13.76
C ASP D 361 -46.08 -26.84 14.87
N SER D 362 -45.15 -27.75 14.52
CA SER D 362 -44.41 -28.45 15.55
C SER D 362 -43.43 -27.51 16.24
N VAL D 363 -43.03 -27.92 17.45
CA VAL D 363 -42.14 -27.14 18.31
C VAL D 363 -40.95 -28.03 18.66
N PRO D 364 -39.71 -27.54 18.58
CA PRO D 364 -39.29 -26.20 18.14
C PRO D 364 -39.62 -25.90 16.68
N MET D 365 -39.87 -24.62 16.36
CA MET D 365 -40.45 -24.22 15.10
C MET D 365 -39.39 -24.19 13.99
N GLY D 366 -39.89 -24.13 12.75
CA GLY D 366 -39.05 -24.01 11.58
C GLY D 366 -39.05 -22.60 11.00
N TYR D 367 -38.15 -22.38 10.05
CA TYR D 367 -37.99 -21.05 9.46
C TYR D 367 -39.25 -20.59 8.76
N TYR D 368 -39.84 -21.44 7.91
CA TYR D 368 -40.96 -21.01 7.09
C TYR D 368 -42.17 -20.66 7.94
N ARG D 369 -42.44 -21.43 8.98
CA ARG D 369 -43.56 -21.12 9.87
C ARG D 369 -43.36 -19.77 10.55
N VAL D 370 -42.14 -19.52 11.04
CA VAL D 370 -41.86 -18.25 11.72
C VAL D 370 -41.91 -17.10 10.72
N LEU D 371 -41.28 -17.28 9.56
CA LEU D 371 -41.23 -16.21 8.58
C LEU D 371 -42.59 -15.97 7.92
N ARG D 372 -43.50 -16.95 8.00
CA ARG D 372 -44.84 -16.77 7.45
C ARG D 372 -45.62 -15.73 8.23
N ASP D 373 -45.52 -15.76 9.57
CA ASP D 373 -46.23 -14.80 10.39
C ASP D 373 -45.55 -13.43 10.39
N ILE D 374 -44.22 -13.40 10.22
CA ILE D 374 -43.55 -12.11 10.03
C ILE D 374 -43.99 -11.47 8.72
N ARG D 375 -44.11 -12.29 7.66
CA ARG D 375 -44.46 -11.76 6.35
C ARG D 375 -45.81 -11.07 6.35
N ASP D 376 -46.79 -11.64 7.05
CA ASP D 376 -48.17 -11.17 6.97
C ASP D 376 -48.47 -10.00 7.89
N LEU D 377 -47.51 -9.56 8.70
CA LEU D 377 -47.73 -8.42 9.60
C LEU D 377 -46.86 -7.22 9.26
N ILE D 378 -46.03 -7.30 8.22
CA ILE D 378 -45.18 -6.19 7.82
C ILE D 378 -45.94 -5.29 6.86
N PRO D 379 -45.96 -3.97 7.07
CA PRO D 379 -46.60 -3.08 6.09
C PRO D 379 -45.96 -3.22 4.71
N LYS D 380 -46.75 -2.89 3.68
CA LYS D 380 -46.31 -3.09 2.30
C LYS D 380 -45.23 -2.11 1.89
N ASP D 381 -45.08 -0.98 2.59
CA ASP D 381 -44.05 0.00 2.30
C ASP D 381 -42.90 -0.02 3.30
N ALA D 382 -42.92 -0.95 4.25
CA ALA D 382 -41.87 -1.02 5.26
C ALA D 382 -40.54 -1.40 4.64
N ILE D 383 -39.46 -1.04 5.31
CA ILE D 383 -38.11 -1.37 4.90
C ILE D 383 -37.63 -2.54 5.75
N ILE D 384 -37.16 -3.59 5.07
CA ILE D 384 -36.72 -4.82 5.72
C ILE D 384 -35.20 -4.84 5.78
N SER D 385 -34.65 -5.02 6.98
CA SER D 385 -33.24 -5.33 7.18
C SER D 385 -33.14 -6.79 7.56
N ASN D 386 -32.54 -7.60 6.68
CA ASN D 386 -32.54 -9.06 6.81
C ASN D 386 -31.08 -9.52 6.80
N GLU D 387 -30.65 -10.14 7.89
CA GLU D 387 -29.23 -10.45 8.05
C GLU D 387 -29.06 -11.80 8.75
N GLY D 388 -28.15 -12.61 8.24
CA GLY D 388 -27.90 -13.92 8.78
C GLY D 388 -27.43 -14.85 7.68
N ALA D 389 -27.57 -16.15 7.94
CA ALA D 389 -27.32 -17.12 6.88
C ALA D 389 -28.65 -17.69 6.39
N SER D 390 -29.20 -18.67 7.10
CA SER D 390 -30.51 -19.19 6.71
C SER D 390 -31.61 -18.16 6.94
N THR D 391 -31.50 -17.40 8.04
CA THR D 391 -32.47 -16.34 8.32
C THR D 391 -32.57 -15.36 7.15
N MET D 392 -31.45 -15.10 6.48
CA MET D 392 -31.40 -14.14 5.38
C MET D 392 -31.74 -14.79 4.04
N ASP D 393 -31.24 -15.99 3.79
CA ASP D 393 -31.50 -16.65 2.51
C ASP D 393 -32.96 -17.08 2.41
N ILE D 394 -33.50 -17.67 3.47
CA ILE D 394 -34.92 -18.04 3.46
C ILE D 394 -35.79 -16.80 3.54
N GLY D 395 -35.37 -15.80 4.31
CA GLY D 395 -36.10 -14.54 4.36
C GLY D 395 -36.17 -13.85 3.01
N ARG D 396 -35.12 -14.01 2.20
CA ARG D 396 -35.16 -13.50 0.83
C ARG D 396 -36.32 -14.13 0.05
N THR D 397 -36.64 -15.39 0.32
CA THR D 397 -37.70 -16.07 -0.42
C THR D 397 -39.08 -15.80 0.16
N VAL D 398 -39.19 -15.61 1.48
CA VAL D 398 -40.50 -15.51 2.13
C VAL D 398 -40.98 -14.07 2.21
N LEU D 399 -40.09 -13.12 2.52
CA LEU D 399 -40.48 -11.74 2.76
C LEU D 399 -40.49 -10.99 1.43
N PRO D 400 -41.65 -10.59 0.91
CA PRO D 400 -41.67 -9.85 -0.35
C PRO D 400 -41.47 -8.35 -0.16
N ASN D 401 -40.92 -7.73 -1.19
CA ASN D 401 -40.84 -6.28 -1.29
C ASN D 401 -41.64 -5.82 -2.50
N PHE D 402 -42.29 -4.67 -2.37
CA PHE D 402 -43.11 -4.14 -3.45
C PHE D 402 -42.64 -2.81 -3.99
N PHE D 403 -41.63 -2.21 -3.36
CA PHE D 403 -41.04 -0.97 -3.84
C PHE D 403 -39.53 -1.12 -3.84
N ALA D 404 -38.87 -0.36 -4.71
CA ALA D 404 -37.43 -0.46 -4.84
C ALA D 404 -36.74 0.06 -3.58
N ARG D 405 -35.57 -0.52 -3.31
CA ARG D 405 -34.71 -0.10 -2.19
C ARG D 405 -35.45 -0.22 -0.85
N THR D 406 -36.20 -1.31 -0.69
CA THR D 406 -36.86 -1.59 0.58
C THR D 406 -36.33 -2.86 1.23
N ARG D 407 -35.26 -3.45 0.71
CA ARG D 407 -34.59 -4.57 1.35
C ARG D 407 -33.11 -4.25 1.52
N LEU D 408 -32.58 -4.48 2.71
CA LEU D 408 -31.17 -4.33 3.00
C LEU D 408 -30.68 -5.63 3.64
N ASP D 409 -29.71 -6.27 3.02
CA ASP D 409 -29.17 -7.53 3.54
C ASP D 409 -27.63 -7.45 3.55
N ALA D 410 -26.99 -8.61 3.62
CA ALA D 410 -25.53 -8.66 3.72
C ALA D 410 -24.86 -8.29 2.42
N ALA D 411 -25.59 -8.33 1.31
CA ALA D 411 -25.18 -7.74 0.03
C ALA D 411 -23.95 -8.48 -0.51
N THR D 412 -23.13 -7.83 -1.33
CA THR D 412 -22.09 -8.54 -2.09
C THR D 412 -21.00 -9.12 -1.18
N PHE D 413 -20.60 -8.37 -0.17
CA PHE D 413 -19.55 -8.83 0.73
C PHE D 413 -20.02 -9.90 1.70
N GLY D 414 -21.33 -10.19 1.75
CA GLY D 414 -21.84 -11.14 2.73
C GLY D 414 -21.48 -10.81 4.17
N THR D 415 -21.59 -9.54 4.55
CA THR D 415 -21.07 -9.06 5.81
C THR D 415 -22.04 -9.29 6.96
N MET D 416 -21.56 -9.92 8.03
CA MET D 416 -22.25 -9.92 9.30
C MET D 416 -21.87 -8.67 10.07
N GLY D 417 -22.84 -8.09 10.77
CA GLY D 417 -22.62 -6.87 11.51
C GLY D 417 -23.23 -5.63 10.91
N VAL D 418 -23.99 -5.77 9.81
CA VAL D 418 -24.60 -4.63 9.14
C VAL D 418 -26.05 -4.40 9.53
N GLY D 419 -26.71 -5.40 10.11
CA GLY D 419 -28.16 -5.37 10.32
C GLY D 419 -28.67 -4.15 11.04
N ALA D 420 -28.20 -3.92 12.27
CA ALA D 420 -28.71 -2.80 13.06
C ALA D 420 -28.30 -1.46 12.47
N GLY D 421 -27.08 -1.38 11.93
CA GLY D 421 -26.64 -0.13 11.32
C GLY D 421 -27.48 0.26 10.12
N GLN D 422 -27.75 -0.72 9.24
CA GLN D 422 -28.55 -0.40 8.06
C GLN D 422 -29.99 -0.11 8.41
N ALA D 423 -30.53 -0.77 9.45
CA ALA D 423 -31.88 -0.45 9.89
C ALA D 423 -31.94 0.96 10.47
N ILE D 424 -30.90 1.37 11.20
CA ILE D 424 -30.80 2.74 11.68
C ILE D 424 -30.68 3.71 10.51
N ALA D 425 -29.89 3.35 9.49
CA ALA D 425 -29.80 4.21 8.31
C ALA D 425 -31.14 4.32 7.61
N ALA D 426 -31.86 3.20 7.46
CA ALA D 426 -33.16 3.23 6.80
C ALA D 426 -34.14 4.09 7.57
N ALA D 427 -34.15 3.98 8.90
CA ALA D 427 -35.04 4.82 9.70
C ALA D 427 -34.65 6.29 9.58
N SER D 428 -33.35 6.58 9.42
CA SER D 428 -32.93 7.97 9.29
C SER D 428 -33.38 8.55 7.96
N VAL D 429 -33.33 7.75 6.91
CA VAL D 429 -33.74 8.23 5.59
C VAL D 429 -35.26 8.29 5.46
N HIS D 430 -35.98 7.37 6.09
CA HIS D 430 -37.43 7.31 6.01
C HIS D 430 -38.03 7.31 7.42
N PRO D 431 -38.06 8.47 8.07
CA PRO D 431 -38.62 8.53 9.44
C PRO D 431 -40.10 8.22 9.52
N ASP D 432 -40.82 8.30 8.42
CA ASP D 432 -42.26 8.05 8.40
C ASP D 432 -42.61 6.60 8.10
N ARG D 433 -41.64 5.68 8.17
CA ARG D 433 -41.86 4.30 7.77
C ARG D 433 -41.46 3.35 8.88
N LYS D 434 -42.01 2.14 8.81
CA LYS D 434 -41.69 1.08 9.74
C LYS D 434 -40.46 0.34 9.25
N ILE D 435 -39.52 0.11 10.16
CA ILE D 435 -38.29 -0.62 9.87
C ILE D 435 -38.38 -1.96 10.61
N ILE D 436 -38.28 -3.06 9.86
CA ILE D 436 -38.26 -4.39 10.43
C ILE D 436 -36.85 -4.94 10.24
N CYS D 437 -36.20 -5.31 11.35
CA CYS D 437 -34.88 -5.92 11.35
C CYS D 437 -35.05 -7.39 11.74
N VAL D 438 -34.77 -8.29 10.80
CA VAL D 438 -34.91 -9.73 11.01
C VAL D 438 -33.52 -10.34 10.91
N GLN D 439 -32.99 -10.81 12.03
CA GLN D 439 -31.61 -11.27 12.09
C GLN D 439 -31.55 -12.68 12.65
N GLY D 440 -30.58 -13.45 12.18
CA GLY D 440 -30.18 -14.64 12.90
C GLY D 440 -29.56 -14.29 14.24
N ASP D 441 -29.57 -15.26 15.16
CA ASP D 441 -29.04 -14.98 16.49
C ASP D 441 -27.56 -14.59 16.44
N SER D 442 -26.79 -15.22 15.56
CA SER D 442 -25.38 -14.85 15.45
C SER D 442 -25.23 -13.46 14.83
N ALA D 443 -26.03 -13.16 13.81
CA ALA D 443 -25.95 -11.84 13.18
C ALA D 443 -26.29 -10.74 14.18
N PHE D 444 -27.28 -10.97 15.04
CA PHE D 444 -27.65 -9.97 16.03
C PHE D 444 -26.48 -9.65 16.97
N GLY D 445 -25.72 -10.66 17.38
CA GLY D 445 -24.63 -10.44 18.32
C GLY D 445 -23.51 -9.54 17.81
N PHE D 446 -23.43 -9.32 16.49
CA PHE D 446 -22.34 -8.51 15.96
C PHE D 446 -22.50 -7.03 16.33
N GLY D 447 -23.73 -6.53 16.32
CA GLY D 447 -23.97 -5.13 16.64
C GLY D 447 -25.15 -4.96 17.57
N GLY D 448 -25.38 -5.95 18.43
CA GLY D 448 -26.57 -5.95 19.26
C GLY D 448 -26.69 -4.74 20.16
N MET D 449 -25.55 -4.14 20.52
CA MET D 449 -25.59 -2.95 21.36
C MET D 449 -26.34 -1.79 20.70
N GLU D 450 -26.42 -1.76 19.36
CA GLU D 450 -27.01 -0.62 18.69
C GLU D 450 -28.53 -0.57 18.82
N VAL D 451 -29.18 -1.54 19.46
CA VAL D 451 -30.60 -1.40 19.75
C VAL D 451 -30.83 -0.19 20.65
N GLU D 452 -29.89 0.07 21.56
CA GLU D 452 -30.00 1.25 22.41
C GLU D 452 -29.90 2.53 21.58
N THR D 453 -29.07 2.51 20.54
CA THR D 453 -28.96 3.66 19.65
C THR D 453 -30.29 3.94 18.96
N ALA D 454 -30.94 2.89 18.45
CA ALA D 454 -32.26 3.05 17.83
C ALA D 454 -33.28 3.58 18.82
N ALA D 455 -33.15 3.22 20.10
CA ALA D 455 -34.10 3.69 21.10
C ALA D 455 -33.82 5.13 21.51
N ARG D 456 -32.55 5.46 21.68
CA ARG D 456 -32.17 6.81 22.12
C ARG D 456 -32.65 7.86 21.14
N TYR D 457 -32.62 7.55 19.84
CA TYR D 457 -33.06 8.46 18.79
C TYR D 457 -34.51 8.22 18.37
N GLY D 458 -35.26 7.42 19.11
CA GLY D 458 -36.68 7.24 18.84
C GLY D 458 -37.01 6.66 17.48
N LEU D 459 -36.12 5.85 16.91
CA LEU D 459 -36.36 5.32 15.58
C LEU D 459 -37.42 4.22 15.61
N ASN D 460 -38.13 4.09 14.49
CA ASN D 460 -39.25 3.15 14.39
C ASN D 460 -38.75 1.82 13.84
N ILE D 461 -37.99 1.11 14.66
CA ILE D 461 -37.39 -0.17 14.29
C ILE D 461 -37.88 -1.24 15.25
N THR D 462 -38.30 -2.38 14.70
CA THR D 462 -38.60 -3.57 15.47
C THR D 462 -37.53 -4.62 15.20
N PHE D 463 -36.94 -5.16 16.27
CA PHE D 463 -35.84 -6.12 16.16
C PHE D 463 -36.39 -7.53 16.39
N VAL D 464 -36.31 -8.36 15.36
CA VAL D 464 -36.75 -9.75 15.42
C VAL D 464 -35.53 -10.66 15.25
N ILE D 465 -35.35 -11.57 16.19
CA ILE D 465 -34.20 -12.48 16.22
C ILE D 465 -34.71 -13.89 16.02
N ILE D 466 -34.19 -14.57 15.00
CA ILE D 466 -34.49 -15.98 14.77
C ILE D 466 -33.34 -16.80 15.35
N ASN D 467 -33.61 -17.47 16.48
CA ASN D 467 -32.60 -18.00 17.37
C ASN D 467 -32.58 -19.53 17.32
N ASN D 468 -31.53 -20.10 16.73
CA ASN D 468 -31.31 -21.54 16.74
C ASN D 468 -30.04 -21.91 17.49
N ASN D 469 -29.64 -21.07 18.45
CA ASN D 469 -28.55 -21.30 19.40
C ASN D 469 -27.17 -21.27 18.77
N GLY D 470 -26.99 -20.67 17.60
CA GLY D 470 -25.65 -20.48 17.09
C GLY D 470 -25.61 -20.18 15.61
N ILE D 471 -24.39 -20.25 15.08
CA ILE D 471 -24.11 -20.05 13.66
C ILE D 471 -24.62 -21.27 12.89
N GLY D 472 -25.78 -21.14 12.26
CA GLY D 472 -26.42 -22.29 11.64
C GLY D 472 -26.97 -23.31 12.60
N GLY D 473 -26.98 -23.01 13.90
CA GLY D 473 -27.49 -23.94 14.89
C GLY D 473 -26.48 -24.31 15.97
N GLY D 474 -26.95 -24.44 17.19
CA GLY D 474 -26.15 -24.94 18.28
C GLY D 474 -26.95 -25.94 19.10
N PRO D 475 -26.29 -26.71 19.96
CA PRO D 475 -27.00 -27.72 20.74
C PRO D 475 -27.88 -27.10 21.81
N ASP D 476 -28.83 -27.90 22.30
CA ASP D 476 -29.66 -27.50 23.43
C ASP D 476 -28.92 -27.56 24.75
N GLU D 477 -27.80 -28.30 24.81
CA GLU D 477 -26.98 -28.42 26.01
C GLU D 477 -25.53 -28.28 25.61
N LEU D 478 -24.80 -27.42 26.31
CA LEU D 478 -23.39 -27.18 26.03
C LEU D 478 -22.54 -28.02 26.98
N ASP D 479 -21.81 -28.98 26.44
CA ASP D 479 -20.77 -29.67 27.19
C ASP D 479 -19.64 -28.69 27.48
N PRO D 480 -19.33 -28.38 28.74
CA PRO D 480 -18.26 -27.40 29.03
C PRO D 480 -16.91 -27.79 28.49
N ALA D 481 -16.64 -29.08 28.29
CA ALA D 481 -15.35 -29.50 27.75
C ALA D 481 -15.29 -29.42 26.23
N HIS D 482 -16.44 -29.54 25.54
CA HIS D 482 -16.51 -29.54 24.08
C HIS D 482 -17.60 -28.58 23.63
N ILE D 483 -17.27 -27.30 23.61
CA ILE D 483 -18.19 -26.25 23.17
C ILE D 483 -17.95 -26.00 21.68
N PRO D 484 -18.93 -26.23 20.82
CA PRO D 484 -18.72 -26.07 19.38
C PRO D 484 -18.33 -24.65 19.03
N PRO D 485 -17.44 -24.47 18.06
CA PRO D 485 -16.91 -23.12 17.78
C PRO D 485 -17.97 -22.11 17.43
N GLY D 486 -19.07 -22.53 16.80
CA GLY D 486 -20.10 -21.60 16.38
C GLY D 486 -21.37 -21.67 17.18
N ALA D 487 -21.30 -22.21 18.40
CA ALA D 487 -22.46 -22.32 19.27
C ALA D 487 -22.47 -21.17 20.28
N TYR D 488 -23.68 -20.76 20.66
CA TYR D 488 -23.89 -19.78 21.72
C TYR D 488 -24.67 -20.44 22.86
N THR D 489 -24.84 -19.68 23.95
CA THR D 489 -25.59 -20.17 25.10
C THR D 489 -26.98 -20.63 24.65
N PRO D 490 -27.42 -21.82 25.02
CA PRO D 490 -28.76 -22.27 24.61
C PRO D 490 -29.84 -21.37 25.19
N GLN D 491 -30.79 -20.99 24.33
CA GLN D 491 -31.93 -20.17 24.72
C GLN D 491 -31.47 -18.86 25.36
N ALA D 492 -30.52 -18.20 24.71
CA ALA D 492 -30.08 -16.90 25.15
C ALA D 492 -31.21 -15.89 25.06
N HIS D 493 -31.47 -15.18 26.16
CA HIS D 493 -32.58 -14.23 26.23
C HIS D 493 -32.10 -12.84 25.78
N TYR D 494 -31.81 -12.73 24.49
CA TYR D 494 -31.39 -11.46 23.91
C TYR D 494 -32.46 -10.39 24.07
N GLU D 495 -33.73 -10.79 24.16
CA GLU D 495 -34.82 -9.83 24.30
C GLU D 495 -34.73 -9.06 25.61
N LYS D 496 -33.99 -9.56 26.59
CA LYS D 496 -33.76 -8.84 27.83
C LYS D 496 -32.96 -7.57 27.61
N MET D 497 -32.33 -7.40 26.45
CA MET D 497 -31.62 -6.16 26.16
C MET D 497 -32.58 -5.00 25.93
N ALA D 498 -33.85 -5.28 25.65
CA ALA D 498 -34.84 -4.21 25.61
C ALA D 498 -34.91 -3.50 26.95
N ASP D 499 -34.71 -4.25 28.04
CA ASP D 499 -34.78 -3.66 29.38
C ASP D 499 -33.65 -2.68 29.63
N VAL D 500 -32.63 -2.68 28.78
CA VAL D 500 -31.54 -1.71 28.95
C VAL D 500 -32.05 -0.29 28.78
N TYR D 501 -32.90 -0.08 27.77
CA TYR D 501 -33.46 1.23 27.49
C TYR D 501 -34.92 1.35 27.87
N GLY D 502 -35.46 0.38 28.60
CA GLY D 502 -36.85 0.43 29.00
C GLY D 502 -37.85 0.03 27.95
N GLY D 503 -37.41 -0.71 26.93
CA GLY D 503 -38.33 -1.23 25.93
C GLY D 503 -39.03 -2.48 26.42
N LYS D 504 -39.56 -3.23 25.47
CA LYS D 504 -40.24 -4.48 25.78
C LYS D 504 -39.64 -5.60 24.94
N GLY D 505 -39.25 -6.69 25.60
CA GLY D 505 -38.71 -7.86 24.94
C GLY D 505 -39.69 -9.01 25.02
N TYR D 506 -39.62 -9.91 24.05
CA TYR D 506 -40.53 -11.04 23.97
C TYR D 506 -39.73 -12.31 23.70
N PHE D 507 -40.04 -13.36 24.43
CA PHE D 507 -39.48 -14.69 24.20
C PHE D 507 -40.58 -15.55 23.59
N VAL D 508 -40.33 -16.09 22.40
CA VAL D 508 -41.34 -16.81 21.64
C VAL D 508 -40.83 -18.23 21.38
N THR D 509 -41.65 -19.22 21.70
CA THR D 509 -41.31 -20.62 21.47
C THR D 509 -42.37 -21.42 20.74
N THR D 510 -43.62 -20.94 20.67
CA THR D 510 -44.69 -21.72 20.09
C THR D 510 -45.42 -20.89 19.03
N PRO D 511 -46.03 -21.56 18.04
CA PRO D 511 -46.71 -20.82 16.97
C PRO D 511 -47.87 -19.96 17.45
N ASP D 512 -48.57 -20.36 18.51
CA ASP D 512 -49.70 -19.56 18.98
C ASP D 512 -49.28 -18.23 19.55
N GLN D 513 -47.98 -18.03 19.81
CA GLN D 513 -47.49 -16.75 20.29
C GLN D 513 -47.13 -15.80 19.15
N LEU D 514 -46.83 -16.32 17.97
CA LEU D 514 -46.22 -15.51 16.92
C LEU D 514 -47.06 -14.30 16.58
N LYS D 515 -48.29 -14.51 16.12
CA LYS D 515 -49.10 -13.40 15.65
C LYS D 515 -49.44 -12.41 16.76
N PRO D 516 -49.86 -12.83 17.97
CA PRO D 516 -50.11 -11.83 19.01
C PRO D 516 -48.87 -11.07 19.48
N VAL D 517 -47.70 -11.73 19.54
CA VAL D 517 -46.50 -11.07 20.03
C VAL D 517 -46.00 -10.05 19.01
N LEU D 518 -45.90 -10.46 17.74
CA LEU D 518 -45.38 -9.56 16.72
C LEU D 518 -46.27 -8.34 16.54
N GLU D 519 -47.58 -8.49 16.75
CA GLU D 519 -48.48 -7.35 16.68
C GLU D 519 -48.18 -6.33 17.77
N GLU D 520 -48.11 -6.79 19.03
CA GLU D 520 -47.85 -5.87 20.14
C GLU D 520 -46.46 -5.27 20.07
N ALA D 521 -45.48 -6.02 19.56
CA ALA D 521 -44.11 -5.51 19.47
C ALA D 521 -44.00 -4.39 18.44
N MET D 522 -44.61 -4.57 17.28
CA MET D 522 -44.52 -3.56 16.23
C MET D 522 -45.24 -2.26 16.59
N ALA D 523 -46.20 -2.32 17.52
CA ALA D 523 -46.92 -1.13 17.95
C ALA D 523 -46.21 -0.35 19.04
N GLN D 524 -45.14 -0.90 19.60
CA GLN D 524 -44.49 -0.27 20.74
C GLN D 524 -43.89 1.09 20.36
N PRO D 525 -43.93 2.07 21.25
CA PRO D 525 -43.33 3.38 20.95
C PRO D 525 -41.82 3.39 21.04
N LYS D 526 -41.21 2.36 21.63
CA LYS D 526 -39.77 2.17 21.65
C LYS D 526 -39.42 0.82 21.03
N PRO D 527 -38.22 0.65 20.49
CA PRO D 527 -37.89 -0.58 19.76
C PRO D 527 -38.07 -1.82 20.61
N ALA D 528 -38.89 -2.74 20.12
CA ALA D 528 -39.06 -4.02 20.80
C ALA D 528 -38.10 -5.05 20.22
N ILE D 529 -37.75 -6.04 21.04
CA ILE D 529 -36.91 -7.15 20.63
C ILE D 529 -37.71 -8.43 20.79
N VAL D 530 -37.84 -9.18 19.70
CA VAL D 530 -38.60 -10.44 19.68
C VAL D 530 -37.62 -11.57 19.43
N ASN D 531 -37.45 -12.42 20.43
CA ASN D 531 -36.49 -13.53 20.40
C ASN D 531 -37.28 -14.82 20.12
N ILE D 532 -37.18 -15.33 18.90
CA ILE D 532 -37.97 -16.47 18.46
C ILE D 532 -37.06 -17.69 18.40
N MET D 533 -37.22 -18.60 19.35
CA MET D 533 -36.51 -19.86 19.29
C MET D 533 -37.01 -20.69 18.12
N ILE D 534 -36.08 -21.30 17.38
CA ILE D 534 -36.42 -22.22 16.30
C ILE D 534 -35.56 -23.46 16.41
N SER D 535 -35.97 -24.51 15.70
CA SER D 535 -35.25 -25.76 15.72
C SER D 535 -33.85 -25.57 15.15
N ASN D 536 -32.84 -26.16 15.82
CA ASN D 536 -31.49 -26.14 15.28
C ASN D 536 -31.29 -27.18 14.18
N LYS D 537 -32.32 -27.98 13.88
CA LYS D 537 -32.31 -28.86 12.71
C LYS D 537 -32.95 -28.21 11.49
N SER D 538 -33.60 -27.05 11.66
CA SER D 538 -34.31 -26.41 10.56
C SER D 538 -33.34 -25.89 9.50
N GLY D 539 -33.90 -25.56 8.34
CA GLY D 539 -33.11 -25.07 7.22
C GLY D 539 -32.57 -26.17 6.33
#